data_3ZHF
# 
_entry.id   3ZHF 
# 
_audit_conform.dict_name       mmcif_pdbx.dic 
_audit_conform.dict_version    5.399 
_audit_conform.dict_location   http://mmcif.pdb.org/dictionaries/ascii/mmcif_pdbx.dic 
# 
loop_
_database_2.database_id 
_database_2.database_code 
_database_2.pdbx_database_accession 
_database_2.pdbx_DOI 
PDB   3ZHF         pdb_00003zhf 10.2210/pdb3zhf/pdb 
PDBE  EBI-55218    ?            ?                   
WWPDB D_1290055218 ?            ?                   
# 
loop_
_pdbx_audit_revision_history.ordinal 
_pdbx_audit_revision_history.data_content_type 
_pdbx_audit_revision_history.major_revision 
_pdbx_audit_revision_history.minor_revision 
_pdbx_audit_revision_history.revision_date 
1  'Structure model' 1 0 2013-07-10 
2  'Structure model' 1 1 2013-07-17 
3  'Structure model' 1 2 2013-07-24 
4  'Structure model' 1 3 2013-07-31 
5  'Structure model' 1 4 2013-08-28 
6  'Structure model' 1 5 2015-07-01 
7  'Structure model' 1 6 2018-03-07 
8  'Structure model' 1 7 2019-10-23 
9  'Structure model' 1 8 2023-12-20 
10 'Structure model' 1 9 2024-11-20 
# 
_pdbx_audit_revision_details.ordinal             1 
_pdbx_audit_revision_details.revision_ordinal    1 
_pdbx_audit_revision_details.data_content_type   'Structure model' 
_pdbx_audit_revision_details.provider            repository 
_pdbx_audit_revision_details.type                'Initial release' 
_pdbx_audit_revision_details.description         ? 
_pdbx_audit_revision_details.details             ? 
# 
loop_
_pdbx_audit_revision_group.ordinal 
_pdbx_audit_revision_group.revision_ordinal 
_pdbx_audit_revision_group.data_content_type 
_pdbx_audit_revision_group.group 
1  2  'Structure model' 'Database references'    
2  2  'Structure model' 'Source and taxonomy'    
3  3  'Structure model' 'Database references'    
4  4  'Structure model' 'Source and taxonomy'    
5  5  'Structure model' 'Database references'    
6  6  'Structure model' 'Data collection'        
7  7  'Structure model' 'Data collection'        
8  7  'Structure model' 'Source and taxonomy'    
9  8  'Structure model' 'Data collection'        
10 8  'Structure model' 'Database references'    
11 8  'Structure model' 'Derived calculations'   
12 8  'Structure model' Other                    
13 9  'Structure model' 'Data collection'        
14 9  'Structure model' 'Database references'    
15 9  'Structure model' 'Derived calculations'   
16 9  'Structure model' 'Refinement description' 
17 10 'Structure model' 'Structure summary'      
# 
loop_
_pdbx_audit_revision_category.ordinal 
_pdbx_audit_revision_category.revision_ordinal 
_pdbx_audit_revision_category.data_content_type 
_pdbx_audit_revision_category.category 
1  7  'Structure model' diffrn_source                 
2  7  'Structure model' entity_src_gen                
3  8  'Structure model' pdbx_database_status          
4  8  'Structure model' struct_conn                   
5  8  'Structure model' struct_ref_seq_dif            
6  9  'Structure model' chem_comp_atom                
7  9  'Structure model' chem_comp_bond                
8  9  'Structure model' database_2                    
9  9  'Structure model' pdbx_initial_refinement_model 
10 9  'Structure model' struct_conn                   
11 9  'Structure model' struct_site                   
12 10 'Structure model' pdbx_entry_details            
13 10 'Structure model' pdbx_modification_feature     
# 
loop_
_pdbx_audit_revision_item.ordinal 
_pdbx_audit_revision_item.revision_ordinal 
_pdbx_audit_revision_item.data_content_type 
_pdbx_audit_revision_item.item 
1  7  'Structure model' '_diffrn_source.pdbx_synchrotron_site'          
2  7  'Structure model' '_entity_src_gen.pdbx_gene_src_scientific_name' 
3  7  'Structure model' '_entity_src_gen.pdbx_host_org_scientific_name' 
4  7  'Structure model' '_entity_src_gen.pdbx_host_org_strain'          
5  8  'Structure model' '_pdbx_database_status.status_code_sf'          
6  8  'Structure model' '_struct_conn.pdbx_leaving_atom_flag'           
7  8  'Structure model' '_struct_ref_seq_dif.details'                   
8  9  'Structure model' '_database_2.pdbx_DOI'                          
9  9  'Structure model' '_database_2.pdbx_database_accession'           
10 9  'Structure model' '_struct_conn.ptnr1_auth_comp_id'               
11 9  'Structure model' '_struct_conn.ptnr1_auth_seq_id'                
12 9  'Structure model' '_struct_conn.ptnr1_label_atom_id'              
13 9  'Structure model' '_struct_conn.ptnr1_label_comp_id'              
14 9  'Structure model' '_struct_conn.ptnr1_label_seq_id'               
15 9  'Structure model' '_struct_conn.ptnr2_auth_comp_id'               
16 9  'Structure model' '_struct_conn.ptnr2_auth_seq_id'                
17 9  'Structure model' '_struct_conn.ptnr2_label_atom_id'              
18 9  'Structure model' '_struct_conn.ptnr2_label_comp_id'              
19 9  'Structure model' '_struct_conn.ptnr2_label_seq_id'               
20 9  'Structure model' '_struct_site.pdbx_auth_asym_id'                
21 9  'Structure model' '_struct_site.pdbx_auth_comp_id'                
22 9  'Structure model' '_struct_site.pdbx_auth_seq_id'                 
23 10 'Structure model' '_pdbx_entry_details.has_protein_modification'  
# 
_database_PDB_caveat.id     1 
_database_PDB_caveat.text   
;CHAIN B LOW AFFINITY MEANS LOW CONFIDENCE IN MODEL. RESIDUES PHE B6 AND TRP B4 WERE REMODELLED MORE CONFIDENTLY THAN OTHER RESIDUES IN CHAIN B.
;
# 
_pdbx_database_status.status_code                     REL 
_pdbx_database_status.entry_id                        3ZHF 
_pdbx_database_status.deposit_site                    PDBE 
_pdbx_database_status.process_site                    PDBE 
_pdbx_database_status.SG_entry                        . 
_pdbx_database_status.recvd_initial_deposition_date   2012-12-21 
_pdbx_database_status.pdb_format_compatible           Y 
_pdbx_database_status.status_code_sf                  REL 
_pdbx_database_status.status_code_mr                  ? 
_pdbx_database_status.status_code_cs                  ? 
_pdbx_database_status.methods_development_category    ? 
_pdbx_database_status.status_code_nmr_data            ? 
# 
loop_
_audit_author.name 
_audit_author.pdbx_ordinal 
'Juergens, M.C.' 1  
'Voros, J.'      2  
'Rautureau, G.'  3  
'Shepherd, D.'   4  
'Pye, V.E.'      5  
'Muldoon, J.'    6  
'Johnson, C.M.'  7  
'Ashcroft, A.'   8  
'Freund, S.M.V.' 9  
'Ferguson, N.'   10 
# 
_citation.id                        primary 
_citation.title                     'The Hepatitis B Virus Pres1 Domain Hijacks Host Trafficking Proteins by Motif Mimicry.' 
_citation.journal_abbrev            Nat.Chem.Biol. 
_citation.journal_volume            9 
_citation.page_first                540 
_citation.page_last                 ? 
_citation.year                      2013 
_citation.journal_id_ASTM           ? 
_citation.country                   US 
_citation.journal_id_ISSN           1552-4450 
_citation.journal_id_CSD            ? 
_citation.book_publisher            ? 
_citation.pdbx_database_id_PubMed   23851574 
_citation.pdbx_database_id_DOI      10.1038/NCHEMBIO.1294 
# 
loop_
_citation_author.citation_id 
_citation_author.name 
_citation_author.ordinal 
_citation_author.identifier_ORCID 
primary 'Jurgens, M.C.'     1  ? 
primary 'Voros, J.'         2  ? 
primary 'Rautureau, G.J.P.' 3  ? 
primary 'Shepherd, D.A.'    4  ? 
primary 'Pye, V.E.'         5  ? 
primary 'Muldoon, J.'       6  ? 
primary 'Johnson, C.M.'     7  ? 
primary 'Ashcroft, A.E.'    8  ? 
primary 'Freund, S.M.V.'    9  ? 
primary 'Ferguson, N.'      10 ? 
# 
loop_
_entity.id 
_entity.type 
_entity.src_method 
_entity.pdbx_description 
_entity.formula_weight 
_entity.pdbx_number_of_molecules 
_entity.pdbx_ec 
_entity.pdbx_mutation 
_entity.pdbx_fragment 
_entity.details 
1 polymer     man 'AP-1 COMPLEX SUBUNIT GAMMA-LIKE 2' 13762.746 1  ? ? 'EAR DOMAIN, RESIDUES 665-785' ? 
2 polymer     syn 'LARGE ENVELOPE PROTEIN'            930.940   1  ? ? 'PRES1 DOMAIN, RESIDUES 85-91' 
'AMIDATED C-TERMINUS, CARBOXYLATED N-TERMINUS' 
3 non-polymer syn 'DI(HYDROXYETHYL)ETHER'             106.120   1  ? ? ?                              ? 
4 non-polymer syn 1,2-ETHANEDIOL                      62.068    1  ? ? ?                              ? 
5 water       nat water                               18.015    84 ? ? ?                              ? 
# 
loop_
_entity_name_com.entity_id 
_entity_name_com.name 
1 'GAMMA2-ADAPTIN, G2AD' 
2 'HBV L PROTEIN'        
# 
loop_
_entity_poly.entity_id 
_entity_poly.type 
_entity_poly.nstd_linkage 
_entity_poly.nstd_monomer 
_entity_poly.pdbx_seq_one_letter_code 
_entity_poly.pdbx_seq_one_letter_code_can 
_entity_poly.pdbx_strand_id 
_entity_poly.pdbx_target_identifier 
1 'polypeptide(L)' no no  
;GGSAPIPDLKVFEREGVQLNLSFIRPPENPALLLITITATNFSEGDVTHFICQAAVPKSLQLQLQAPSGNTVPARGGLPI
TQLFRILNPNKAPLRLKLRLTYDHFHQSVQEIFEVNNLPVESWQ
;
;GGSAPIPDLKVFEREGVQLNLSFIRPPENPALLLITITATNFSEGDVTHFICQAAVPKSLQLQLQAPSGNTVPARGGLPI
TQLFRILNPNKAPLRLKLRLTYDHFHQSVQEIFEVNNLPVESWQ
;
A ? 
2 'polypeptide(L)' no yes '(ACE)NPDWDFN(NH2)' XNPDWDFNX B ? 
# 
loop_
_pdbx_entity_nonpoly.entity_id 
_pdbx_entity_nonpoly.name 
_pdbx_entity_nonpoly.comp_id 
3 'DI(HYDROXYETHYL)ETHER' PEG 
4 1,2-ETHANEDIOL          EDO 
5 water                   HOH 
# 
loop_
_entity_poly_seq.entity_id 
_entity_poly_seq.num 
_entity_poly_seq.mon_id 
_entity_poly_seq.hetero 
1 1   GLY n 
1 2   GLY n 
1 3   SER n 
1 4   ALA n 
1 5   PRO n 
1 6   ILE n 
1 7   PRO n 
1 8   ASP n 
1 9   LEU n 
1 10  LYS n 
1 11  VAL n 
1 12  PHE n 
1 13  GLU n 
1 14  ARG n 
1 15  GLU n 
1 16  GLY n 
1 17  VAL n 
1 18  GLN n 
1 19  LEU n 
1 20  ASN n 
1 21  LEU n 
1 22  SER n 
1 23  PHE n 
1 24  ILE n 
1 25  ARG n 
1 26  PRO n 
1 27  PRO n 
1 28  GLU n 
1 29  ASN n 
1 30  PRO n 
1 31  ALA n 
1 32  LEU n 
1 33  LEU n 
1 34  LEU n 
1 35  ILE n 
1 36  THR n 
1 37  ILE n 
1 38  THR n 
1 39  ALA n 
1 40  THR n 
1 41  ASN n 
1 42  PHE n 
1 43  SER n 
1 44  GLU n 
1 45  GLY n 
1 46  ASP n 
1 47  VAL n 
1 48  THR n 
1 49  HIS n 
1 50  PHE n 
1 51  ILE n 
1 52  CYS n 
1 53  GLN n 
1 54  ALA n 
1 55  ALA n 
1 56  VAL n 
1 57  PRO n 
1 58  LYS n 
1 59  SER n 
1 60  LEU n 
1 61  GLN n 
1 62  LEU n 
1 63  GLN n 
1 64  LEU n 
1 65  GLN n 
1 66  ALA n 
1 67  PRO n 
1 68  SER n 
1 69  GLY n 
1 70  ASN n 
1 71  THR n 
1 72  VAL n 
1 73  PRO n 
1 74  ALA n 
1 75  ARG n 
1 76  GLY n 
1 77  GLY n 
1 78  LEU n 
1 79  PRO n 
1 80  ILE n 
1 81  THR n 
1 82  GLN n 
1 83  LEU n 
1 84  PHE n 
1 85  ARG n 
1 86  ILE n 
1 87  LEU n 
1 88  ASN n 
1 89  PRO n 
1 90  ASN n 
1 91  LYS n 
1 92  ALA n 
1 93  PRO n 
1 94  LEU n 
1 95  ARG n 
1 96  LEU n 
1 97  LYS n 
1 98  LEU n 
1 99  ARG n 
1 100 LEU n 
1 101 THR n 
1 102 TYR n 
1 103 ASP n 
1 104 HIS n 
1 105 PHE n 
1 106 HIS n 
1 107 GLN n 
1 108 SER n 
1 109 VAL n 
1 110 GLN n 
1 111 GLU n 
1 112 ILE n 
1 113 PHE n 
1 114 GLU n 
1 115 VAL n 
1 116 ASN n 
1 117 ASN n 
1 118 LEU n 
1 119 PRO n 
1 120 VAL n 
1 121 GLU n 
1 122 SER n 
1 123 TRP n 
1 124 GLN n 
2 1   ACE n 
2 2   ASN n 
2 3   PRO n 
2 4   ASP n 
2 5   TRP n 
2 6   ASP n 
2 7   PHE n 
2 8   ASN n 
2 9   NH2 n 
# 
_entity_src_gen.entity_id                          1 
_entity_src_gen.pdbx_src_id                        1 
_entity_src_gen.pdbx_alt_source_flag               sample 
_entity_src_gen.pdbx_seq_type                      ? 
_entity_src_gen.pdbx_beg_seq_num                   ? 
_entity_src_gen.pdbx_end_seq_num                   ? 
_entity_src_gen.gene_src_common_name               HUMAN 
_entity_src_gen.gene_src_genus                     ? 
_entity_src_gen.pdbx_gene_src_gene                 ? 
_entity_src_gen.gene_src_species                   ? 
_entity_src_gen.gene_src_strain                    ? 
_entity_src_gen.gene_src_tissue                    ? 
_entity_src_gen.gene_src_tissue_fraction           ? 
_entity_src_gen.gene_src_details                   ? 
_entity_src_gen.pdbx_gene_src_fragment             ? 
_entity_src_gen.pdbx_gene_src_scientific_name      'Homo sapiens' 
_entity_src_gen.pdbx_gene_src_ncbi_taxonomy_id     9606 
_entity_src_gen.pdbx_gene_src_variant              ? 
_entity_src_gen.pdbx_gene_src_cell_line            ? 
_entity_src_gen.pdbx_gene_src_atcc                 ? 
_entity_src_gen.pdbx_gene_src_organ                ? 
_entity_src_gen.pdbx_gene_src_organelle            ? 
_entity_src_gen.pdbx_gene_src_cell                 ? 
_entity_src_gen.pdbx_gene_src_cellular_location    ? 
_entity_src_gen.host_org_common_name               ? 
_entity_src_gen.pdbx_host_org_scientific_name      'Escherichia coli BL21(DE3)' 
_entity_src_gen.pdbx_host_org_ncbi_taxonomy_id     469008 
_entity_src_gen.host_org_genus                     ? 
_entity_src_gen.pdbx_host_org_gene                 ? 
_entity_src_gen.pdbx_host_org_organ                ? 
_entity_src_gen.host_org_species                   ? 
_entity_src_gen.pdbx_host_org_tissue               ? 
_entity_src_gen.pdbx_host_org_tissue_fraction      ? 
_entity_src_gen.pdbx_host_org_strain               ? 
_entity_src_gen.pdbx_host_org_variant              C41 
_entity_src_gen.pdbx_host_org_cell_line            ? 
_entity_src_gen.pdbx_host_org_atcc                 ? 
_entity_src_gen.pdbx_host_org_culture_collection   ? 
_entity_src_gen.pdbx_host_org_cell                 ? 
_entity_src_gen.pdbx_host_org_organelle            ? 
_entity_src_gen.pdbx_host_org_cellular_location    ? 
_entity_src_gen.pdbx_host_org_vector_type          PLASMID 
_entity_src_gen.pdbx_host_org_vector               'MODIFIED PRSETA' 
_entity_src_gen.host_org_details                   ? 
_entity_src_gen.expression_system_id               ? 
_entity_src_gen.plasmid_name                       ? 
_entity_src_gen.plasmid_details                    ? 
_entity_src_gen.pdbx_description                   ? 
# 
_pdbx_entity_src_syn.entity_id              2 
_pdbx_entity_src_syn.pdbx_src_id            1 
_pdbx_entity_src_syn.pdbx_alt_source_flag   sample 
_pdbx_entity_src_syn.pdbx_beg_seq_num       ? 
_pdbx_entity_src_syn.pdbx_end_seq_num       ? 
_pdbx_entity_src_syn.organism_scientific    'HEPATITIS B VIRUS' 
_pdbx_entity_src_syn.organism_common_name   ? 
_pdbx_entity_src_syn.ncbi_taxonomy_id       10407 
_pdbx_entity_src_syn.details                ? 
# 
loop_
_chem_comp.id 
_chem_comp.type 
_chem_comp.mon_nstd_flag 
_chem_comp.name 
_chem_comp.pdbx_synonyms 
_chem_comp.formula 
_chem_comp.formula_weight 
ACE non-polymer         . 'ACETYL GROUP'          ?                 'C2 H4 O'        44.053  
ALA 'L-peptide linking' y ALANINE                 ?                 'C3 H7 N O2'     89.093  
ARG 'L-peptide linking' y ARGININE                ?                 'C6 H15 N4 O2 1' 175.209 
ASN 'L-peptide linking' y ASPARAGINE              ?                 'C4 H8 N2 O3'    132.118 
ASP 'L-peptide linking' y 'ASPARTIC ACID'         ?                 'C4 H7 N O4'     133.103 
CYS 'L-peptide linking' y CYSTEINE                ?                 'C3 H7 N O2 S'   121.158 
EDO non-polymer         . 1,2-ETHANEDIOL          'ETHYLENE GLYCOL' 'C2 H6 O2'       62.068  
GLN 'L-peptide linking' y GLUTAMINE               ?                 'C5 H10 N2 O3'   146.144 
GLU 'L-peptide linking' y 'GLUTAMIC ACID'         ?                 'C5 H9 N O4'     147.129 
GLY 'peptide linking'   y GLYCINE                 ?                 'C2 H5 N O2'     75.067  
HIS 'L-peptide linking' y HISTIDINE               ?                 'C6 H10 N3 O2 1' 156.162 
HOH non-polymer         . WATER                   ?                 'H2 O'           18.015  
ILE 'L-peptide linking' y ISOLEUCINE              ?                 'C6 H13 N O2'    131.173 
LEU 'L-peptide linking' y LEUCINE                 ?                 'C6 H13 N O2'    131.173 
LYS 'L-peptide linking' y LYSINE                  ?                 'C6 H15 N2 O2 1' 147.195 
NH2 non-polymer         . 'AMINO GROUP'           ?                 'H2 N'           16.023  
PEG non-polymer         . 'DI(HYDROXYETHYL)ETHER' ?                 'C4 H10 O3'      106.120 
PHE 'L-peptide linking' y PHENYLALANINE           ?                 'C9 H11 N O2'    165.189 
PRO 'L-peptide linking' y PROLINE                 ?                 'C5 H9 N O2'     115.130 
SER 'L-peptide linking' y SERINE                  ?                 'C3 H7 N O3'     105.093 
THR 'L-peptide linking' y THREONINE               ?                 'C4 H9 N O3'     119.119 
TRP 'L-peptide linking' y TRYPTOPHAN              ?                 'C11 H12 N2 O2'  204.225 
TYR 'L-peptide linking' y TYROSINE                ?                 'C9 H11 N O3'    181.189 
VAL 'L-peptide linking' y VALINE                  ?                 'C5 H11 N O2'    117.146 
# 
loop_
_pdbx_poly_seq_scheme.asym_id 
_pdbx_poly_seq_scheme.entity_id 
_pdbx_poly_seq_scheme.seq_id 
_pdbx_poly_seq_scheme.mon_id 
_pdbx_poly_seq_scheme.ndb_seq_num 
_pdbx_poly_seq_scheme.pdb_seq_num 
_pdbx_poly_seq_scheme.auth_seq_num 
_pdbx_poly_seq_scheme.pdb_mon_id 
_pdbx_poly_seq_scheme.auth_mon_id 
_pdbx_poly_seq_scheme.pdb_strand_id 
_pdbx_poly_seq_scheme.pdb_ins_code 
_pdbx_poly_seq_scheme.hetero 
A 1 1   GLY 1   662 ?   ?   ?   A . n 
A 1 2   GLY 2   663 663 GLY GLY A . n 
A 1 3   SER 3   664 664 SER SER A . n 
A 1 4   ALA 4   665 665 ALA ALA A . n 
A 1 5   PRO 5   666 666 PRO PRO A . n 
A 1 6   ILE 6   667 667 ILE ILE A . n 
A 1 7   PRO 7   668 668 PRO PRO A . n 
A 1 8   ASP 8   669 669 ASP ASP A . n 
A 1 9   LEU 9   670 670 LEU LEU A . n 
A 1 10  LYS 10  671 671 LYS LYS A . n 
A 1 11  VAL 11  672 672 VAL VAL A . n 
A 1 12  PHE 12  673 673 PHE PHE A . n 
A 1 13  GLU 13  674 674 GLU GLU A . n 
A 1 14  ARG 14  675 675 ARG ARG A . n 
A 1 15  GLU 15  676 676 GLU GLU A . n 
A 1 16  GLY 16  677 677 GLY GLY A . n 
A 1 17  VAL 17  678 678 VAL VAL A . n 
A 1 18  GLN 18  679 679 GLN GLN A . n 
A 1 19  LEU 19  680 680 LEU LEU A . n 
A 1 20  ASN 20  681 681 ASN ASN A . n 
A 1 21  LEU 21  682 682 LEU LEU A . n 
A 1 22  SER 22  683 683 SER SER A . n 
A 1 23  PHE 23  684 684 PHE PHE A . n 
A 1 24  ILE 24  685 685 ILE ILE A . n 
A 1 25  ARG 25  686 686 ARG ARG A . n 
A 1 26  PRO 26  687 687 PRO PRO A . n 
A 1 27  PRO 27  688 688 PRO PRO A . n 
A 1 28  GLU 28  689 689 GLU GLU A . n 
A 1 29  ASN 29  690 690 ASN ASN A . n 
A 1 30  PRO 30  691 691 PRO PRO A . n 
A 1 31  ALA 31  692 692 ALA ALA A . n 
A 1 32  LEU 32  693 693 LEU LEU A . n 
A 1 33  LEU 33  694 694 LEU LEU A . n 
A 1 34  LEU 34  695 695 LEU LEU A . n 
A 1 35  ILE 35  696 696 ILE ILE A . n 
A 1 36  THR 36  697 697 THR THR A . n 
A 1 37  ILE 37  698 698 ILE ILE A . n 
A 1 38  THR 38  699 699 THR THR A . n 
A 1 39  ALA 39  700 700 ALA ALA A . n 
A 1 40  THR 40  701 701 THR THR A . n 
A 1 41  ASN 41  702 702 ASN ASN A . n 
A 1 42  PHE 42  703 703 PHE PHE A . n 
A 1 43  SER 43  704 704 SER SER A . n 
A 1 44  GLU 44  705 705 GLU GLU A . n 
A 1 45  GLY 45  706 706 GLY GLY A . n 
A 1 46  ASP 46  707 707 ASP ASP A . n 
A 1 47  VAL 47  708 708 VAL VAL A . n 
A 1 48  THR 48  709 709 THR THR A . n 
A 1 49  HIS 49  710 710 HIS HIS A . n 
A 1 50  PHE 50  711 711 PHE PHE A . n 
A 1 51  ILE 51  712 712 ILE ILE A . n 
A 1 52  CYS 52  713 713 CYS CYS A . n 
A 1 53  GLN 53  714 714 GLN GLN A . n 
A 1 54  ALA 54  715 715 ALA ALA A . n 
A 1 55  ALA 55  716 716 ALA ALA A . n 
A 1 56  VAL 56  717 717 VAL VAL A . n 
A 1 57  PRO 57  718 718 PRO PRO A . n 
A 1 58  LYS 58  719 719 LYS LYS A . n 
A 1 59  SER 59  720 720 SER SER A . n 
A 1 60  LEU 60  721 721 LEU LEU A . n 
A 1 61  GLN 61  722 722 GLN GLN A . n 
A 1 62  LEU 62  723 723 LEU LEU A . n 
A 1 63  GLN 63  724 724 GLN GLN A . n 
A 1 64  LEU 64  725 725 LEU LEU A . n 
A 1 65  GLN 65  726 726 GLN GLN A . n 
A 1 66  ALA 66  727 727 ALA ALA A . n 
A 1 67  PRO 67  728 728 PRO PRO A . n 
A 1 68  SER 68  729 729 SER SER A . n 
A 1 69  GLY 69  730 730 GLY GLY A . n 
A 1 70  ASN 70  731 731 ASN ASN A . n 
A 1 71  THR 71  732 732 THR THR A . n 
A 1 72  VAL 72  733 733 VAL VAL A . n 
A 1 73  PRO 73  734 734 PRO PRO A . n 
A 1 74  ALA 74  735 735 ALA ALA A . n 
A 1 75  ARG 75  736 736 ARG ARG A . n 
A 1 76  GLY 76  737 737 GLY GLY A . n 
A 1 77  GLY 77  738 738 GLY GLY A . n 
A 1 78  LEU 78  739 739 LEU LEU A . n 
A 1 79  PRO 79  740 740 PRO PRO A . n 
A 1 80  ILE 80  741 741 ILE ILE A . n 
A 1 81  THR 81  742 742 THR THR A . n 
A 1 82  GLN 82  743 743 GLN GLN A . n 
A 1 83  LEU 83  744 744 LEU LEU A . n 
A 1 84  PHE 84  745 745 PHE PHE A . n 
A 1 85  ARG 85  746 746 ARG ARG A . n 
A 1 86  ILE 86  747 747 ILE ILE A . n 
A 1 87  LEU 87  748 748 LEU LEU A . n 
A 1 88  ASN 88  749 749 ASN ASN A . n 
A 1 89  PRO 89  750 750 PRO PRO A . n 
A 1 90  ASN 90  751 751 ASN ASN A . n 
A 1 91  LYS 91  752 752 LYS LYS A . n 
A 1 92  ALA 92  753 753 ALA ALA A . n 
A 1 93  PRO 93  754 754 PRO PRO A . n 
A 1 94  LEU 94  755 755 LEU LEU A . n 
A 1 95  ARG 95  756 756 ARG ARG A . n 
A 1 96  LEU 96  757 757 LEU LEU A . n 
A 1 97  LYS 97  758 758 LYS LYS A . n 
A 1 98  LEU 98  759 759 LEU LEU A . n 
A 1 99  ARG 99  760 760 ARG ARG A . n 
A 1 100 LEU 100 761 761 LEU LEU A . n 
A 1 101 THR 101 762 762 THR THR A . n 
A 1 102 TYR 102 763 763 TYR TYR A . n 
A 1 103 ASP 103 764 764 ASP ASP A . n 
A 1 104 HIS 104 765 765 HIS HIS A . n 
A 1 105 PHE 105 766 766 PHE PHE A . n 
A 1 106 HIS 106 767 767 HIS HIS A . n 
A 1 107 GLN 107 768 768 GLN GLN A . n 
A 1 108 SER 108 769 769 SER SER A . n 
A 1 109 VAL 109 770 770 VAL VAL A . n 
A 1 110 GLN 110 771 771 GLN GLN A . n 
A 1 111 GLU 111 772 772 GLU GLU A . n 
A 1 112 ILE 112 773 773 ILE ILE A . n 
A 1 113 PHE 113 774 774 PHE PHE A . n 
A 1 114 GLU 114 775 775 GLU GLU A . n 
A 1 115 VAL 115 776 776 VAL VAL A . n 
A 1 116 ASN 116 777 777 ASN ASN A . n 
A 1 117 ASN 117 778 778 ASN ASN A . n 
A 1 118 LEU 118 779 779 LEU LEU A . n 
A 1 119 PRO 119 780 780 PRO PRO A . n 
A 1 120 VAL 120 781 781 VAL VAL A . n 
A 1 121 GLU 121 782 782 GLU GLU A . n 
A 1 122 SER 122 783 783 SER SER A . n 
A 1 123 TRP 123 784 784 TRP TRP A . n 
A 1 124 GLN 124 785 785 GLN GLN A . n 
B 2 1   ACE 1   0   ?   ?   ?   B . n 
B 2 2   ASN 2   1   ?   ?   ?   B . n 
B 2 3   PRO 3   2   2   PRO PRO B . n 
B 2 4   ASP 4   3   3   ASP ASP B . n 
B 2 5   TRP 5   4   4   TRP TRP B . n 
B 2 6   ASP 6   5   5   ASP ASP B . n 
B 2 7   PHE 7   6   6   PHE PHE B . n 
B 2 8   ASN 8   7   7   ASN ASN B . n 
B 2 9   NH2 9   8   8   NH2 NH2 B . n 
# 
loop_
_pdbx_nonpoly_scheme.asym_id 
_pdbx_nonpoly_scheme.entity_id 
_pdbx_nonpoly_scheme.mon_id 
_pdbx_nonpoly_scheme.ndb_seq_num 
_pdbx_nonpoly_scheme.pdb_seq_num 
_pdbx_nonpoly_scheme.auth_seq_num 
_pdbx_nonpoly_scheme.pdb_mon_id 
_pdbx_nonpoly_scheme.auth_mon_id 
_pdbx_nonpoly_scheme.pdb_strand_id 
_pdbx_nonpoly_scheme.pdb_ins_code 
C 3 PEG 1  1786 1786 PEG PEG A . 
D 4 EDO 1  1787 1787 EDO EDO A . 
E 5 HOH 1  2001 2001 HOH HOH A . 
E 5 HOH 2  2002 2002 HOH HOH A . 
E 5 HOH 3  2003 2003 HOH HOH A . 
E 5 HOH 4  2004 2004 HOH HOH A . 
E 5 HOH 5  2005 2005 HOH HOH A . 
E 5 HOH 6  2006 2006 HOH HOH A . 
E 5 HOH 7  2007 2007 HOH HOH A . 
E 5 HOH 8  2008 2008 HOH HOH A . 
E 5 HOH 9  2009 2009 HOH HOH A . 
E 5 HOH 10 2010 2010 HOH HOH A . 
E 5 HOH 11 2011 2011 HOH HOH A . 
E 5 HOH 12 2012 2012 HOH HOH A . 
E 5 HOH 13 2013 2013 HOH HOH A . 
E 5 HOH 14 2014 2014 HOH HOH A . 
E 5 HOH 15 2015 2015 HOH HOH A . 
E 5 HOH 16 2016 2016 HOH HOH A . 
E 5 HOH 17 2017 2017 HOH HOH A . 
E 5 HOH 18 2018 2018 HOH HOH A . 
E 5 HOH 19 2019 2019 HOH HOH A . 
E 5 HOH 20 2020 2020 HOH HOH A . 
E 5 HOH 21 2021 2021 HOH HOH A . 
E 5 HOH 22 2022 2022 HOH HOH A . 
E 5 HOH 23 2023 2023 HOH HOH A . 
E 5 HOH 24 2024 2024 HOH HOH A . 
E 5 HOH 25 2025 2025 HOH HOH A . 
E 5 HOH 26 2026 2026 HOH HOH A . 
E 5 HOH 27 2027 2027 HOH HOH A . 
E 5 HOH 28 2028 2028 HOH HOH A . 
E 5 HOH 29 2029 2029 HOH HOH A . 
E 5 HOH 30 2030 2030 HOH HOH A . 
E 5 HOH 31 2031 2031 HOH HOH A . 
E 5 HOH 32 2032 2032 HOH HOH A . 
E 5 HOH 33 2033 2033 HOH HOH A . 
E 5 HOH 34 2034 2034 HOH HOH A . 
E 5 HOH 35 2035 2035 HOH HOH A . 
E 5 HOH 36 2036 2036 HOH HOH A . 
E 5 HOH 37 2037 2037 HOH HOH A . 
E 5 HOH 38 2038 2038 HOH HOH A . 
E 5 HOH 39 2039 2039 HOH HOH A . 
E 5 HOH 40 2040 2040 HOH HOH A . 
E 5 HOH 41 2041 2041 HOH HOH A . 
E 5 HOH 42 2042 2042 HOH HOH A . 
E 5 HOH 43 2043 2043 HOH HOH A . 
E 5 HOH 44 2044 2044 HOH HOH A . 
E 5 HOH 45 2045 2045 HOH HOH A . 
E 5 HOH 46 2046 2046 HOH HOH A . 
E 5 HOH 47 2047 2047 HOH HOH A . 
E 5 HOH 48 2048 2048 HOH HOH A . 
E 5 HOH 49 2049 2049 HOH HOH A . 
E 5 HOH 50 2050 2050 HOH HOH A . 
E 5 HOH 51 2051 2051 HOH HOH A . 
E 5 HOH 52 2052 2052 HOH HOH A . 
E 5 HOH 53 2053 2053 HOH HOH A . 
E 5 HOH 54 2054 2054 HOH HOH A . 
E 5 HOH 55 2055 2055 HOH HOH A . 
E 5 HOH 56 2056 2056 HOH HOH A . 
E 5 HOH 57 2057 2057 HOH HOH A . 
E 5 HOH 58 2058 2058 HOH HOH A . 
E 5 HOH 59 2059 2059 HOH HOH A . 
E 5 HOH 60 2060 2060 HOH HOH A . 
E 5 HOH 61 2061 2061 HOH HOH A . 
E 5 HOH 62 2062 2062 HOH HOH A . 
E 5 HOH 63 2063 2063 HOH HOH A . 
E 5 HOH 64 2064 2064 HOH HOH A . 
E 5 HOH 65 2065 2065 HOH HOH A . 
E 5 HOH 66 2066 2066 HOH HOH A . 
E 5 HOH 67 2067 2067 HOH HOH A . 
E 5 HOH 68 2068 2068 HOH HOH A . 
E 5 HOH 69 2069 2069 HOH HOH A . 
E 5 HOH 70 2070 2070 HOH HOH A . 
E 5 HOH 71 2071 2071 HOH HOH A . 
E 5 HOH 72 2072 2072 HOH HOH A . 
E 5 HOH 73 2073 2073 HOH HOH A . 
E 5 HOH 74 2074 2074 HOH HOH A . 
E 5 HOH 75 2075 2075 HOH HOH A . 
E 5 HOH 76 2076 2076 HOH HOH A . 
E 5 HOH 77 2077 2077 HOH HOH A . 
E 5 HOH 78 2078 2078 HOH HOH A . 
E 5 HOH 79 2079 2079 HOH HOH A . 
E 5 HOH 80 2080 2080 HOH HOH A . 
E 5 HOH 81 2081 2081 HOH HOH A . 
E 5 HOH 82 2082 2082 HOH HOH A . 
E 5 HOH 83 2083 2083 HOH HOH A . 
E 5 HOH 84 2084 2084 HOH HOH A . 
# 
loop_
_software.name 
_software.classification 
_software.version 
_software.citation_id 
_software.pdbx_ordinal 
PHENIX refinement       '(PHENIX.REFINE: 1.8_1069)' ? 1 
XDS    'data reduction' .                           ? 2 
SCALA  'data scaling'   .                           ? 3 
DIMPLE phasing          .                           ? 4 
# 
_cell.entry_id           3ZHF 
_cell.length_a           34.841 
_cell.length_b           37.457 
_cell.length_c           105.484 
_cell.angle_alpha        90.00 
_cell.angle_beta         90.00 
_cell.angle_gamma        90.00 
_cell.Z_PDB              4 
_cell.pdbx_unique_axis   ? 
# 
_symmetry.entry_id                         3ZHF 
_symmetry.space_group_name_H-M             'P 21 21 21' 
_symmetry.pdbx_full_space_group_name_H-M   ? 
_symmetry.cell_setting                     ? 
_symmetry.Int_Tables_number                19 
# 
_exptl.entry_id          3ZHF 
_exptl.method            'X-RAY DIFFRACTION' 
_exptl.crystals_number   1 
# 
_exptl_crystal.id                    1 
_exptl_crystal.density_meas          ? 
_exptl_crystal.density_Matthews      2.51 
_exptl_crystal.density_percent_sol   51.07 
_exptl_crystal.description           NONE 
# 
_exptl_crystal_grow.crystal_id      1 
_exptl_crystal_grow.method          ? 
_exptl_crystal_grow.temp            ? 
_exptl_crystal_grow.temp_details    ? 
_exptl_crystal_grow.pH              6.5 
_exptl_crystal_grow.pdbx_pH_range   ? 
_exptl_crystal_grow.pdbx_details    
;100 MM MES/IMIDAZOLE PH 6.5, 0.02 M 1,6-HEXANEDIOL, 0.02 M 1-BUTANOL, 0.02 M (RS)-1, 2-PROPANEDIOL, 0.02 M 2-PROPANOL, 0.02 M 1,4-BUTANEDIOL, 0.02 M 1,3-PROPANEDIOL, 10% (W/V) PEG 20000 AND 24% (V/V) PEG400 (USING A 2:1 RATIO OF PROTEIN TO MOTHER LIQUOR), PEPTIDE WAS AT ABOUT 50 FOLD MOLAR EXCESS
;
# 
_diffrn.id                     1 
_diffrn.ambient_temp           93 
_diffrn.ambient_temp_details   ? 
_diffrn.crystal_id             1 
# 
_diffrn_detector.diffrn_id              1 
_diffrn_detector.detector               PIXEL 
_diffrn_detector.type                   'DECTRIS PILATUS 6M' 
_diffrn_detector.pdbx_collection_date   2012-11-20 
_diffrn_detector.details                ? 
# 
_diffrn_radiation.diffrn_id                        1 
_diffrn_radiation.wavelength_id                    1 
_diffrn_radiation.pdbx_monochromatic_or_laue_m_l   M 
_diffrn_radiation.monochromator                    ? 
_diffrn_radiation.pdbx_diffrn_protocol             'SINGLE WAVELENGTH' 
_diffrn_radiation.pdbx_scattering_type             x-ray 
# 
_diffrn_radiation_wavelength.id           1 
_diffrn_radiation_wavelength.wavelength   1.2395 
_diffrn_radiation_wavelength.wt           1.0 
# 
_diffrn_source.diffrn_id                   1 
_diffrn_source.source                      SYNCHROTRON 
_diffrn_source.type                        'PETRA III, EMBL c/o DESY BEAMLINE P14 (MX2)' 
_diffrn_source.pdbx_synchrotron_site       'PETRA III, EMBL c/o DESY' 
_diffrn_source.pdbx_synchrotron_beamline   'P14 (MX2)' 
_diffrn_source.pdbx_wavelength             1.2395 
_diffrn_source.pdbx_wavelength_list        ? 
# 
_reflns.pdbx_diffrn_id               1 
_reflns.pdbx_ordinal                 1 
_reflns.entry_id                     3ZHF 
_reflns.observed_criterion_sigma_I   2.7 
_reflns.observed_criterion_sigma_F   ? 
_reflns.d_resolution_low             37.46 
_reflns.d_resolution_high            1.70 
_reflns.number_obs                   15669 
_reflns.number_all                   ? 
_reflns.percent_possible_obs         98.8 
_reflns.pdbx_Rmerge_I_obs            0.05 
_reflns.pdbx_Rsym_value              ? 
_reflns.pdbx_netI_over_sigmaI        17.30 
_reflns.B_iso_Wilson_estimate        20.34 
_reflns.pdbx_redundancy              4.1 
# 
_reflns_shell.pdbx_diffrn_id         1 
_reflns_shell.pdbx_ordinal           1 
_reflns_shell.d_res_high             1.70 
_reflns_shell.d_res_low              1.79 
_reflns_shell.percent_possible_all   99.1 
_reflns_shell.Rmerge_I_obs           0.42 
_reflns_shell.pdbx_Rsym_value        ? 
_reflns_shell.meanI_over_sigI_obs    2.70 
_reflns_shell.pdbx_redundancy        4.2 
# 
_refine.pdbx_refine_id                           'X-RAY DIFFRACTION' 
_refine.entry_id                                 3ZHF 
_refine.pdbx_diffrn_id                           1 
_refine.pdbx_TLS_residual_ADP_flag               ? 
_refine.ls_number_reflns_obs                     15598 
_refine.ls_number_reflns_all                     ? 
_refine.pdbx_ls_sigma_I                          ? 
_refine.pdbx_ls_sigma_F                          1.34 
_refine.pdbx_data_cutoff_high_absF               ? 
_refine.pdbx_data_cutoff_low_absF                ? 
_refine.pdbx_data_cutoff_high_rms_absF           ? 
_refine.ls_d_res_low                             35.298 
_refine.ls_d_res_high                            1.700 
_refine.ls_percent_reflns_obs                    98.35 
_refine.ls_R_factor_obs                          0.1913 
_refine.ls_R_factor_all                          ? 
_refine.ls_R_factor_R_work                       0.1896 
_refine.ls_R_factor_R_free                       0.2257 
_refine.ls_R_factor_R_free_error                 ? 
_refine.ls_R_factor_R_free_error_details         ? 
_refine.ls_percent_reflns_R_free                 5.0 
_refine.ls_number_reflns_R_free                  779 
_refine.ls_number_parameters                     ? 
_refine.ls_number_restraints                     ? 
_refine.occupancy_min                            ? 
_refine.occupancy_max                            ? 
_refine.correlation_coeff_Fo_to_Fc               ? 
_refine.correlation_coeff_Fo_to_Fc_free          ? 
_refine.B_iso_mean                               ? 
_refine.aniso_B[1][1]                            ? 
_refine.aniso_B[2][2]                            ? 
_refine.aniso_B[3][3]                            ? 
_refine.aniso_B[1][2]                            ? 
_refine.aniso_B[1][3]                            ? 
_refine.aniso_B[2][3]                            ? 
_refine.solvent_model_details                    'FLAT BULK SOLVENT MODEL' 
_refine.solvent_model_param_ksol                 ? 
_refine.solvent_model_param_bsol                 ? 
_refine.pdbx_solvent_vdw_probe_radii             1.11 
_refine.pdbx_solvent_ion_probe_radii             ? 
_refine.pdbx_solvent_shrinkage_radii             0.90 
_refine.pdbx_ls_cross_valid_method               ? 
_refine.details                                  ? 
_refine.pdbx_starting_model                      'PDB ENTRY 4BCX' 
_refine.pdbx_method_to_determine_struct          'MOLECULAR REPLACEMENT' 
_refine.pdbx_isotropic_thermal_model             ? 
_refine.pdbx_stereochemistry_target_values       ML 
_refine.pdbx_stereochem_target_val_spec_case     ? 
_refine.pdbx_R_Free_selection_details            ? 
_refine.pdbx_overall_ESU_R                       ? 
_refine.pdbx_overall_ESU_R_Free                  ? 
_refine.overall_SU_ML                            0.18 
_refine.pdbx_overall_phase_error                 23.82 
_refine.overall_SU_B                             ? 
_refine.overall_SU_R_Cruickshank_DPI             ? 
_refine.pdbx_overall_SU_R_free_Cruickshank_DPI   ? 
_refine.pdbx_overall_SU_R_Blow_DPI               ? 
_refine.pdbx_overall_SU_R_free_Blow_DPI          ? 
# 
_refine_hist.pdbx_refine_id                   'X-RAY DIFFRACTION' 
_refine_hist.cycle_id                         LAST 
_refine_hist.pdbx_number_atoms_protein        1026 
_refine_hist.pdbx_number_atoms_nucleic_acid   0 
_refine_hist.pdbx_number_atoms_ligand         11 
_refine_hist.number_atoms_solvent             84 
_refine_hist.number_atoms_total               1121 
_refine_hist.d_res_high                       1.700 
_refine_hist.d_res_low                        35.298 
# 
loop_
_refine_ls_restr.type 
_refine_ls_restr.dev_ideal 
_refine_ls_restr.dev_ideal_target 
_refine_ls_restr.weight 
_refine_ls_restr.number 
_refine_ls_restr.pdbx_refine_id 
_refine_ls_restr.pdbx_restraint_function 
f_bond_d           0.006  ? ? 1115 'X-RAY DIFFRACTION' ? 
f_angle_d          1.081  ? ? 1527 'X-RAY DIFFRACTION' ? 
f_dihedral_angle_d 14.208 ? ? 429  'X-RAY DIFFRACTION' ? 
f_chiral_restr     0.072  ? ? 170  'X-RAY DIFFRACTION' ? 
f_plane_restr      0.005  ? ? 204  'X-RAY DIFFRACTION' ? 
# 
loop_
_refine_ls_shell.pdbx_refine_id 
_refine_ls_shell.pdbx_total_number_of_bins_used 
_refine_ls_shell.d_res_high 
_refine_ls_shell.d_res_low 
_refine_ls_shell.number_reflns_R_work 
_refine_ls_shell.R_factor_R_work 
_refine_ls_shell.percent_reflns_obs 
_refine_ls_shell.R_factor_R_free 
_refine_ls_shell.R_factor_R_free_error 
_refine_ls_shell.percent_reflns_R_free 
_refine_ls_shell.number_reflns_R_free 
_refine_ls_shell.number_reflns_all 
_refine_ls_shell.R_factor_all 
'X-RAY DIFFRACTION' . 1.7000 1.8065  2426 0.2398 99.00 0.2697 . . 123 . . 
'X-RAY DIFFRACTION' . 1.8065 1.9460  2418 0.1918 98.00 0.2502 . . 133 . . 
'X-RAY DIFFRACTION' . 1.9460 2.1418  2422 0.1739 99.00 0.2186 . . 135 . . 
'X-RAY DIFFRACTION' . 2.1418 2.4517  2445 0.1780 98.00 0.2612 . . 133 . . 
'X-RAY DIFFRACTION' . 2.4517 3.0886  2495 0.1944 99.00 0.2240 . . 133 . . 
'X-RAY DIFFRACTION' . 3.0886 35.3052 2613 0.1886 98.00 0.2061 . . 122 . . 
# 
_struct.entry_id                  3ZHF 
_struct.title                     'gamma 2 adaptin EAR domain crystal structure with preS1 site1 peptide NPDWDFN' 
_struct.pdbx_model_details        ? 
_struct.pdbx_CASP_flag            ? 
_struct.pdbx_model_type_details   ? 
# 
_struct_keywords.entry_id        3ZHF 
_struct_keywords.pdbx_keywords   'PROTEIN TRANSPORT/VIRAL PROTEIN' 
_struct_keywords.text            'PROTEIN TRANSPORT-VIRAL PROTEIN COMPLEX, GAE' 
# 
loop_
_struct_asym.id 
_struct_asym.pdbx_blank_PDB_chainid_flag 
_struct_asym.pdbx_modified 
_struct_asym.entity_id 
_struct_asym.details 
A N N 1 ? 
B N N 2 ? 
C N N 3 ? 
D N N 4 ? 
E N N 5 ? 
# 
loop_
_struct_ref.id 
_struct_ref.db_name 
_struct_ref.db_code 
_struct_ref.entity_id 
_struct_ref.pdbx_seq_one_letter_code 
_struct_ref.pdbx_align_begin 
_struct_ref.pdbx_db_accession 
_struct_ref.pdbx_db_isoform 
1 UNP AP1G2_HUMAN 1 ? ? O75843 ? 
2 UNP Q67953_HBV  2 ? ? Q67953 ? 
# 
loop_
_struct_ref_seq.align_id 
_struct_ref_seq.ref_id 
_struct_ref_seq.pdbx_PDB_id_code 
_struct_ref_seq.pdbx_strand_id 
_struct_ref_seq.seq_align_beg 
_struct_ref_seq.pdbx_seq_align_beg_ins_code 
_struct_ref_seq.seq_align_end 
_struct_ref_seq.pdbx_seq_align_end_ins_code 
_struct_ref_seq.pdbx_db_accession 
_struct_ref_seq.db_align_beg 
_struct_ref_seq.pdbx_db_align_beg_ins_code 
_struct_ref_seq.db_align_end 
_struct_ref_seq.pdbx_db_align_end_ins_code 
_struct_ref_seq.pdbx_auth_seq_align_beg 
_struct_ref_seq.pdbx_auth_seq_align_end 
1 1 3ZHF A 4 ? 124 ? O75843 665 ? 785 ? 665 785 
2 2 3ZHF B 2 ? 8   ? Q67953 85  ? 91  ? 1   7   
# 
loop_
_struct_ref_seq_dif.align_id 
_struct_ref_seq_dif.pdbx_pdb_id_code 
_struct_ref_seq_dif.mon_id 
_struct_ref_seq_dif.pdbx_pdb_strand_id 
_struct_ref_seq_dif.seq_num 
_struct_ref_seq_dif.pdbx_pdb_ins_code 
_struct_ref_seq_dif.pdbx_seq_db_name 
_struct_ref_seq_dif.pdbx_seq_db_accession_code 
_struct_ref_seq_dif.db_mon_id 
_struct_ref_seq_dif.pdbx_seq_db_seq_num 
_struct_ref_seq_dif.details 
_struct_ref_seq_dif.pdbx_auth_seq_num 
_struct_ref_seq_dif.pdbx_ordinal 
1 3ZHF GLY A 1 ? UNP O75843 ? ? 'expression tag' 662 1 
1 3ZHF GLY A 2 ? UNP O75843 ? ? 'expression tag' 663 2 
1 3ZHF SER A 3 ? UNP O75843 ? ? 'expression tag' 664 3 
2 3ZHF ACE B 1 ? UNP Q67953 ? ? acetylation      0   4 
2 3ZHF NH2 B 9 ? UNP Q67953 ? ? amidation        8   5 
# 
_pdbx_struct_assembly.id                   1 
_pdbx_struct_assembly.details              author_and_software_defined_assembly 
_pdbx_struct_assembly.method_details       PISA 
_pdbx_struct_assembly.oligomeric_details   dimeric 
_pdbx_struct_assembly.oligomeric_count     2 
# 
loop_
_pdbx_struct_assembly_prop.biol_id 
_pdbx_struct_assembly_prop.type 
_pdbx_struct_assembly_prop.value 
_pdbx_struct_assembly_prop.details 
1 'ABSA (A^2)' 1040 ? 
1 MORE         -8.8 ? 
1 'SSA (A^2)'  8500 ? 
# 
_pdbx_struct_assembly_gen.assembly_id       1 
_pdbx_struct_assembly_gen.oper_expression   1 
_pdbx_struct_assembly_gen.asym_id_list      A,B,C,D,E 
# 
_pdbx_struct_oper_list.id                   1 
_pdbx_struct_oper_list.type                 'identity operation' 
_pdbx_struct_oper_list.name                 1_555 
_pdbx_struct_oper_list.symmetry_operation   x,y,z 
_pdbx_struct_oper_list.matrix[1][1]         1.0000000000 
_pdbx_struct_oper_list.matrix[1][2]         0.0000000000 
_pdbx_struct_oper_list.matrix[1][3]         0.0000000000 
_pdbx_struct_oper_list.vector[1]            0.0000000000 
_pdbx_struct_oper_list.matrix[2][1]         0.0000000000 
_pdbx_struct_oper_list.matrix[2][2]         1.0000000000 
_pdbx_struct_oper_list.matrix[2][3]         0.0000000000 
_pdbx_struct_oper_list.vector[2]            0.0000000000 
_pdbx_struct_oper_list.matrix[3][1]         0.0000000000 
_pdbx_struct_oper_list.matrix[3][2]         0.0000000000 
_pdbx_struct_oper_list.matrix[3][3]         1.0000000000 
_pdbx_struct_oper_list.vector[3]            0.0000000000 
# 
_struct_biol.id   1 
# 
_struct_conf.conf_type_id            HELX_P 
_struct_conf.id                      HELX_P1 
_struct_conf.pdbx_PDB_helix_id       1 
_struct_conf.beg_label_comp_id       PRO 
_struct_conf.beg_label_asym_id       A 
_struct_conf.beg_label_seq_id        119 
_struct_conf.pdbx_beg_PDB_ins_code   ? 
_struct_conf.end_label_comp_id       TRP 
_struct_conf.end_label_asym_id       A 
_struct_conf.end_label_seq_id        123 
_struct_conf.pdbx_end_PDB_ins_code   ? 
_struct_conf.beg_auth_comp_id        PRO 
_struct_conf.beg_auth_asym_id        A 
_struct_conf.beg_auth_seq_id         780 
_struct_conf.end_auth_comp_id        TRP 
_struct_conf.end_auth_asym_id        A 
_struct_conf.end_auth_seq_id         784 
_struct_conf.pdbx_PDB_helix_class    5 
_struct_conf.details                 ? 
_struct_conf.pdbx_PDB_helix_length   5 
# 
_struct_conf_type.id          HELX_P 
_struct_conf_type.criteria    ? 
_struct_conf_type.reference   ? 
# 
_struct_conn.id                            covale1 
_struct_conn.conn_type_id                  covale 
_struct_conn.pdbx_leaving_atom_flag        both 
_struct_conn.pdbx_PDB_id                   ? 
_struct_conn.ptnr1_label_asym_id           B 
_struct_conn.ptnr1_label_comp_id           ASN 
_struct_conn.ptnr1_label_seq_id            8 
_struct_conn.ptnr1_label_atom_id           C 
_struct_conn.pdbx_ptnr1_label_alt_id       ? 
_struct_conn.pdbx_ptnr1_PDB_ins_code       ? 
_struct_conn.pdbx_ptnr1_standard_comp_id   ? 
_struct_conn.ptnr1_symmetry                1_555 
_struct_conn.ptnr2_label_asym_id           B 
_struct_conn.ptnr2_label_comp_id           NH2 
_struct_conn.ptnr2_label_seq_id            9 
_struct_conn.ptnr2_label_atom_id           N 
_struct_conn.pdbx_ptnr2_label_alt_id       ? 
_struct_conn.pdbx_ptnr2_PDB_ins_code       ? 
_struct_conn.ptnr1_auth_asym_id            B 
_struct_conn.ptnr1_auth_comp_id            ASN 
_struct_conn.ptnr1_auth_seq_id             7 
_struct_conn.ptnr2_auth_asym_id            B 
_struct_conn.ptnr2_auth_comp_id            NH2 
_struct_conn.ptnr2_auth_seq_id             8 
_struct_conn.ptnr2_symmetry                1_555 
_struct_conn.pdbx_ptnr3_label_atom_id      ? 
_struct_conn.pdbx_ptnr3_label_seq_id       ? 
_struct_conn.pdbx_ptnr3_label_comp_id      ? 
_struct_conn.pdbx_ptnr3_label_asym_id      ? 
_struct_conn.pdbx_ptnr3_label_alt_id       ? 
_struct_conn.pdbx_ptnr3_PDB_ins_code       ? 
_struct_conn.details                       ? 
_struct_conn.pdbx_dist_value               1.324 
_struct_conn.pdbx_value_order              ? 
_struct_conn.pdbx_role                     ? 
# 
_struct_conn_type.id          covale 
_struct_conn_type.criteria    ? 
_struct_conn_type.reference   ? 
# 
_pdbx_modification_feature.ordinal                            1 
_pdbx_modification_feature.label_comp_id                      NH2 
_pdbx_modification_feature.label_asym_id                      B 
_pdbx_modification_feature.label_seq_id                       9 
_pdbx_modification_feature.label_alt_id                       ? 
_pdbx_modification_feature.modified_residue_label_comp_id     ASN 
_pdbx_modification_feature.modified_residue_label_asym_id     B 
_pdbx_modification_feature.modified_residue_label_seq_id      8 
_pdbx_modification_feature.modified_residue_label_alt_id      ? 
_pdbx_modification_feature.auth_comp_id                       NH2 
_pdbx_modification_feature.auth_asym_id                       B 
_pdbx_modification_feature.auth_seq_id                        8 
_pdbx_modification_feature.PDB_ins_code                       ? 
_pdbx_modification_feature.symmetry                           1_555 
_pdbx_modification_feature.modified_residue_auth_comp_id      ASN 
_pdbx_modification_feature.modified_residue_auth_asym_id      B 
_pdbx_modification_feature.modified_residue_auth_seq_id       7 
_pdbx_modification_feature.modified_residue_PDB_ins_code      ? 
_pdbx_modification_feature.modified_residue_symmetry          1_555 
_pdbx_modification_feature.comp_id_linking_atom               . 
_pdbx_modification_feature.modified_residue_id_linking_atom   . 
_pdbx_modification_feature.modified_residue_id                ASN 
_pdbx_modification_feature.ref_pcm_id                         17 
_pdbx_modification_feature.ref_comp_id                        NH2 
_pdbx_modification_feature.type                               None 
_pdbx_modification_feature.category                           'Terminal amidation' 
# 
loop_
_struct_sheet.id 
_struct_sheet.type 
_struct_sheet.number_strands 
_struct_sheet.details 
AA ? 5 ? 
AB ? 3 ? 
# 
loop_
_struct_sheet_order.sheet_id 
_struct_sheet_order.range_id_1 
_struct_sheet_order.range_id_2 
_struct_sheet_order.offset 
_struct_sheet_order.sense 
AA 1 2 ? anti-parallel 
AA 2 3 ? anti-parallel 
AA 3 4 ? anti-parallel 
AA 4 5 ? anti-parallel 
AB 1 2 ? anti-parallel 
AB 2 3 ? anti-parallel 
# 
loop_
_struct_sheet_range.sheet_id 
_struct_sheet_range.id 
_struct_sheet_range.beg_label_comp_id 
_struct_sheet_range.beg_label_asym_id 
_struct_sheet_range.beg_label_seq_id 
_struct_sheet_range.pdbx_beg_PDB_ins_code 
_struct_sheet_range.end_label_comp_id 
_struct_sheet_range.end_label_asym_id 
_struct_sheet_range.end_label_seq_id 
_struct_sheet_range.pdbx_end_PDB_ins_code 
_struct_sheet_range.beg_auth_comp_id 
_struct_sheet_range.beg_auth_asym_id 
_struct_sheet_range.beg_auth_seq_id 
_struct_sheet_range.end_auth_comp_id 
_struct_sheet_range.end_auth_asym_id 
_struct_sheet_range.end_auth_seq_id 
AA 1 LEU A 9   ? ARG A 14  ? LEU A 670 ARG A 675 
AA 2 VAL A 17  ? ILE A 24  ? VAL A 678 ILE A 685 
AA 3 LEU A 32  ? ASN A 41  ? LEU A 693 ASN A 702 
AA 4 ILE A 80  ? LEU A 87  ? ILE A 741 LEU A 748 
AA 5 GLN A 61  ? LEU A 64  ? GLN A 722 LEU A 725 
AB 1 VAL A 47  ? ALA A 55  ? VAL A 708 ALA A 716 
AB 2 LYS A 97  ? HIS A 104 ? LYS A 758 HIS A 765 
AB 3 GLN A 107 ? GLU A 114 ? GLN A 768 GLU A 775 
# 
loop_
_pdbx_struct_sheet_hbond.sheet_id 
_pdbx_struct_sheet_hbond.range_id_1 
_pdbx_struct_sheet_hbond.range_id_2 
_pdbx_struct_sheet_hbond.range_1_label_atom_id 
_pdbx_struct_sheet_hbond.range_1_label_comp_id 
_pdbx_struct_sheet_hbond.range_1_label_asym_id 
_pdbx_struct_sheet_hbond.range_1_label_seq_id 
_pdbx_struct_sheet_hbond.range_1_PDB_ins_code 
_pdbx_struct_sheet_hbond.range_1_auth_atom_id 
_pdbx_struct_sheet_hbond.range_1_auth_comp_id 
_pdbx_struct_sheet_hbond.range_1_auth_asym_id 
_pdbx_struct_sheet_hbond.range_1_auth_seq_id 
_pdbx_struct_sheet_hbond.range_2_label_atom_id 
_pdbx_struct_sheet_hbond.range_2_label_comp_id 
_pdbx_struct_sheet_hbond.range_2_label_asym_id 
_pdbx_struct_sheet_hbond.range_2_label_seq_id 
_pdbx_struct_sheet_hbond.range_2_PDB_ins_code 
_pdbx_struct_sheet_hbond.range_2_auth_atom_id 
_pdbx_struct_sheet_hbond.range_2_auth_comp_id 
_pdbx_struct_sheet_hbond.range_2_auth_asym_id 
_pdbx_struct_sheet_hbond.range_2_auth_seq_id 
AA 1 2 N ARG A 14  ? N ARG A 675 O VAL A 17  ? O VAL A 678 
AA 2 3 N ILE A 24  ? N ILE A 685 O LEU A 34  ? O LEU A 695 
AA 3 4 N ALA A 39  ? N ALA A 700 O ILE A 80  ? O ILE A 741 
AA 4 5 N LEU A 87  ? N LEU A 748 O GLN A 61  ? O GLN A 722 
AB 1 2 N ALA A 55  ? N ALA A 716 O LYS A 97  ? O LYS A 758 
AB 2 3 N HIS A 104 ? N HIS A 765 O GLN A 107 ? O GLN A 768 
# 
loop_
_struct_site.id 
_struct_site.pdbx_evidence_code 
_struct_site.pdbx_auth_asym_id 
_struct_site.pdbx_auth_comp_id 
_struct_site.pdbx_auth_seq_id 
_struct_site.pdbx_auth_ins_code 
_struct_site.pdbx_num_residues 
_struct_site.details 
AC1 Software A PEG 1786 ? 1 'BINDING SITE FOR RESIDUE PEG A 1786' 
AC2 Software A EDO 1787 ? 5 'BINDING SITE FOR RESIDUE EDO A 1787' 
# 
loop_
_struct_site_gen.id 
_struct_site_gen.site_id 
_struct_site_gen.pdbx_num_res 
_struct_site_gen.label_comp_id 
_struct_site_gen.label_asym_id 
_struct_site_gen.label_seq_id 
_struct_site_gen.pdbx_auth_ins_code 
_struct_site_gen.auth_comp_id 
_struct_site_gen.auth_asym_id 
_struct_site_gen.auth_seq_id 
_struct_site_gen.label_atom_id 
_struct_site_gen.label_alt_id 
_struct_site_gen.symmetry 
_struct_site_gen.details 
1 AC1 1 LYS A 97 ? LYS A 758  . ? 1_555 ? 
2 AC2 5 GLN A 53 ? GLN A 714  . ? 1_555 ? 
3 AC2 5 ALA A 54 ? ALA A 715  . ? 1_555 ? 
4 AC2 5 LEU A 64 ? LEU A 725  . ? 1_555 ? 
5 AC2 5 HOH E .  ? HOH A 2047 . ? 1_555 ? 
6 AC2 5 ASN B 8  ? ASN B 7    . ? 1_555 ? 
# 
_pdbx_entry_details.entry_id                   3ZHF 
_pdbx_entry_details.compound_details           ? 
_pdbx_entry_details.source_details             ? 
_pdbx_entry_details.nonpolymer_details         'AMINO GROUP (NH2): PEPTIDE C TERMINUS IS AMIDATED' 
_pdbx_entry_details.sequence_details           'GGS IS A CLONING ARTEFACT AT THE PROTEIN N-TERMINUS' 
_pdbx_entry_details.has_ligand_of_interest     ? 
_pdbx_entry_details.has_protein_modification   Y 
# 
_pdbx_validate_close_contact.id               1 
_pdbx_validate_close_contact.PDB_model_num    1 
_pdbx_validate_close_contact.auth_atom_id_1   NH1 
_pdbx_validate_close_contact.auth_asym_id_1   A 
_pdbx_validate_close_contact.auth_comp_id_1   ARG 
_pdbx_validate_close_contact.auth_seq_id_1    746 
_pdbx_validate_close_contact.PDB_ins_code_1   ? 
_pdbx_validate_close_contact.label_alt_id_1   B 
_pdbx_validate_close_contact.auth_atom_id_2   O 
_pdbx_validate_close_contact.auth_asym_id_2   A 
_pdbx_validate_close_contact.auth_comp_id_2   HOH 
_pdbx_validate_close_contact.auth_seq_id_2    2068 
_pdbx_validate_close_contact.PDB_ins_code_2   ? 
_pdbx_validate_close_contact.label_alt_id_2   ? 
_pdbx_validate_close_contact.dist             2.12 
# 
loop_
_pdbx_validate_torsion.id 
_pdbx_validate_torsion.PDB_model_num 
_pdbx_validate_torsion.auth_comp_id 
_pdbx_validate_torsion.auth_asym_id 
_pdbx_validate_torsion.auth_seq_id 
_pdbx_validate_torsion.PDB_ins_code 
_pdbx_validate_torsion.label_alt_id 
_pdbx_validate_torsion.phi 
_pdbx_validate_torsion.psi 
1 1 TRP A 784 ? ? -143.31 -21.14 
2 1 ASP B 3   ? ? -49.87  158.89 
# 
loop_
_pdbx_unobs_or_zero_occ_residues.id 
_pdbx_unobs_or_zero_occ_residues.PDB_model_num 
_pdbx_unobs_or_zero_occ_residues.polymer_flag 
_pdbx_unobs_or_zero_occ_residues.occupancy_flag 
_pdbx_unobs_or_zero_occ_residues.auth_asym_id 
_pdbx_unobs_or_zero_occ_residues.auth_comp_id 
_pdbx_unobs_or_zero_occ_residues.auth_seq_id 
_pdbx_unobs_or_zero_occ_residues.PDB_ins_code 
_pdbx_unobs_or_zero_occ_residues.label_asym_id 
_pdbx_unobs_or_zero_occ_residues.label_comp_id 
_pdbx_unobs_or_zero_occ_residues.label_seq_id 
1 1 Y 1 A GLY 662 ? A GLY 1 
2 1 Y 1 B ACE 0   ? B ACE 1 
3 1 Y 1 B ASN 1   ? B ASN 2 
# 
loop_
_chem_comp_atom.comp_id 
_chem_comp_atom.atom_id 
_chem_comp_atom.type_symbol 
_chem_comp_atom.pdbx_aromatic_flag 
_chem_comp_atom.pdbx_stereo_config 
_chem_comp_atom.pdbx_ordinal 
ACE C    C N N 1   
ACE O    O N N 2   
ACE CH3  C N N 3   
ACE H    H N N 4   
ACE H1   H N N 5   
ACE H2   H N N 6   
ACE H3   H N N 7   
ALA N    N N N 8   
ALA CA   C N S 9   
ALA C    C N N 10  
ALA O    O N N 11  
ALA CB   C N N 12  
ALA OXT  O N N 13  
ALA H    H N N 14  
ALA H2   H N N 15  
ALA HA   H N N 16  
ALA HB1  H N N 17  
ALA HB2  H N N 18  
ALA HB3  H N N 19  
ALA HXT  H N N 20  
ARG N    N N N 21  
ARG CA   C N S 22  
ARG C    C N N 23  
ARG O    O N N 24  
ARG CB   C N N 25  
ARG CG   C N N 26  
ARG CD   C N N 27  
ARG NE   N N N 28  
ARG CZ   C N N 29  
ARG NH1  N N N 30  
ARG NH2  N N N 31  
ARG OXT  O N N 32  
ARG H    H N N 33  
ARG H2   H N N 34  
ARG HA   H N N 35  
ARG HB2  H N N 36  
ARG HB3  H N N 37  
ARG HG2  H N N 38  
ARG HG3  H N N 39  
ARG HD2  H N N 40  
ARG HD3  H N N 41  
ARG HE   H N N 42  
ARG HH11 H N N 43  
ARG HH12 H N N 44  
ARG HH21 H N N 45  
ARG HH22 H N N 46  
ARG HXT  H N N 47  
ASN N    N N N 48  
ASN CA   C N S 49  
ASN C    C N N 50  
ASN O    O N N 51  
ASN CB   C N N 52  
ASN CG   C N N 53  
ASN OD1  O N N 54  
ASN ND2  N N N 55  
ASN OXT  O N N 56  
ASN H    H N N 57  
ASN H2   H N N 58  
ASN HA   H N N 59  
ASN HB2  H N N 60  
ASN HB3  H N N 61  
ASN HD21 H N N 62  
ASN HD22 H N N 63  
ASN HXT  H N N 64  
ASP N    N N N 65  
ASP CA   C N S 66  
ASP C    C N N 67  
ASP O    O N N 68  
ASP CB   C N N 69  
ASP CG   C N N 70  
ASP OD1  O N N 71  
ASP OD2  O N N 72  
ASP OXT  O N N 73  
ASP H    H N N 74  
ASP H2   H N N 75  
ASP HA   H N N 76  
ASP HB2  H N N 77  
ASP HB3  H N N 78  
ASP HD2  H N N 79  
ASP HXT  H N N 80  
CYS N    N N N 81  
CYS CA   C N R 82  
CYS C    C N N 83  
CYS O    O N N 84  
CYS CB   C N N 85  
CYS SG   S N N 86  
CYS OXT  O N N 87  
CYS H    H N N 88  
CYS H2   H N N 89  
CYS HA   H N N 90  
CYS HB2  H N N 91  
CYS HB3  H N N 92  
CYS HG   H N N 93  
CYS HXT  H N N 94  
EDO C1   C N N 95  
EDO O1   O N N 96  
EDO C2   C N N 97  
EDO O2   O N N 98  
EDO H11  H N N 99  
EDO H12  H N N 100 
EDO HO1  H N N 101 
EDO H21  H N N 102 
EDO H22  H N N 103 
EDO HO2  H N N 104 
GLN N    N N N 105 
GLN CA   C N S 106 
GLN C    C N N 107 
GLN O    O N N 108 
GLN CB   C N N 109 
GLN CG   C N N 110 
GLN CD   C N N 111 
GLN OE1  O N N 112 
GLN NE2  N N N 113 
GLN OXT  O N N 114 
GLN H    H N N 115 
GLN H2   H N N 116 
GLN HA   H N N 117 
GLN HB2  H N N 118 
GLN HB3  H N N 119 
GLN HG2  H N N 120 
GLN HG3  H N N 121 
GLN HE21 H N N 122 
GLN HE22 H N N 123 
GLN HXT  H N N 124 
GLU N    N N N 125 
GLU CA   C N S 126 
GLU C    C N N 127 
GLU O    O N N 128 
GLU CB   C N N 129 
GLU CG   C N N 130 
GLU CD   C N N 131 
GLU OE1  O N N 132 
GLU OE2  O N N 133 
GLU OXT  O N N 134 
GLU H    H N N 135 
GLU H2   H N N 136 
GLU HA   H N N 137 
GLU HB2  H N N 138 
GLU HB3  H N N 139 
GLU HG2  H N N 140 
GLU HG3  H N N 141 
GLU HE2  H N N 142 
GLU HXT  H N N 143 
GLY N    N N N 144 
GLY CA   C N N 145 
GLY C    C N N 146 
GLY O    O N N 147 
GLY OXT  O N N 148 
GLY H    H N N 149 
GLY H2   H N N 150 
GLY HA2  H N N 151 
GLY HA3  H N N 152 
GLY HXT  H N N 153 
HIS N    N N N 154 
HIS CA   C N S 155 
HIS C    C N N 156 
HIS O    O N N 157 
HIS CB   C N N 158 
HIS CG   C Y N 159 
HIS ND1  N Y N 160 
HIS CD2  C Y N 161 
HIS CE1  C Y N 162 
HIS NE2  N Y N 163 
HIS OXT  O N N 164 
HIS H    H N N 165 
HIS H2   H N N 166 
HIS HA   H N N 167 
HIS HB2  H N N 168 
HIS HB3  H N N 169 
HIS HD1  H N N 170 
HIS HD2  H N N 171 
HIS HE1  H N N 172 
HIS HE2  H N N 173 
HIS HXT  H N N 174 
HOH O    O N N 175 
HOH H1   H N N 176 
HOH H2   H N N 177 
ILE N    N N N 178 
ILE CA   C N S 179 
ILE C    C N N 180 
ILE O    O N N 181 
ILE CB   C N S 182 
ILE CG1  C N N 183 
ILE CG2  C N N 184 
ILE CD1  C N N 185 
ILE OXT  O N N 186 
ILE H    H N N 187 
ILE H2   H N N 188 
ILE HA   H N N 189 
ILE HB   H N N 190 
ILE HG12 H N N 191 
ILE HG13 H N N 192 
ILE HG21 H N N 193 
ILE HG22 H N N 194 
ILE HG23 H N N 195 
ILE HD11 H N N 196 
ILE HD12 H N N 197 
ILE HD13 H N N 198 
ILE HXT  H N N 199 
LEU N    N N N 200 
LEU CA   C N S 201 
LEU C    C N N 202 
LEU O    O N N 203 
LEU CB   C N N 204 
LEU CG   C N N 205 
LEU CD1  C N N 206 
LEU CD2  C N N 207 
LEU OXT  O N N 208 
LEU H    H N N 209 
LEU H2   H N N 210 
LEU HA   H N N 211 
LEU HB2  H N N 212 
LEU HB3  H N N 213 
LEU HG   H N N 214 
LEU HD11 H N N 215 
LEU HD12 H N N 216 
LEU HD13 H N N 217 
LEU HD21 H N N 218 
LEU HD22 H N N 219 
LEU HD23 H N N 220 
LEU HXT  H N N 221 
LYS N    N N N 222 
LYS CA   C N S 223 
LYS C    C N N 224 
LYS O    O N N 225 
LYS CB   C N N 226 
LYS CG   C N N 227 
LYS CD   C N N 228 
LYS CE   C N N 229 
LYS NZ   N N N 230 
LYS OXT  O N N 231 
LYS H    H N N 232 
LYS H2   H N N 233 
LYS HA   H N N 234 
LYS HB2  H N N 235 
LYS HB3  H N N 236 
LYS HG2  H N N 237 
LYS HG3  H N N 238 
LYS HD2  H N N 239 
LYS HD3  H N N 240 
LYS HE2  H N N 241 
LYS HE3  H N N 242 
LYS HZ1  H N N 243 
LYS HZ2  H N N 244 
LYS HZ3  H N N 245 
LYS HXT  H N N 246 
NH2 N    N N N 247 
NH2 HN1  H N N 248 
NH2 HN2  H N N 249 
PEG C1   C N N 250 
PEG O1   O N N 251 
PEG C2   C N N 252 
PEG O2   O N N 253 
PEG C3   C N N 254 
PEG C4   C N N 255 
PEG O4   O N N 256 
PEG H11  H N N 257 
PEG H12  H N N 258 
PEG HO1  H N N 259 
PEG H21  H N N 260 
PEG H22  H N N 261 
PEG H31  H N N 262 
PEG H32  H N N 263 
PEG H41  H N N 264 
PEG H42  H N N 265 
PEG HO4  H N N 266 
PHE N    N N N 267 
PHE CA   C N S 268 
PHE C    C N N 269 
PHE O    O N N 270 
PHE CB   C N N 271 
PHE CG   C Y N 272 
PHE CD1  C Y N 273 
PHE CD2  C Y N 274 
PHE CE1  C Y N 275 
PHE CE2  C Y N 276 
PHE CZ   C Y N 277 
PHE OXT  O N N 278 
PHE H    H N N 279 
PHE H2   H N N 280 
PHE HA   H N N 281 
PHE HB2  H N N 282 
PHE HB3  H N N 283 
PHE HD1  H N N 284 
PHE HD2  H N N 285 
PHE HE1  H N N 286 
PHE HE2  H N N 287 
PHE HZ   H N N 288 
PHE HXT  H N N 289 
PRO N    N N N 290 
PRO CA   C N S 291 
PRO C    C N N 292 
PRO O    O N N 293 
PRO CB   C N N 294 
PRO CG   C N N 295 
PRO CD   C N N 296 
PRO OXT  O N N 297 
PRO H    H N N 298 
PRO HA   H N N 299 
PRO HB2  H N N 300 
PRO HB3  H N N 301 
PRO HG2  H N N 302 
PRO HG3  H N N 303 
PRO HD2  H N N 304 
PRO HD3  H N N 305 
PRO HXT  H N N 306 
SER N    N N N 307 
SER CA   C N S 308 
SER C    C N N 309 
SER O    O N N 310 
SER CB   C N N 311 
SER OG   O N N 312 
SER OXT  O N N 313 
SER H    H N N 314 
SER H2   H N N 315 
SER HA   H N N 316 
SER HB2  H N N 317 
SER HB3  H N N 318 
SER HG   H N N 319 
SER HXT  H N N 320 
THR N    N N N 321 
THR CA   C N S 322 
THR C    C N N 323 
THR O    O N N 324 
THR CB   C N R 325 
THR OG1  O N N 326 
THR CG2  C N N 327 
THR OXT  O N N 328 
THR H    H N N 329 
THR H2   H N N 330 
THR HA   H N N 331 
THR HB   H N N 332 
THR HG1  H N N 333 
THR HG21 H N N 334 
THR HG22 H N N 335 
THR HG23 H N N 336 
THR HXT  H N N 337 
TRP N    N N N 338 
TRP CA   C N S 339 
TRP C    C N N 340 
TRP O    O N N 341 
TRP CB   C N N 342 
TRP CG   C Y N 343 
TRP CD1  C Y N 344 
TRP CD2  C Y N 345 
TRP NE1  N Y N 346 
TRP CE2  C Y N 347 
TRP CE3  C Y N 348 
TRP CZ2  C Y N 349 
TRP CZ3  C Y N 350 
TRP CH2  C Y N 351 
TRP OXT  O N N 352 
TRP H    H N N 353 
TRP H2   H N N 354 
TRP HA   H N N 355 
TRP HB2  H N N 356 
TRP HB3  H N N 357 
TRP HD1  H N N 358 
TRP HE1  H N N 359 
TRP HE3  H N N 360 
TRP HZ2  H N N 361 
TRP HZ3  H N N 362 
TRP HH2  H N N 363 
TRP HXT  H N N 364 
TYR N    N N N 365 
TYR CA   C N S 366 
TYR C    C N N 367 
TYR O    O N N 368 
TYR CB   C N N 369 
TYR CG   C Y N 370 
TYR CD1  C Y N 371 
TYR CD2  C Y N 372 
TYR CE1  C Y N 373 
TYR CE2  C Y N 374 
TYR CZ   C Y N 375 
TYR OH   O N N 376 
TYR OXT  O N N 377 
TYR H    H N N 378 
TYR H2   H N N 379 
TYR HA   H N N 380 
TYR HB2  H N N 381 
TYR HB3  H N N 382 
TYR HD1  H N N 383 
TYR HD2  H N N 384 
TYR HE1  H N N 385 
TYR HE2  H N N 386 
TYR HH   H N N 387 
TYR HXT  H N N 388 
VAL N    N N N 389 
VAL CA   C N S 390 
VAL C    C N N 391 
VAL O    O N N 392 
VAL CB   C N N 393 
VAL CG1  C N N 394 
VAL CG2  C N N 395 
VAL OXT  O N N 396 
VAL H    H N N 397 
VAL H2   H N N 398 
VAL HA   H N N 399 
VAL HB   H N N 400 
VAL HG11 H N N 401 
VAL HG12 H N N 402 
VAL HG13 H N N 403 
VAL HG21 H N N 404 
VAL HG22 H N N 405 
VAL HG23 H N N 406 
VAL HXT  H N N 407 
# 
loop_
_chem_comp_bond.comp_id 
_chem_comp_bond.atom_id_1 
_chem_comp_bond.atom_id_2 
_chem_comp_bond.value_order 
_chem_comp_bond.pdbx_aromatic_flag 
_chem_comp_bond.pdbx_stereo_config 
_chem_comp_bond.pdbx_ordinal 
ACE C   O    doub N N 1   
ACE C   CH3  sing N N 2   
ACE C   H    sing N N 3   
ACE CH3 H1   sing N N 4   
ACE CH3 H2   sing N N 5   
ACE CH3 H3   sing N N 6   
ALA N   CA   sing N N 7   
ALA N   H    sing N N 8   
ALA N   H2   sing N N 9   
ALA CA  C    sing N N 10  
ALA CA  CB   sing N N 11  
ALA CA  HA   sing N N 12  
ALA C   O    doub N N 13  
ALA C   OXT  sing N N 14  
ALA CB  HB1  sing N N 15  
ALA CB  HB2  sing N N 16  
ALA CB  HB3  sing N N 17  
ALA OXT HXT  sing N N 18  
ARG N   CA   sing N N 19  
ARG N   H    sing N N 20  
ARG N   H2   sing N N 21  
ARG CA  C    sing N N 22  
ARG CA  CB   sing N N 23  
ARG CA  HA   sing N N 24  
ARG C   O    doub N N 25  
ARG C   OXT  sing N N 26  
ARG CB  CG   sing N N 27  
ARG CB  HB2  sing N N 28  
ARG CB  HB3  sing N N 29  
ARG CG  CD   sing N N 30  
ARG CG  HG2  sing N N 31  
ARG CG  HG3  sing N N 32  
ARG CD  NE   sing N N 33  
ARG CD  HD2  sing N N 34  
ARG CD  HD3  sing N N 35  
ARG NE  CZ   sing N N 36  
ARG NE  HE   sing N N 37  
ARG CZ  NH1  sing N N 38  
ARG CZ  NH2  doub N N 39  
ARG NH1 HH11 sing N N 40  
ARG NH1 HH12 sing N N 41  
ARG NH2 HH21 sing N N 42  
ARG NH2 HH22 sing N N 43  
ARG OXT HXT  sing N N 44  
ASN N   CA   sing N N 45  
ASN N   H    sing N N 46  
ASN N   H2   sing N N 47  
ASN CA  C    sing N N 48  
ASN CA  CB   sing N N 49  
ASN CA  HA   sing N N 50  
ASN C   O    doub N N 51  
ASN C   OXT  sing N N 52  
ASN CB  CG   sing N N 53  
ASN CB  HB2  sing N N 54  
ASN CB  HB3  sing N N 55  
ASN CG  OD1  doub N N 56  
ASN CG  ND2  sing N N 57  
ASN ND2 HD21 sing N N 58  
ASN ND2 HD22 sing N N 59  
ASN OXT HXT  sing N N 60  
ASP N   CA   sing N N 61  
ASP N   H    sing N N 62  
ASP N   H2   sing N N 63  
ASP CA  C    sing N N 64  
ASP CA  CB   sing N N 65  
ASP CA  HA   sing N N 66  
ASP C   O    doub N N 67  
ASP C   OXT  sing N N 68  
ASP CB  CG   sing N N 69  
ASP CB  HB2  sing N N 70  
ASP CB  HB3  sing N N 71  
ASP CG  OD1  doub N N 72  
ASP CG  OD2  sing N N 73  
ASP OD2 HD2  sing N N 74  
ASP OXT HXT  sing N N 75  
CYS N   CA   sing N N 76  
CYS N   H    sing N N 77  
CYS N   H2   sing N N 78  
CYS CA  C    sing N N 79  
CYS CA  CB   sing N N 80  
CYS CA  HA   sing N N 81  
CYS C   O    doub N N 82  
CYS C   OXT  sing N N 83  
CYS CB  SG   sing N N 84  
CYS CB  HB2  sing N N 85  
CYS CB  HB3  sing N N 86  
CYS SG  HG   sing N N 87  
CYS OXT HXT  sing N N 88  
EDO C1  O1   sing N N 89  
EDO C1  C2   sing N N 90  
EDO C1  H11  sing N N 91  
EDO C1  H12  sing N N 92  
EDO O1  HO1  sing N N 93  
EDO C2  O2   sing N N 94  
EDO C2  H21  sing N N 95  
EDO C2  H22  sing N N 96  
EDO O2  HO2  sing N N 97  
GLN N   CA   sing N N 98  
GLN N   H    sing N N 99  
GLN N   H2   sing N N 100 
GLN CA  C    sing N N 101 
GLN CA  CB   sing N N 102 
GLN CA  HA   sing N N 103 
GLN C   O    doub N N 104 
GLN C   OXT  sing N N 105 
GLN CB  CG   sing N N 106 
GLN CB  HB2  sing N N 107 
GLN CB  HB3  sing N N 108 
GLN CG  CD   sing N N 109 
GLN CG  HG2  sing N N 110 
GLN CG  HG3  sing N N 111 
GLN CD  OE1  doub N N 112 
GLN CD  NE2  sing N N 113 
GLN NE2 HE21 sing N N 114 
GLN NE2 HE22 sing N N 115 
GLN OXT HXT  sing N N 116 
GLU N   CA   sing N N 117 
GLU N   H    sing N N 118 
GLU N   H2   sing N N 119 
GLU CA  C    sing N N 120 
GLU CA  CB   sing N N 121 
GLU CA  HA   sing N N 122 
GLU C   O    doub N N 123 
GLU C   OXT  sing N N 124 
GLU CB  CG   sing N N 125 
GLU CB  HB2  sing N N 126 
GLU CB  HB3  sing N N 127 
GLU CG  CD   sing N N 128 
GLU CG  HG2  sing N N 129 
GLU CG  HG3  sing N N 130 
GLU CD  OE1  doub N N 131 
GLU CD  OE2  sing N N 132 
GLU OE2 HE2  sing N N 133 
GLU OXT HXT  sing N N 134 
GLY N   CA   sing N N 135 
GLY N   H    sing N N 136 
GLY N   H2   sing N N 137 
GLY CA  C    sing N N 138 
GLY CA  HA2  sing N N 139 
GLY CA  HA3  sing N N 140 
GLY C   O    doub N N 141 
GLY C   OXT  sing N N 142 
GLY OXT HXT  sing N N 143 
HIS N   CA   sing N N 144 
HIS N   H    sing N N 145 
HIS N   H2   sing N N 146 
HIS CA  C    sing N N 147 
HIS CA  CB   sing N N 148 
HIS CA  HA   sing N N 149 
HIS C   O    doub N N 150 
HIS C   OXT  sing N N 151 
HIS CB  CG   sing N N 152 
HIS CB  HB2  sing N N 153 
HIS CB  HB3  sing N N 154 
HIS CG  ND1  sing Y N 155 
HIS CG  CD2  doub Y N 156 
HIS ND1 CE1  doub Y N 157 
HIS ND1 HD1  sing N N 158 
HIS CD2 NE2  sing Y N 159 
HIS CD2 HD2  sing N N 160 
HIS CE1 NE2  sing Y N 161 
HIS CE1 HE1  sing N N 162 
HIS NE2 HE2  sing N N 163 
HIS OXT HXT  sing N N 164 
HOH O   H1   sing N N 165 
HOH O   H2   sing N N 166 
ILE N   CA   sing N N 167 
ILE N   H    sing N N 168 
ILE N   H2   sing N N 169 
ILE CA  C    sing N N 170 
ILE CA  CB   sing N N 171 
ILE CA  HA   sing N N 172 
ILE C   O    doub N N 173 
ILE C   OXT  sing N N 174 
ILE CB  CG1  sing N N 175 
ILE CB  CG2  sing N N 176 
ILE CB  HB   sing N N 177 
ILE CG1 CD1  sing N N 178 
ILE CG1 HG12 sing N N 179 
ILE CG1 HG13 sing N N 180 
ILE CG2 HG21 sing N N 181 
ILE CG2 HG22 sing N N 182 
ILE CG2 HG23 sing N N 183 
ILE CD1 HD11 sing N N 184 
ILE CD1 HD12 sing N N 185 
ILE CD1 HD13 sing N N 186 
ILE OXT HXT  sing N N 187 
LEU N   CA   sing N N 188 
LEU N   H    sing N N 189 
LEU N   H2   sing N N 190 
LEU CA  C    sing N N 191 
LEU CA  CB   sing N N 192 
LEU CA  HA   sing N N 193 
LEU C   O    doub N N 194 
LEU C   OXT  sing N N 195 
LEU CB  CG   sing N N 196 
LEU CB  HB2  sing N N 197 
LEU CB  HB3  sing N N 198 
LEU CG  CD1  sing N N 199 
LEU CG  CD2  sing N N 200 
LEU CG  HG   sing N N 201 
LEU CD1 HD11 sing N N 202 
LEU CD1 HD12 sing N N 203 
LEU CD1 HD13 sing N N 204 
LEU CD2 HD21 sing N N 205 
LEU CD2 HD22 sing N N 206 
LEU CD2 HD23 sing N N 207 
LEU OXT HXT  sing N N 208 
LYS N   CA   sing N N 209 
LYS N   H    sing N N 210 
LYS N   H2   sing N N 211 
LYS CA  C    sing N N 212 
LYS CA  CB   sing N N 213 
LYS CA  HA   sing N N 214 
LYS C   O    doub N N 215 
LYS C   OXT  sing N N 216 
LYS CB  CG   sing N N 217 
LYS CB  HB2  sing N N 218 
LYS CB  HB3  sing N N 219 
LYS CG  CD   sing N N 220 
LYS CG  HG2  sing N N 221 
LYS CG  HG3  sing N N 222 
LYS CD  CE   sing N N 223 
LYS CD  HD2  sing N N 224 
LYS CD  HD3  sing N N 225 
LYS CE  NZ   sing N N 226 
LYS CE  HE2  sing N N 227 
LYS CE  HE3  sing N N 228 
LYS NZ  HZ1  sing N N 229 
LYS NZ  HZ2  sing N N 230 
LYS NZ  HZ3  sing N N 231 
LYS OXT HXT  sing N N 232 
NH2 N   HN1  sing N N 233 
NH2 N   HN2  sing N N 234 
PEG C1  O1   sing N N 235 
PEG C1  C2   sing N N 236 
PEG C1  H11  sing N N 237 
PEG C1  H12  sing N N 238 
PEG O1  HO1  sing N N 239 
PEG C2  O2   sing N N 240 
PEG C2  H21  sing N N 241 
PEG C2  H22  sing N N 242 
PEG O2  C3   sing N N 243 
PEG C3  C4   sing N N 244 
PEG C3  H31  sing N N 245 
PEG C3  H32  sing N N 246 
PEG C4  O4   sing N N 247 
PEG C4  H41  sing N N 248 
PEG C4  H42  sing N N 249 
PEG O4  HO4  sing N N 250 
PHE N   CA   sing N N 251 
PHE N   H    sing N N 252 
PHE N   H2   sing N N 253 
PHE CA  C    sing N N 254 
PHE CA  CB   sing N N 255 
PHE CA  HA   sing N N 256 
PHE C   O    doub N N 257 
PHE C   OXT  sing N N 258 
PHE CB  CG   sing N N 259 
PHE CB  HB2  sing N N 260 
PHE CB  HB3  sing N N 261 
PHE CG  CD1  doub Y N 262 
PHE CG  CD2  sing Y N 263 
PHE CD1 CE1  sing Y N 264 
PHE CD1 HD1  sing N N 265 
PHE CD2 CE2  doub Y N 266 
PHE CD2 HD2  sing N N 267 
PHE CE1 CZ   doub Y N 268 
PHE CE1 HE1  sing N N 269 
PHE CE2 CZ   sing Y N 270 
PHE CE2 HE2  sing N N 271 
PHE CZ  HZ   sing N N 272 
PHE OXT HXT  sing N N 273 
PRO N   CA   sing N N 274 
PRO N   CD   sing N N 275 
PRO N   H    sing N N 276 
PRO CA  C    sing N N 277 
PRO CA  CB   sing N N 278 
PRO CA  HA   sing N N 279 
PRO C   O    doub N N 280 
PRO C   OXT  sing N N 281 
PRO CB  CG   sing N N 282 
PRO CB  HB2  sing N N 283 
PRO CB  HB3  sing N N 284 
PRO CG  CD   sing N N 285 
PRO CG  HG2  sing N N 286 
PRO CG  HG3  sing N N 287 
PRO CD  HD2  sing N N 288 
PRO CD  HD3  sing N N 289 
PRO OXT HXT  sing N N 290 
SER N   CA   sing N N 291 
SER N   H    sing N N 292 
SER N   H2   sing N N 293 
SER CA  C    sing N N 294 
SER CA  CB   sing N N 295 
SER CA  HA   sing N N 296 
SER C   O    doub N N 297 
SER C   OXT  sing N N 298 
SER CB  OG   sing N N 299 
SER CB  HB2  sing N N 300 
SER CB  HB3  sing N N 301 
SER OG  HG   sing N N 302 
SER OXT HXT  sing N N 303 
THR N   CA   sing N N 304 
THR N   H    sing N N 305 
THR N   H2   sing N N 306 
THR CA  C    sing N N 307 
THR CA  CB   sing N N 308 
THR CA  HA   sing N N 309 
THR C   O    doub N N 310 
THR C   OXT  sing N N 311 
THR CB  OG1  sing N N 312 
THR CB  CG2  sing N N 313 
THR CB  HB   sing N N 314 
THR OG1 HG1  sing N N 315 
THR CG2 HG21 sing N N 316 
THR CG2 HG22 sing N N 317 
THR CG2 HG23 sing N N 318 
THR OXT HXT  sing N N 319 
TRP N   CA   sing N N 320 
TRP N   H    sing N N 321 
TRP N   H2   sing N N 322 
TRP CA  C    sing N N 323 
TRP CA  CB   sing N N 324 
TRP CA  HA   sing N N 325 
TRP C   O    doub N N 326 
TRP C   OXT  sing N N 327 
TRP CB  CG   sing N N 328 
TRP CB  HB2  sing N N 329 
TRP CB  HB3  sing N N 330 
TRP CG  CD1  doub Y N 331 
TRP CG  CD2  sing Y N 332 
TRP CD1 NE1  sing Y N 333 
TRP CD1 HD1  sing N N 334 
TRP CD2 CE2  doub Y N 335 
TRP CD2 CE3  sing Y N 336 
TRP NE1 CE2  sing Y N 337 
TRP NE1 HE1  sing N N 338 
TRP CE2 CZ2  sing Y N 339 
TRP CE3 CZ3  doub Y N 340 
TRP CE3 HE3  sing N N 341 
TRP CZ2 CH2  doub Y N 342 
TRP CZ2 HZ2  sing N N 343 
TRP CZ3 CH2  sing Y N 344 
TRP CZ3 HZ3  sing N N 345 
TRP CH2 HH2  sing N N 346 
TRP OXT HXT  sing N N 347 
TYR N   CA   sing N N 348 
TYR N   H    sing N N 349 
TYR N   H2   sing N N 350 
TYR CA  C    sing N N 351 
TYR CA  CB   sing N N 352 
TYR CA  HA   sing N N 353 
TYR C   O    doub N N 354 
TYR C   OXT  sing N N 355 
TYR CB  CG   sing N N 356 
TYR CB  HB2  sing N N 357 
TYR CB  HB3  sing N N 358 
TYR CG  CD1  doub Y N 359 
TYR CG  CD2  sing Y N 360 
TYR CD1 CE1  sing Y N 361 
TYR CD1 HD1  sing N N 362 
TYR CD2 CE2  doub Y N 363 
TYR CD2 HD2  sing N N 364 
TYR CE1 CZ   doub Y N 365 
TYR CE1 HE1  sing N N 366 
TYR CE2 CZ   sing Y N 367 
TYR CE2 HE2  sing N N 368 
TYR CZ  OH   sing N N 369 
TYR OH  HH   sing N N 370 
TYR OXT HXT  sing N N 371 
VAL N   CA   sing N N 372 
VAL N   H    sing N N 373 
VAL N   H2   sing N N 374 
VAL CA  C    sing N N 375 
VAL CA  CB   sing N N 376 
VAL CA  HA   sing N N 377 
VAL C   O    doub N N 378 
VAL C   OXT  sing N N 379 
VAL CB  CG1  sing N N 380 
VAL CB  CG2  sing N N 381 
VAL CB  HB   sing N N 382 
VAL CG1 HG11 sing N N 383 
VAL CG1 HG12 sing N N 384 
VAL CG1 HG13 sing N N 385 
VAL CG2 HG21 sing N N 386 
VAL CG2 HG22 sing N N 387 
VAL CG2 HG23 sing N N 388 
VAL OXT HXT  sing N N 389 
# 
_pdbx_initial_refinement_model.id               1 
_pdbx_initial_refinement_model.entity_id_list   ? 
_pdbx_initial_refinement_model.type             'experimental model' 
_pdbx_initial_refinement_model.source_name      PDB 
_pdbx_initial_refinement_model.accession_code   4BCX 
_pdbx_initial_refinement_model.details          'PDB ENTRY 4BCX' 
# 
_atom_sites.entry_id                    3ZHF 
_atom_sites.fract_transf_matrix[1][1]   0.00266077 
_atom_sites.fract_transf_matrix[1][2]   0.00232564 
_atom_sites.fract_transf_matrix[1][3]   -0.02848362 
_atom_sites.fract_transf_matrix[2][1]   -0.01367461 
_atom_sites.fract_transf_matrix[2][2]   0.02292121 
_atom_sites.fract_transf_matrix[2][3]   0.00059408 
_atom_sites.fract_transf_matrix[3][1]   0.00809440 
_atom_sites.fract_transf_matrix[3][2]   0.00479930 
_atom_sites.fract_transf_matrix[3][3]   0.00114798 
_atom_sites.fract_transf_vector[1]      0.570700 
_atom_sites.fract_transf_vector[2]      0.915764 
_atom_sites.fract_transf_vector[3]      0.358969 
# 
loop_
_atom_type.symbol 
C 
N 
O 
S 
# 
loop_
_atom_site.group_PDB 
_atom_site.id 
_atom_site.type_symbol 
_atom_site.label_atom_id 
_atom_site.label_alt_id 
_atom_site.label_comp_id 
_atom_site.label_asym_id 
_atom_site.label_entity_id 
_atom_site.label_seq_id 
_atom_site.pdbx_PDB_ins_code 
_atom_site.Cartn_x 
_atom_site.Cartn_y 
_atom_site.Cartn_z 
_atom_site.occupancy 
_atom_site.B_iso_or_equiv 
_atom_site.pdbx_formal_charge 
_atom_site.auth_seq_id 
_atom_site.auth_comp_id 
_atom_site.auth_asym_id 
_atom_site.auth_atom_id 
_atom_site.pdbx_PDB_model_num 
ATOM   1    N N   . GLY A 1 2   ? -19.816 -13.988 0.363   1.00 56.02 ? 663  GLY A N   1 
ATOM   2    C CA  . GLY A 1 2   ? -18.365 -13.910 0.371   1.00 47.28 ? 663  GLY A CA  1 
ATOM   3    C C   . GLY A 1 2   ? -17.828 -13.120 -0.806  1.00 42.83 ? 663  GLY A C   1 
ATOM   4    O O   . GLY A 1 2   ? -18.341 -13.231 -1.922  1.00 46.74 ? 663  GLY A O   1 
ATOM   5    N N   . SER A 1 3   ? -16.794 -12.322 -0.558  1.00 33.79 ? 664  SER A N   1 
ATOM   6    C CA  . SER A 1 3   ? -16.209 -11.476 -1.596  1.00 36.53 ? 664  SER A CA  1 
ATOM   7    C C   . SER A 1 3   ? -15.298 -12.263 -2.537  1.00 34.19 ? 664  SER A C   1 
ATOM   8    O O   . SER A 1 3   ? -14.803 -13.338 -2.188  1.00 32.10 ? 664  SER A O   1 
ATOM   9    C CB  . SER A 1 3   ? -15.428 -10.311 -0.974  1.00 28.50 ? 664  SER A CB  1 
ATOM   10   O OG  . SER A 1 3   ? -14.182 -10.749 -0.447  1.00 33.76 ? 664  SER A OG  1 
ATOM   11   N N   . ALA A 1 4   ? -15.082 -11.713 -3.728  1.00 29.88 ? 665  ALA A N   1 
ATOM   12   C CA  . ALA A 1 4   ? -14.219 -12.343 -4.723  1.00 38.69 ? 665  ALA A CA  1 
ATOM   13   C C   . ALA A 1 4   ? -12.795 -12.464 -4.198  1.00 25.84 ? 665  ALA A C   1 
ATOM   14   O O   . ALA A 1 4   ? -12.276 -11.542 -3.570  1.00 27.21 ? 665  ALA A O   1 
ATOM   15   C CB  . ALA A 1 4   ? -14.238 -11.552 -6.022  1.00 45.79 ? 665  ALA A CB  1 
ATOM   16   N N   . PRO A 1 5   ? -12.158 -13.613 -4.444  1.00 23.41 ? 666  PRO A N   1 
ATOM   17   C CA  . PRO A 1 5   ? -10.785 -13.830 -3.976  1.00 19.80 ? 666  PRO A CA  1 
ATOM   18   C C   . PRO A 1 5   ? -9.743  -13.231 -4.918  1.00 24.57 ? 666  PRO A C   1 
ATOM   19   O O   . PRO A 1 5   ? -9.251  -13.894 -5.831  1.00 29.04 ? 666  PRO A O   1 
ATOM   20   C CB  . PRO A 1 5   ? -10.683 -15.356 -3.940  1.00 31.38 ? 666  PRO A CB  1 
ATOM   21   C CG  . PRO A 1 5   ? -11.618 -15.815 -4.992  1.00 27.29 ? 666  PRO A CG  1 
ATOM   22   C CD  . PRO A 1 5   ? -12.734 -14.820 -5.062  1.00 28.81 ? 666  PRO A CD  1 
ATOM   23   N N   . ILE A 1 6   ? -9.405  -11.969 -4.684  1.00 17.69 ? 667  ILE A N   1 
ATOM   24   C CA  . ILE A 1 6   ? -8.361  -11.294 -5.447  1.00 16.30 ? 667  ILE A CA  1 
ATOM   25   C C   . ILE A 1 6   ? -7.000  -11.560 -4.801  1.00 15.14 ? 667  ILE A C   1 
ATOM   26   O O   . ILE A 1 6   ? -6.839  -11.367 -3.602  1.00 10.88 ? 667  ILE A O   1 
ATOM   27   C CB  . ILE A 1 6   ? -8.615  -9.769  -5.478  1.00 13.46 ? 667  ILE A CB  1 
ATOM   28   C CG1 . ILE A 1 6   ? -10.035 -9.474  -5.989  1.00 14.73 ? 667  ILE A CG1 1 
ATOM   29   C CG2 . ILE A 1 6   ? -7.580  -9.054  -6.328  1.00 13.92 ? 667  ILE A CG2 1 
ATOM   30   C CD1 . ILE A 1 6   ? -10.455 -8.029  -5.816  1.00 18.07 ? 667  ILE A CD1 1 
ATOM   31   N N   . PRO A 1 7   ? -6.021  -12.006 -5.596  1.00 11.50 ? 668  PRO A N   1 
ATOM   32   C CA  . PRO A 1 7   ? -4.701  -12.365 -5.055  1.00 10.17 ? 668  PRO A CA  1 
ATOM   33   C C   . PRO A 1 7   ? -3.959  -11.139 -4.514  1.00 10.31 ? 668  PRO A C   1 
ATOM   34   O O   . PRO A 1 7   ? -4.132  -10.043 -5.051  1.00 10.46 ? 668  PRO A O   1 
ATOM   35   C CB  . PRO A 1 7   ? -3.950  -12.899 -6.279  1.00 14.20 ? 668  PRO A CB  1 
ATOM   36   C CG  . PRO A 1 7   ? -5.001  -13.124 -7.338  1.00 27.48 ? 668  PRO A CG  1 
ATOM   37   C CD  . PRO A 1 7   ? -6.070  -12.131 -7.061  1.00 13.44 ? 668  PRO A CD  1 
ATOM   38   N N   . ASP A 1 8   ? -3.168  -11.329 -3.460  1.00 11.11 ? 669  ASP A N   1 
ATOM   39   C CA  . ASP A 1 8   ? -2.276  -10.283 -2.962  1.00 11.48 ? 669  ASP A CA  1 
ATOM   40   C C   . ASP A 1 8   ? -1.246  -9.924  -4.022  1.00 13.57 ? 669  ASP A C   1 
ATOM   41   O O   . ASP A 1 8   ? -0.978  -10.697 -4.939  1.00 11.10 ? 669  ASP A O   1 
ATOM   42   C CB  . ASP A 1 8   ? -1.520  -10.754 -1.719  1.00 11.34 ? 669  ASP A CB  1 
ATOM   43   C CG  . ASP A 1 8   ? -2.330  -10.634 -0.438  1.00 10.85 ? 669  ASP A CG  1 
ATOM   44   O OD1 . ASP A 1 8   ? -3.563  -10.418 -0.500  1.00 14.70 ? 669  ASP A OD1 1 
ATOM   45   O OD2 . ASP A 1 8   ? -1.718  -10.790 0.648   1.00 11.49 ? 669  ASP A OD2 1 
ATOM   46   N N   . LEU A 1 9   ? -0.633  -8.756  -3.872  1.00 9.33  ? 670  LEU A N   1 
ATOM   47   C CA  . LEU A 1 9   ? 0.405   -8.338  -4.792  1.00 12.57 ? 670  LEU A CA  1 
ATOM   48   C C   . LEU A 1 9   ? 1.566   -7.803  -3.976  1.00 10.44 ? 670  LEU A C   1 
ATOM   49   O O   . LEU A 1 9   ? 1.419   -6.804  -3.271  1.00 11.69 ? 670  LEU A O   1 
ATOM   50   C CB  . LEU A 1 9   ? -0.121  -7.239  -5.713  1.00 10.95 ? 670  LEU A CB  1 
ATOM   51   C CG  . LEU A 1 9   ? 0.873   -6.719  -6.755  1.00 14.44 ? 670  LEU A CG  1 
ATOM   52   C CD1 . LEU A 1 9   ? 1.291   -7.853  -7.685  1.00 19.74 ? 670  LEU A CD1 1 
ATOM   53   C CD2 . LEU A 1 9   ? 0.282   -5.565  -7.532  1.00 16.83 ? 670  LEU A CD2 1 
ATOM   54   N N   . LYS A 1 10  ? 2.705   -8.480  -4.047  1.00 9.20  ? 671  LYS A N   1 
ATOM   55   C CA  . LYS A 1 10  ? 3.902   -7.945  -3.395  1.00 9.26  ? 671  LYS A CA  1 
ATOM   56   C C   . LYS A 1 10  ? 4.485   -6.871  -4.299  1.00 14.00 ? 671  LYS A C   1 
ATOM   57   O O   . LYS A 1 10  ? 4.762   -7.125  -5.470  1.00 17.89 ? 671  LYS A O   1 
ATOM   58   C CB  . LYS A 1 10  ? 4.921   -9.048  -3.129  1.00 14.62 ? 671  LYS A CB  1 
ATOM   59   C CG  . LYS A 1 10  ? 6.047   -8.584  -2.214  1.00 17.61 ? 671  LYS A CG  1 
ATOM   60   C CD  . LYS A 1 10  ? 6.888   -9.765  -1.751  1.00 22.26 ? 671  LYS A CD  1 
ATOM   61   C CE  . LYS A 1 10  ? 8.232   -9.797  -2.447  1.00 31.88 ? 671  LYS A CE  1 
ATOM   62   N NZ  . LYS A 1 10  ? 9.073   -10.876 -1.875  1.00 31.70 ? 671  LYS A NZ  1 
ATOM   63   N N   . VAL A 1 11  ? 4.668   -5.666  -3.768  1.00 8.19  ? 672  VAL A N   1 
ATOM   64   C CA  . VAL A 1 11  ? 5.007   -4.539  -4.632  1.00 8.05  ? 672  VAL A CA  1 
ATOM   65   C C   . VAL A 1 11  ? 6.380   -3.945  -4.375  1.00 15.06 ? 672  VAL A C   1 
ATOM   66   O O   . VAL A 1 11  ? 6.818   -3.078  -5.125  1.00 13.60 ? 672  VAL A O   1 
ATOM   67   C CB  . VAL A 1 11  ? 3.974   -3.407  -4.519  1.00 10.70 ? 672  VAL A CB  1 
ATOM   68   C CG1 . VAL A 1 11  ? 2.602   -3.891  -5.001  1.00 13.30 ? 672  VAL A CG1 1 
ATOM   69   C CG2 . VAL A 1 11  ? 3.898   -2.911  -3.097  1.00 13.67 ? 672  VAL A CG2 1 
ATOM   70   N N   . PHE A 1 12  ? 7.046   -4.394  -3.318  1.00 10.43 ? 673  PHE A N   1 
ATOM   71   C CA  . PHE A 1 12  ? 8.322   -3.772  -2.928  1.00 11.94 ? 673  PHE A CA  1 
ATOM   72   C C   . PHE A 1 12  ? 9.149   -4.699  -2.051  1.00 13.11 ? 673  PHE A C   1 
ATOM   73   O O   . PHE A 1 12  ? 8.619   -5.370  -1.165  1.00 10.53 ? 673  PHE A O   1 
ATOM   74   C CB  . PHE A 1 12  ? 8.029   -2.455  -2.194  1.00 12.11 ? 673  PHE A CB  1 
ATOM   75   C CG  . PHE A 1 12  ? 9.250   -1.753  -1.647  1.00 12.33 ? 673  PHE A CG  1 
ATOM   76   C CD1 . PHE A 1 12  ? 9.960   -0.861  -2.433  1.00 12.84 ? 673  PHE A CD1 1 
ATOM   77   C CD2 . PHE A 1 12  ? 9.651   -1.957  -0.336  1.00 11.54 ? 673  PHE A CD2 1 
ATOM   78   C CE1 . PHE A 1 12  ? 11.064  -0.195  -1.933  1.00 10.60 ? 673  PHE A CE1 1 
ATOM   79   C CE2 . PHE A 1 12  ? 10.764  -1.294  0.176   1.00 11.37 ? 673  PHE A CE2 1 
ATOM   80   C CZ  . PHE A 1 12  ? 11.464  -0.414  -0.628  1.00 11.40 ? 673  PHE A CZ  1 
ATOM   81   N N   . GLU A 1 13  ? 10.449  -4.764  -2.321  1.00 15.20 ? 674  GLU A N   1 
ATOM   82   C CA  A GLU A 1 13  ? 11.376  -5.467  -1.441  0.48 11.36 ? 674  GLU A CA  1 
ATOM   83   C CA  B GLU A 1 13  ? 11.369  -5.462  -1.441  0.52 11.34 ? 674  GLU A CA  1 
ATOM   84   C C   . GLU A 1 13  ? 12.739  -4.800  -1.502  1.00 10.40 ? 674  GLU A C   1 
ATOM   85   O O   . GLU A 1 13  ? 13.321  -4.644  -2.575  1.00 15.41 ? 674  GLU A O   1 
ATOM   86   C CB  A GLU A 1 13  ? 11.519  -6.951  -1.800  0.48 14.45 ? 674  GLU A CB  1 
ATOM   87   C CB  B GLU A 1 13  ? 11.498  -6.942  -1.802  0.52 14.45 ? 674  GLU A CB  1 
ATOM   88   C CG  A GLU A 1 13  ? 12.357  -7.760  -0.788  0.48 13.98 ? 674  GLU A CG  1 
ATOM   89   C CG  B GLU A 1 13  ? 12.453  -7.684  -0.873  0.52 13.90 ? 674  GLU A CG  1 
ATOM   90   C CD  A GLU A 1 13  ? 13.865  -7.571  -0.949  0.48 18.76 ? 674  GLU A CD  1 
ATOM   91   C CD  B GLU A 1 13  ? 12.672  -9.130  -1.271  0.52 25.15 ? 674  GLU A CD  1 
ATOM   92   O OE1 A GLU A 1 13  ? 14.308  -7.297  -2.083  0.48 23.54 ? 674  GLU A OE1 1 
ATOM   93   O OE1 B GLU A 1 13  ? 11.883  -9.651  -2.087  0.52 18.61 ? 674  GLU A OE1 1 
ATOM   94   O OE2 A GLU A 1 13  ? 14.604  -7.681  0.059   0.48 14.28 ? 674  GLU A OE2 1 
ATOM   95   O OE2 B GLU A 1 13  ? 13.640  -9.743  -0.766  0.52 19.17 ? 674  GLU A OE2 1 
ATOM   96   N N   . ARG A 1 14  ? 13.244  -4.414  -0.349  1.00 11.59 ? 675  ARG A N   1 
ATOM   97   C CA  . ARG A 1 14  ? 14.571  -3.820  -0.301  1.00 8.04  ? 675  ARG A CA  1 
ATOM   98   C C   . ARG A 1 14  ? 15.249  -4.179  1.013   1.00 12.54 ? 675  ARG A C   1 
ATOM   99   O O   . ARG A 1 14  ? 14.765  -3.805  2.081   1.00 9.13  ? 675  ARG A O   1 
ATOM   100  C CB  . ARG A 1 14  ? 14.476  -2.306  -0.472  1.00 7.42  ? 675  ARG A CB  1 
ATOM   101  C CG  . ARG A 1 14  ? 15.803  -1.603  -0.212  1.00 9.15  ? 675  ARG A CG  1 
ATOM   102  C CD  . ARG A 1 14  ? 15.707  -0.105  -0.434  1.00 11.48 ? 675  ARG A CD  1 
ATOM   103  N NE  . ARG A 1 14  ? 16.855  0.569   0.168   1.00 11.30 ? 675  ARG A NE  1 
ATOM   104  C CZ  . ARG A 1 14  ? 17.100  1.867   0.059   1.00 9.50  ? 675  ARG A CZ  1 
ATOM   105  N NH1 . ARG A 1 14  ? 16.287  2.637   -0.658  1.00 8.83  ? 675  ARG A NH1 1 
ATOM   106  N NH2 . ARG A 1 14  ? 18.163  2.384   0.675   1.00 11.12 ? 675  ARG A NH2 1 
ATOM   107  N N   . GLU A 1 15  ? 16.352  -4.923  0.917   1.00 13.06 ? 676  GLU A N   1 
ATOM   108  C CA  . GLU A 1 15  ? 17.159  -5.313  2.074   1.00 11.09 ? 676  GLU A CA  1 
ATOM   109  C C   . GLU A 1 15  ? 16.319  -5.918  3.191   1.00 14.60 ? 676  GLU A C   1 
ATOM   110  O O   . GLU A 1 15  ? 16.519  -5.630  4.372   1.00 15.86 ? 676  GLU A O   1 
ATOM   111  C CB  . GLU A 1 15  ? 18.000  -4.123  2.563   1.00 13.72 ? 676  GLU A CB  1 
ATOM   112  C CG  . GLU A 1 15  ? 18.857  -3.523  1.457   1.00 16.38 ? 676  GLU A CG  1 
ATOM   113  C CD  . GLU A 1 15  ? 19.543  -2.225  1.854   1.00 32.40 ? 676  GLU A CD  1 
ATOM   114  O OE1 . GLU A 1 15  ? 18.929  -1.143  1.696   1.00 30.70 ? 676  GLU A OE1 1 
ATOM   115  O OE2 . GLU A 1 15  ? 20.702  -2.288  2.312   1.00 38.17 ? 676  GLU A OE2 1 
ATOM   116  N N   . GLY A 1 16  ? 15.373  -6.766  2.804   1.00 9.13  ? 677  GLY A N   1 
ATOM   117  C CA  . GLY A 1 16  ? 14.584  -7.493  3.777   1.00 12.30 ? 677  GLY A CA  1 
ATOM   118  C C   . GLY A 1 16  ? 13.269  -6.833  4.151   1.00 12.00 ? 677  GLY A C   1 
ATOM   119  O O   . GLY A 1 16  ? 12.444  -7.466  4.812   1.00 14.24 ? 677  GLY A O   1 
ATOM   120  N N   . VAL A 1 17  ? 13.066  -5.583  3.742   1.00 10.12 ? 678  VAL A N   1 
ATOM   121  C CA  . VAL A 1 17  ? 11.801  -4.881  4.001   1.00 10.66 ? 678  VAL A CA  1 
ATOM   122  C C   . VAL A 1 17  ? 10.855  -5.076  2.824   1.00 9.61  ? 678  VAL A C   1 
ATOM   123  O O   . VAL A 1 17  ? 11.220  -4.827  1.672   1.00 9.17  ? 678  VAL A O   1 
ATOM   124  C CB  . VAL A 1 17  ? 12.025  -3.369  4.230   1.00 8.44  ? 678  VAL A CB  1 
ATOM   125  C CG1 . VAL A 1 17  ? 10.743  -2.676  4.618   1.00 9.16  ? 678  VAL A CG1 1 
ATOM   126  C CG2 . VAL A 1 17  ? 13.069  -3.158  5.319   1.00 13.59 ? 678  VAL A CG2 1 
ATOM   127  N N   . GLN A 1 18  ? 9.628   -5.504  3.101   1.00 9.82  ? 679  GLN A N   1 
ATOM   128  C CA  A GLN A 1 18  ? 8.675   -5.783  2.034   0.76 11.83 ? 679  GLN A CA  1 
ATOM   129  C CA  B GLN A 1 18  ? 8.675   -5.777  2.027   0.24 11.80 ? 679  GLN A CA  1 
ATOM   130  C C   . GLN A 1 18  ? 7.374   -5.013  2.207   1.00 10.09 ? 679  GLN A C   1 
ATOM   131  O O   . GLN A 1 18  ? 6.971   -4.716  3.324   1.00 9.64  ? 679  GLN A O   1 
ATOM   132  C CB  A GLN A 1 18  ? 8.376   -7.283  1.980   0.76 11.65 ? 679  GLN A CB  1 
ATOM   133  C CB  B GLN A 1 18  ? 8.368   -7.277  1.923   0.24 11.73 ? 679  GLN A CB  1 
ATOM   134  C CG  A GLN A 1 18  ? 9.622   -8.125  1.762   0.76 16.61 ? 679  GLN A CG  1 
ATOM   135  C CG  B GLN A 1 18  ? 9.570   -8.146  1.595   0.24 16.42 ? 679  GLN A CG  1 
ATOM   136  C CD  A GLN A 1 18  ? 9.313   -9.593  1.617   0.76 19.50 ? 679  GLN A CD  1 
ATOM   137  C CD  B GLN A 1 18  ? 10.385  -8.483  2.820   0.24 16.23 ? 679  GLN A CD  1 
ATOM   138  O OE1 A GLN A 1 18  ? 9.802   -10.251 0.702   0.76 31.05 ? 679  GLN A OE1 1 
ATOM   139  O OE1 B GLN A 1 18  ? 9.923   -8.314  3.949   0.24 13.03 ? 679  GLN A OE1 1 
ATOM   140  N NE2 A GLN A 1 18  ? 8.500   -10.119 2.522   0.76 20.38 ? 679  GLN A NE2 1 
ATOM   141  N NE2 B GLN A 1 18  ? 11.609  -8.958  2.609   0.24 16.14 ? 679  GLN A NE2 1 
ATOM   142  N N   . LEU A 1 19  ? 6.730   -4.693  1.089   1.00 9.00  ? 680  LEU A N   1 
ATOM   143  C CA  . LEU A 1 19  ? 5.410   -4.086  1.123   1.00 5.60  ? 680  LEU A CA  1 
ATOM   144  C C   . LEU A 1 19  ? 4.531   -4.948  0.259   1.00 8.84  ? 680  LEU A C   1 
ATOM   145  O O   . LEU A 1 19  ? 4.891   -5.302  -0.867  1.00 9.21  ? 680  LEU A O   1 
ATOM   146  C CB  . LEU A 1 19  ? 5.385   -2.655  0.597   1.00 10.60 ? 680  LEU A CB  1 
ATOM   147  C CG  . LEU A 1 19  ? 4.106   -1.909  1.013   1.00 15.28 ? 680  LEU A CG  1 
ATOM   148  C CD1 . LEU A 1 19  ? 4.092   -1.693  2.520   1.00 18.21 ? 680  LEU A CD1 1 
ATOM   149  C CD2 . LEU A 1 19  ? 3.963   -0.575  0.282   1.00 19.73 ? 680  LEU A CD2 1 
ATOM   150  N N   . ASN A 1 20  ? 3.383   -5.282  0.811   1.00 7.37  ? 681  ASN A N   1 
ATOM   151  C CA  . ASN A 1 20  ? 2.422   -6.160  0.150   1.00 8.05  ? 681  ASN A CA  1 
ATOM   152  C C   . ASN A 1 20  ? 1.066   -5.484  0.095   1.00 9.31  ? 681  ASN A C   1 
ATOM   153  O O   . ASN A 1 20  ? 0.667   -4.807  1.048   1.00 7.66  ? 681  ASN A O   1 
ATOM   154  C CB  . ASN A 1 20  ? 2.309   -7.457  0.946   1.00 9.60  ? 681  ASN A CB  1 
ATOM   155  C CG  . ASN A 1 20  ? 1.328   -8.434  0.336   1.00 9.82  ? 681  ASN A CG  1 
ATOM   156  O OD1 . ASN A 1 20  ? 1.627   -9.081  -0.661  1.00 11.70 ? 681  ASN A OD1 1 
ATOM   157  N ND2 . ASN A 1 20  ? 0.150   -8.554  0.947   1.00 10.46 ? 681  ASN A ND2 1 
ATOM   158  N N   . LEU A 1 21  ? 0.348   -5.677  -1.014  1.00 10.02 ? 682  LEU A N   1 
ATOM   159  C CA  . LEU A 1 21  ? -1.027  -5.189  -1.129  1.00 9.25  ? 682  LEU A CA  1 
ATOM   160  C C   . LEU A 1 21  ? -2.024  -6.342  -1.079  1.00 7.52  ? 682  LEU A C   1 
ATOM   161  O O   . LEU A 1 21  ? -1.818  -7.373  -1.708  1.00 10.31 ? 682  LEU A O   1 
ATOM   162  C CB  . LEU A 1 21  ? -1.242  -4.431  -2.440  1.00 12.57 ? 682  LEU A CB  1 
ATOM   163  C CG  . LEU A 1 21  ? -0.315  -3.253  -2.755  1.00 16.61 ? 682  LEU A CG  1 
ATOM   164  C CD1 . LEU A 1 21  ? -0.796  -2.506  -3.995  1.00 12.77 ? 682  LEU A CD1 1 
ATOM   165  C CD2 . LEU A 1 21  ? -0.206  -2.327  -1.565  1.00 18.56 ? 682  LEU A CD2 1 
ATOM   166  N N   . SER A 1 22  ? -3.097  -6.145  -0.318  1.00 9.51  ? 683  SER A N   1 
ATOM   167  C CA  . SER A 1 22  ? -4.254  -7.044  -0.336  1.00 9.56  ? 683  SER A CA  1 
ATOM   168  C C   . SER A 1 22  ? -5.457  -6.254  -0.831  1.00 12.27 ? 683  SER A C   1 
ATOM   169  O O   . SER A 1 22  ? -5.535  -5.050  -0.599  1.00 11.78 ? 683  SER A O   1 
ATOM   170  C CB  . SER A 1 22  ? -4.541  -7.555  1.068   1.00 14.15 ? 683  SER A CB  1 
ATOM   171  O OG  . SER A 1 22  ? -3.437  -8.254  1.589   1.00 20.71 ? 683  SER A OG  1 
ATOM   172  N N   . PHE A 1 23  ? -6.401  -6.930  -1.490  1.00 10.07 ? 684  PHE A N   1 
ATOM   173  C CA  . PHE A 1 23  ? -7.519  -6.240  -2.119  1.00 11.30 ? 684  PHE A CA  1 
ATOM   174  C C   . PHE A 1 23  ? -8.805  -6.909  -1.713  1.00 12.00 ? 684  PHE A C   1 
ATOM   175  O O   . PHE A 1 23  ? -8.902  -8.134  -1.728  1.00 11.36 ? 684  PHE A O   1 
ATOM   176  C CB  . PHE A 1 23  ? -7.427  -6.318  -3.652  1.00 12.27 ? 684  PHE A CB  1 
ATOM   177  C CG  . PHE A 1 23  ? -6.095  -5.882  -4.209  1.00 13.23 ? 684  PHE A CG  1 
ATOM   178  C CD1 . PHE A 1 23  ? -5.081  -6.804  -4.392  1.00 11.92 ? 684  PHE A CD1 1 
ATOM   179  C CD2 . PHE A 1 23  ? -5.870  -4.561  -4.559  1.00 11.20 ? 684  PHE A CD2 1 
ATOM   180  C CE1 . PHE A 1 23  ? -3.856  -6.414  -4.904  1.00 15.01 ? 684  PHE A CE1 1 
ATOM   181  C CE2 . PHE A 1 23  ? -4.643  -4.162  -5.080  1.00 14.12 ? 684  PHE A CE2 1 
ATOM   182  C CZ  . PHE A 1 23  ? -3.638  -5.096  -5.251  1.00 13.23 ? 684  PHE A CZ  1 
ATOM   183  N N   . ILE A 1 24  ? -9.785  -6.098  -1.353  1.00 7.87  ? 685  ILE A N   1 
ATOM   184  C CA  . ILE A 1 24  ? -11.131 -6.601  -1.146  1.00 7.83  ? 685  ILE A CA  1 
ATOM   185  C C   . ILE A 1 24  ? -12.115 -5.748  -1.944  1.00 13.00 ? 685  ILE A C   1 
ATOM   186  O O   . ILE A 1 24  ? -12.051 -4.524  -1.913  1.00 10.27 ? 685  ILE A O   1 
ATOM   187  C CB  . ILE A 1 24  ? -11.495 -6.595  0.345   1.00 11.53 ? 685  ILE A CB  1 
ATOM   188  C CG1 . ILE A 1 24  ? -10.721 -7.692  1.082   1.00 19.58 ? 685  ILE A CG1 1 
ATOM   189  C CG2 . ILE A 1 24  ? -13.002 -6.786  0.520   1.00 12.72 ? 685  ILE A CG2 1 
ATOM   190  C CD1 . ILE A 1 24  ? -10.897 -7.670  2.584   1.00 24.34 ? 685  ILE A CD1 1 
ATOM   191  N N   . ARG A 1 25  ? -13.011 -6.408  -2.679  1.00 11.46 ? 686  ARG A N   1 
ATOM   192  C CA  . ARG A 1 25  ? -14.079 -5.720  -3.393  1.00 11.84 ? 686  ARG A CA  1 
ATOM   193  C C   . ARG A 1 25  ? -15.391 -6.190  -2.793  1.00 8.38  ? 686  ARG A C   1 
ATOM   194  O O   . ARG A 1 25  ? -15.928 -7.221  -3.215  1.00 12.67 ? 686  ARG A O   1 
ATOM   195  C CB  . ARG A 1 25  ? -14.072 -6.080  -4.879  1.00 10.90 ? 686  ARG A CB  1 
ATOM   196  C CG  . ARG A 1 25  ? -12.952 -5.458  -5.718  1.00 13.42 ? 686  ARG A CG  1 
ATOM   197  C CD  . ARG A 1 25  ? -13.185 -3.986  -6.062  1.00 12.53 ? 686  ARG A CD  1 
ATOM   198  N NE  . ARG A 1 25  ? -14.455 -3.711  -6.751  1.00 17.12 ? 686  ARG A NE  1 
ATOM   199  C CZ  . ARG A 1 25  ? -14.646 -3.804  -8.067  1.00 15.51 ? 686  ARG A CZ  1 
ATOM   200  N NH1 . ARG A 1 25  ? -13.672 -4.213  -8.866  1.00 15.72 ? 686  ARG A NH1 1 
ATOM   201  N NH2 . ARG A 1 25  ? -15.827 -3.501  -8.590  1.00 17.88 ? 686  ARG A NH2 1 
ATOM   202  N N   . PRO A 1 26  ? -15.909 -5.454  -1.798  1.00 11.38 ? 687  PRO A N   1 
ATOM   203  C CA  . PRO A 1 26  ? -17.167 -5.906  -1.194  1.00 10.07 ? 687  PRO A CA  1 
ATOM   204  C C   . PRO A 1 26  ? -18.284 -5.977  -2.230  1.00 11.23 ? 687  PRO A C   1 
ATOM   205  O O   . PRO A 1 26  ? -18.558 -5.001  -2.914  1.00 10.32 ? 687  PRO A O   1 
ATOM   206  C CB  . PRO A 1 26  ? -17.472 -4.816  -0.163  1.00 12.14 ? 687  PRO A CB  1 
ATOM   207  C CG  . PRO A 1 26  ? -16.115 -4.165  0.118   1.00 10.63 ? 687  PRO A CG  1 
ATOM   208  C CD  . PRO A 1 26  ? -15.440 -4.184  -1.217  1.00 10.71 ? 687  PRO A CD  1 
ATOM   209  N N   . PRO A 1 27  ? -18.928 -7.145  -2.349  1.00 12.21 ? 688  PRO A N   1 
ATOM   210  C CA  . PRO A 1 27  ? -19.999 -7.286  -3.337  1.00 12.52 ? 688  PRO A CA  1 
ATOM   211  C C   . PRO A 1 27  ? -21.143 -6.298  -3.102  1.00 10.37 ? 688  PRO A C   1 
ATOM   212  O O   . PRO A 1 27  ? -21.760 -5.856  -4.069  1.00 13.08 ? 688  PRO A O   1 
ATOM   213  C CB  . PRO A 1 27  ? -20.472 -8.727  -3.126  1.00 12.08 ? 688  PRO A CB  1 
ATOM   214  C CG  . PRO A 1 27  ? -19.295 -9.436  -2.547  1.00 15.82 ? 688  PRO A CG  1 
ATOM   215  C CD  . PRO A 1 27  ? -18.616 -8.413  -1.674  1.00 16.38 ? 688  PRO A CD  1 
ATOM   216  N N   . GLU A 1 28  ? -21.395 -5.938  -1.845  1.00 9.67  ? 689  GLU A N   1 
ATOM   217  C CA  . GLU A 1 28  ? -22.501 -5.043  -1.515  1.00 14.58 ? 689  GLU A CA  1 
ATOM   218  C C   . GLU A 1 28  ? -22.227 -3.588  -1.898  1.00 10.91 ? 689  GLU A C   1 
ATOM   219  O O   . GLU A 1 28  ? -23.112 -2.748  -1.831  1.00 9.10  ? 689  GLU A O   1 
ATOM   220  C CB  . GLU A 1 28  ? -22.892 -5.160  -0.032  1.00 11.16 ? 689  GLU A CB  1 
ATOM   221  C CG  . GLU A 1 28  ? -21.855 -4.641  0.975   1.00 14.61 ? 689  GLU A CG  1 
ATOM   222  C CD  . GLU A 1 28  ? -20.874 -5.722  1.425   1.00 16.36 ? 689  GLU A CD  1 
ATOM   223  O OE1 . GLU A 1 28  ? -20.653 -6.691  0.661   1.00 14.14 ? 689  GLU A OE1 1 
ATOM   224  O OE2 . GLU A 1 28  ? -20.346 -5.612  2.552   1.00 21.81 ? 689  GLU A OE2 1 
ATOM   225  N N   . ASN A 1 29  ? -20.987 -3.279  -2.273  1.00 10.20 ? 690  ASN A N   1 
ATOM   226  C CA  . ASN A 1 29  ? -20.691 -1.939  -2.761  1.00 8.46  ? 690  ASN A CA  1 
ATOM   227  C C   . ASN A 1 29  ? -19.672 -2.022  -3.869  1.00 10.90 ? 690  ASN A C   1 
ATOM   228  O O   . ASN A 1 29  ? -18.477 -1.922  -3.612  1.00 9.13  ? 690  ASN A O   1 
ATOM   229  C CB  . ASN A 1 29  ? -20.180 -1.052  -1.625  1.00 13.07 ? 690  ASN A CB  1 
ATOM   230  C CG  . ASN A 1 29  ? -19.944 0.379   -2.067  1.00 11.11 ? 690  ASN A CG  1 
ATOM   231  O OD1 . ASN A 1 29  ? -20.113 0.716   -3.241  1.00 12.96 ? 690  ASN A OD1 1 
ATOM   232  N ND2 . ASN A 1 29  ? -19.592 1.236   -1.120  1.00 9.81  ? 690  ASN A ND2 1 
ATOM   233  N N   . PRO A 1 30  ? -20.133 -2.232  -5.106  1.00 11.78 ? 691  PRO A N   1 
ATOM   234  C CA  . PRO A 1 30  ? -19.222 -2.463  -6.231  1.00 15.27 ? 691  PRO A CA  1 
ATOM   235  C C   . PRO A 1 30  ? -18.250 -1.312  -6.501  1.00 12.44 ? 691  PRO A C   1 
ATOM   236  O O   . PRO A 1 30  ? -17.179 -1.566  -7.047  1.00 15.82 ? 691  PRO A O   1 
ATOM   237  C CB  . PRO A 1 30  ? -20.178 -2.662  -7.411  1.00 13.95 ? 691  PRO A CB  1 
ATOM   238  C CG  . PRO A 1 30  ? -21.388 -3.307  -6.771  1.00 15.74 ? 691  PRO A CG  1 
ATOM   239  C CD  . PRO A 1 30  ? -21.529 -2.592  -5.445  1.00 10.91 ? 691  PRO A CD  1 
ATOM   240  N N   . ALA A 1 31  ? -18.605 -0.087  -6.125  1.00 11.08 ? 692  ALA A N   1 
ATOM   241  C CA  . ALA A 1 31  ? -17.726 1.062   -6.379  1.00 13.46 ? 692  ALA A CA  1 
ATOM   242  C C   . ALA A 1 31  ? -16.538 1.135   -5.433  1.00 11.89 ? 692  ALA A C   1 
ATOM   243  O O   . ALA A 1 31  ? -15.630 1.952   -5.627  1.00 16.17 ? 692  ALA A O   1 
ATOM   244  C CB  . ALA A 1 31  ? -18.509 2.364   -6.319  1.00 14.21 ? 692  ALA A CB  1 
ATOM   245  N N   . LEU A 1 32  ? -16.547 0.305   -4.402  1.00 10.63 ? 693  LEU A N   1 
ATOM   246  C CA  . LEU A 1 32  ? -15.553 0.406   -3.339  1.00 9.95  ? 693  LEU A CA  1 
ATOM   247  C C   . LEU A 1 32  ? -14.474 -0.654  -3.484  1.00 11.17 ? 693  LEU A C   1 
ATOM   248  O O   . LEU A 1 32  ? -14.761 -1.820  -3.726  1.00 10.63 ? 693  LEU A O   1 
ATOM   249  C CB  . LEU A 1 32  ? -16.231 0.260   -1.976  1.00 8.56  ? 693  LEU A CB  1 
ATOM   250  C CG  . LEU A 1 32  ? -15.315 0.193   -0.752  1.00 10.84 ? 693  LEU A CG  1 
ATOM   251  C CD1 . LEU A 1 32  ? -14.567 1.513   -0.575  1.00 14.51 ? 693  LEU A CD1 1 
ATOM   252  C CD2 . LEU A 1 32  ? -16.087 -0.166  0.504   1.00 14.93 ? 693  LEU A CD2 1 
ATOM   253  N N   . LEU A 1 33  ? -13.223 -0.238  -3.323  1.00 10.65 ? 694  LEU A N   1 
ATOM   254  C CA  . LEU A 1 33  ? -12.117 -1.175  -3.240  1.00 13.11 ? 694  LEU A CA  1 
ATOM   255  C C   . LEU A 1 33  ? -11.396 -0.873  -1.945  1.00 9.91  ? 694  LEU A C   1 
ATOM   256  O O   . LEU A 1 33  ? -11.134 0.295   -1.630  1.00 11.29 ? 694  LEU A O   1 
ATOM   257  C CB  . LEU A 1 33  ? -11.158 -1.002  -4.415  1.00 10.94 ? 694  LEU A CB  1 
ATOM   258  C CG  . LEU A 1 33  ? -9.784  -1.664  -4.273  1.00 10.21 ? 694  LEU A CG  1 
ATOM   259  C CD1 . LEU A 1 33  ? -9.910  -3.187  -4.342  1.00 13.30 ? 694  LEU A CD1 1 
ATOM   260  C CD2 . LEU A 1 33  ? -8.828  -1.154  -5.343  1.00 15.06 ? 694  LEU A CD2 1 
ATOM   261  N N   . LEU A 1 34  ? -11.111 -1.917  -1.179  1.00 9.92  ? 695  LEU A N   1 
ATOM   262  C CA  . LEU A 1 34  ? -10.309 -1.770  0.028   1.00 9.95  ? 695  LEU A CA  1 
ATOM   263  C C   . LEU A 1 34  ? -8.936  -2.345  -0.239  1.00 7.98  ? 695  LEU A C   1 
ATOM   264  O O   . LEU A 1 34  ? -8.805  -3.525  -0.556  1.00 9.58  ? 695  LEU A O   1 
ATOM   265  C CB  . LEU A 1 34  ? -10.946 -2.534  1.188   1.00 8.92  ? 695  LEU A CB  1 
ATOM   266  C CG  . LEU A 1 34  ? -12.353 -2.064  1.548   1.00 10.04 ? 695  LEU A CG  1 
ATOM   267  C CD1 . LEU A 1 34  ? -12.925 -2.934  2.668   1.00 16.07 ? 695  LEU A CD1 1 
ATOM   268  C CD2 . LEU A 1 34  ? -12.273 -0.619  1.953   1.00 14.32 ? 695  LEU A CD2 1 
ATOM   269  N N   . ILE A 1 35  ? -7.908  -1.514  -0.101  1.00 8.60  ? 696  ILE A N   1 
ATOM   270  C CA  . ILE A 1 35  ? -6.550  -2.018  -0.195  1.00 11.74 ? 696  ILE A CA  1 
ATOM   271  C C   . ILE A 1 35  ? -5.885  -1.934  1.168   1.00 9.86  ? 696  ILE A C   1 
ATOM   272  O O   . ILE A 1 35  ? -5.864  -0.870  1.788   1.00 11.96 ? 696  ILE A O   1 
ATOM   273  C CB  . ILE A 1 35  ? -5.713  -1.211  -1.180  1.00 11.38 ? 696  ILE A CB  1 
ATOM   274  C CG1 . ILE A 1 35  ? -6.298  -1.306  -2.586  1.00 14.68 ? 696  ILE A CG1 1 
ATOM   275  C CG2 . ILE A 1 35  ? -4.252  -1.713  -1.166  1.00 11.51 ? 696  ILE A CG2 1 
ATOM   276  C CD1 . ILE A 1 35  ? -5.434  -0.613  -3.630  1.00 16.65 ? 696  ILE A CD1 1 
ATOM   277  N N   . THR A 1 36  ? -5.361  -3.057  1.647   1.00 10.92 ? 697  THR A N   1 
ATOM   278  C CA  . THR A 1 36  ? -4.560  -3.033  2.865   1.00 8.68  ? 697  THR A CA  1 
ATOM   279  C C   . THR A 1 36  ? -3.106  -3.209  2.490   1.00 8.05  ? 697  THR A C   1 
ATOM   280  O O   . THR A 1 36  ? -2.740  -4.203  1.871   1.00 9.67  ? 697  THR A O   1 
ATOM   281  C CB  . THR A 1 36  ? -4.949  -4.164  3.823   1.00 15.64 ? 697  THR A CB  1 
ATOM   282  O OG1 . THR A 1 36  ? -6.323  -4.012  4.217   1.00 16.29 ? 697  THR A OG1 1 
ATOM   283  C CG2 . THR A 1 36  ? -4.056  -4.162  5.059   1.00 15.20 ? 697  THR A CG2 1 
ATOM   284  N N   . ILE A 1 37  ? -2.276  -2.245  2.867   1.00 10.36 ? 698  ILE A N   1 
ATOM   285  C CA  . ILE A 1 37  ? -0.848  -2.390  2.673   1.00 7.20  ? 698  ILE A CA  1 
ATOM   286  C C   . ILE A 1 37  ? -0.276  -3.028  3.924   1.00 7.45  ? 698  ILE A C   1 
ATOM   287  O O   . ILE A 1 37  ? -0.728  -2.745  5.031   1.00 12.04 ? 698  ILE A O   1 
ATOM   288  C CB  . ILE A 1 37  ? -0.180  -1.030  2.435   1.00 11.05 ? 698  ILE A CB  1 
ATOM   289  C CG1 . ILE A 1 37  ? -0.302  -0.158  3.678   1.00 17.86 ? 698  ILE A CG1 1 
ATOM   290  C CG2 . ILE A 1 37  ? -0.845  -0.339  1.280   1.00 12.62 ? 698  ILE A CG2 1 
ATOM   291  C CD1 . ILE A 1 37  ? 1.004   0.394   4.161   1.00 28.17 ? 698  ILE A CD1 1 
ATOM   292  N N   . THR A 1 38  ? 0.695   -3.920  3.746   1.00 7.89  ? 699  THR A N   1 
ATOM   293  C CA  . THR A 1 38  ? 1.323   -4.584  4.876   1.00 6.53  ? 699  THR A CA  1 
ATOM   294  C C   . THR A 1 38  ? 2.825   -4.483  4.686   1.00 7.56  ? 699  THR A C   1 
ATOM   295  O O   . THR A 1 38  ? 3.337   -4.924  3.665   1.00 9.03  ? 699  THR A O   1 
ATOM   296  C CB  . THR A 1 38  ? 0.928   -6.083  4.935   1.00 5.95  ? 699  THR A CB  1 
ATOM   297  O OG1 . THR A 1 38  ? -0.494  -6.204  5.118   1.00 11.35 ? 699  THR A OG1 1 
ATOM   298  C CG2 . THR A 1 38  ? 1.627   -6.781  6.081   1.00 10.13 ? 699  THR A CG2 1 
ATOM   299  N N   . ALA A 1 39  ? 3.512   -3.871  5.650   1.00 7.20  ? 700  ALA A N   1 
ATOM   300  C CA  . ALA A 1 39  ? 4.966   -3.742  5.601   1.00 11.06 ? 700  ALA A CA  1 
ATOM   301  C C   . ALA A 1 39  ? 5.577   -4.756  6.548   1.00 8.81  ? 700  ALA A C   1 
ATOM   302  O O   . ALA A 1 39  ? 5.194   -4.824  7.716   1.00 10.69 ? 700  ALA A O   1 
ATOM   303  C CB  . ALA A 1 39  ? 5.383   -2.336  6.003   1.00 7.16  ? 700  ALA A CB  1 
ATOM   304  N N   . THR A 1 40  ? 6.504   -5.563  6.037   1.00 7.61  ? 701  THR A N   1 
ATOM   305  C CA  . THR A 1 40  ? 7.176   -6.565  6.852   1.00 7.11  ? 701  THR A CA  1 
ATOM   306  C C   . THR A 1 40  ? 8.675   -6.326  6.782   1.00 9.39  ? 701  THR A C   1 
ATOM   307  O O   . THR A 1 40  ? 9.151   -5.568  5.939   1.00 9.44  ? 701  THR A O   1 
ATOM   308  C CB  . THR A 1 40  ? 6.848   -8.004  6.416   1.00 6.51  ? 701  THR A CB  1 
ATOM   309  O OG1 . THR A 1 40  ? 7.036   -8.134  5.001   1.00 7.97  ? 701  THR A OG1 1 
ATOM   310  C CG2 . THR A 1 40  ? 5.397   -8.343  6.767   1.00 6.72  ? 701  THR A CG2 1 
ATOM   311  N N   . ASN A 1 41  ? 9.402   -6.975  7.676   1.00 9.34  ? 702  ASN A N   1 
ATOM   312  C CA  . ASN A 1 41  ? 10.833  -6.726  7.832   1.00 8.76  ? 702  ASN A CA  1 
ATOM   313  C C   . ASN A 1 41  ? 11.511  -7.991  8.307   1.00 8.56  ? 702  ASN A C   1 
ATOM   314  O O   . ASN A 1 41  ? 11.347  -8.389  9.459   1.00 12.52 ? 702  ASN A O   1 
ATOM   315  C CB  . ASN A 1 41  ? 11.065  -5.614  8.850   1.00 10.03 ? 702  ASN A CB  1 
ATOM   316  C CG  . ASN A 1 41  ? 12.535  -5.304  9.055   1.00 10.79 ? 702  ASN A CG  1 
ATOM   317  O OD1 . ASN A 1 41  ? 13.396  -5.792  8.315   1.00 11.22 ? 702  ASN A OD1 1 
ATOM   318  N ND2 . ASN A 1 41  ? 12.833  -4.488  10.073  1.00 9.62  ? 702  ASN A ND2 1 
ATOM   319  N N   . PHE A 1 42  ? 12.268  -8.625  7.418   1.00 10.94 ? 703  PHE A N   1 
ATOM   320  C CA  . PHE A 1 42  ? 12.964  -9.864  7.739   1.00 12.04 ? 703  PHE A CA  1 
ATOM   321  C C   . PHE A 1 42  ? 14.465  -9.665  7.877   1.00 10.99 ? 703  PHE A C   1 
ATOM   322  O O   . PHE A 1 42  ? 15.222  -10.630 8.016   1.00 13.29 ? 703  PHE A O   1 
ATOM   323  C CB  . PHE A 1 42  ? 12.634  -10.929 6.708   1.00 13.50 ? 703  PHE A CB  1 
ATOM   324  C CG  . PHE A 1 42  ? 11.204  -11.328 6.754   1.00 14.09 ? 703  PHE A CG  1 
ATOM   325  C CD1 . PHE A 1 42  ? 10.751  -12.130 7.781   1.00 18.02 ? 703  PHE A CD1 1 
ATOM   326  C CD2 . PHE A 1 42  ? 10.297  -10.839 5.834   1.00 23.53 ? 703  PHE A CD2 1 
ATOM   327  C CE1 . PHE A 1 42  ? 9.420   -12.486 7.864   1.00 28.24 ? 703  PHE A CE1 1 
ATOM   328  C CE2 . PHE A 1 42  ? 8.963   -11.195 5.911   1.00 15.10 ? 703  PHE A CE2 1 
ATOM   329  C CZ  . PHE A 1 42  ? 8.528   -12.010 6.933   1.00 19.86 ? 703  PHE A CZ  1 
ATOM   330  N N   . SER A 1 43  ? 14.869  -8.401  7.874   1.00 10.12 ? 704  SER A N   1 
ATOM   331  C CA  . SER A 1 43  ? 16.278  -8.030  8.016   1.00 11.18 ? 704  SER A CA  1 
ATOM   332  C C   . SER A 1 43  ? 16.709  -8.048  9.468   1.00 13.06 ? 704  SER A C   1 
ATOM   333  O O   . SER A 1 43  ? 15.909  -8.279  10.364  1.00 12.32 ? 704  SER A O   1 
ATOM   334  C CB  . SER A 1 43  ? 16.520  -6.625  7.475   1.00 12.84 ? 704  SER A CB  1 
ATOM   335  O OG  . SER A 1 43  ? 16.074  -5.645  8.398   1.00 9.80  ? 704  SER A OG  1 
ATOM   336  N N   . GLU A 1 44  ? 17.992  -7.771  9.688   1.00 11.63 ? 705  GLU A N   1 
ATOM   337  C CA  . GLU A 1 44  ? 18.548  -7.734  11.030  1.00 16.60 ? 705  GLU A CA  1 
ATOM   338  C C   . GLU A 1 44  ? 18.389  -6.374  11.708  1.00 16.58 ? 705  GLU A C   1 
ATOM   339  O O   . GLU A 1 44  ? 18.847  -6.188  12.832  1.00 17.58 ? 705  GLU A O   1 
ATOM   340  C CB  . GLU A 1 44  ? 20.039  -8.099  10.988  1.00 19.36 ? 705  GLU A CB  1 
ATOM   341  C CG  . GLU A 1 44  ? 20.302  -9.540  10.619  1.00 21.68 ? 705  GLU A CG  1 
ATOM   342  C CD  . GLU A 1 44  ? 19.623  -10.500 11.568  1.00 33.12 ? 705  GLU A CD  1 
ATOM   343  O OE1 . GLU A 1 44  ? 19.804  -10.340 12.794  1.00 39.38 ? 705  GLU A OE1 1 
ATOM   344  O OE2 . GLU A 1 44  ? 18.901  -11.403 11.096  1.00 37.32 ? 705  GLU A OE2 1 
ATOM   345  N N   . GLY A 1 45  ? 17.753  -5.420  11.036  1.00 10.32 ? 706  GLY A N   1 
ATOM   346  C CA  . GLY A 1 45  ? 17.644  -4.082  11.600  1.00 13.42 ? 706  GLY A CA  1 
ATOM   347  C C   . GLY A 1 45  ? 16.215  -3.576  11.537  1.00 11.08 ? 706  GLY A C   1 
ATOM   348  O O   . GLY A 1 45  ? 15.534  -3.783  10.534  1.00 10.31 ? 706  GLY A O   1 
ATOM   349  N N   . ASP A 1 46  ? 15.771  -2.902  12.594  1.00 9.15  ? 707  ASP A N   1 
ATOM   350  C CA  . ASP A 1 46  ? 14.411  -2.351  12.641  1.00 11.43 ? 707  ASP A CA  1 
ATOM   351  C C   . ASP A 1 46  ? 14.154  -1.304  11.560  1.00 12.15 ? 707  ASP A C   1 
ATOM   352  O O   . ASP A 1 46  ? 15.062  -0.566  11.150  1.00 10.36 ? 707  ASP A O   1 
ATOM   353  C CB  . ASP A 1 46  ? 14.121  -1.681  13.985  1.00 11.93 ? 707  ASP A CB  1 
ATOM   354  C CG  . ASP A 1 46  ? 14.168  -2.631  15.146  1.00 11.69 ? 707  ASP A CG  1 
ATOM   355  O OD1 . ASP A 1 46  ? 14.113  -3.859  14.929  1.00 12.87 ? 707  ASP A OD1 1 
ATOM   356  O OD2 . ASP A 1 46  ? 14.252  -2.135  16.294  1.00 11.32 ? 707  ASP A OD2 1 
ATOM   357  N N   . VAL A 1 47  ? 12.900  -1.241  11.121  1.00 8.59  ? 708  VAL A N   1 
ATOM   358  C CA  . VAL A 1 47  ? 12.411  -0.133  10.317  1.00 7.83  ? 708  VAL A CA  1 
ATOM   359  C C   . VAL A 1 47  ? 11.706  0.848   11.240  1.00 11.59 ? 708  VAL A C   1 
ATOM   360  O O   . VAL A 1 47  ? 10.904  0.440   12.075  1.00 11.21 ? 708  VAL A O   1 
ATOM   361  C CB  . VAL A 1 47  ? 11.404  -0.644  9.261   1.00 7.78  ? 708  VAL A CB  1 
ATOM   362  C CG1 . VAL A 1 47  ? 10.679  0.513   8.604   1.00 8.83  ? 708  VAL A CG1 1 
ATOM   363  C CG2 . VAL A 1 47  ? 12.140  -1.482  8.244   1.00 11.86 ? 708  VAL A CG2 1 
ATOM   364  N N   . THR A 1 48  ? 12.026  2.133   11.115  1.00 9.48  ? 709  THR A N   1 
ATOM   365  C CA  . THR A 1 48  ? 11.412  3.152   11.955  1.00 11.35 ? 709  THR A CA  1 
ATOM   366  C C   . THR A 1 48  ? 10.929  4.320   11.120  1.00 11.03 ? 709  THR A C   1 
ATOM   367  O O   . THR A 1 48  ? 11.378  4.504   9.984   1.00 11.94 ? 709  THR A O   1 
ATOM   368  C CB  . THR A 1 48  ? 12.376  3.673   13.051  1.00 11.09 ? 709  THR A CB  1 
ATOM   369  O OG1 . THR A 1 48  ? 13.614  4.092   12.455  1.00 10.35 ? 709  THR A OG1 1 
ATOM   370  C CG2 . THR A 1 48  ? 12.622  2.597   14.091  1.00 12.60 ? 709  THR A CG2 1 
ATOM   371  N N   . HIS A 1 49  ? 10.009  5.099   11.685  1.00 9.65  ? 710  HIS A N   1 
ATOM   372  C CA  . HIS A 1 49  ? 9.488   6.288   11.020  1.00 13.06 ? 710  HIS A CA  1 
ATOM   373  C C   . HIS A 1 49  ? 8.888   5.958   9.658   1.00 12.17 ? 710  HIS A C   1 
ATOM   374  O O   . HIS A 1 49  ? 8.965   6.749   8.724   1.00 12.04 ? 710  HIS A O   1 
ATOM   375  C CB  . HIS A 1 49  ? 10.590  7.337   10.866  1.00 13.14 ? 710  HIS A CB  1 
ATOM   376  C CG  . HIS A 1 49  ? 11.197  7.759   12.166  1.00 22.69 ? 710  HIS A CG  1 
ATOM   377  N ND1 . HIS A 1 49  ? 10.468  8.361   13.167  1.00 26.34 ? 710  HIS A ND1 1 
ATOM   378  C CD2 . HIS A 1 49  ? 12.466  7.659   12.634  1.00 24.51 ? 710  HIS A CD2 1 
ATOM   379  C CE1 . HIS A 1 49  ? 11.261  8.624   14.192  1.00 23.10 ? 710  HIS A CE1 1 
ATOM   380  N NE2 . HIS A 1 49  ? 12.477  8.204   13.895  1.00 24.79 ? 710  HIS A NE2 1 
ATOM   381  N N   . PHE A 1 50  ? 8.294   4.777   9.551   1.00 12.90 ? 711  PHE A N   1 
ATOM   382  C CA  . PHE A 1 50  ? 7.704   4.349   8.295   1.00 12.81 ? 711  PHE A CA  1 
ATOM   383  C C   . PHE A 1 50  ? 6.436   5.141   7.973   1.00 11.84 ? 711  PHE A C   1 
ATOM   384  O O   . PHE A 1 50  ? 5.485   5.190   8.764   1.00 12.29 ? 711  PHE A O   1 
ATOM   385  C CB  . PHE A 1 50  ? 7.411   2.840   8.326   1.00 13.43 ? 711  PHE A CB  1 
ATOM   386  C CG  . PHE A 1 50  ? 6.862   2.298   7.031   1.00 12.40 ? 711  PHE A CG  1 
ATOM   387  C CD1 . PHE A 1 50  ? 7.712   1.847   6.034   1.00 11.81 ? 711  PHE A CD1 1 
ATOM   388  C CD2 . PHE A 1 50  ? 5.491   2.236   6.814   1.00 15.14 ? 711  PHE A CD2 1 
ATOM   389  C CE1 . PHE A 1 50  ? 7.202   1.353   4.839   1.00 10.68 ? 711  PHE A CE1 1 
ATOM   390  C CE2 . PHE A 1 50  ? 4.979   1.747   5.623   1.00 12.53 ? 711  PHE A CE2 1 
ATOM   391  C CZ  . PHE A 1 50  ? 5.827   1.303   4.640   1.00 11.41 ? 711  PHE A CZ  1 
ATOM   392  N N   . ILE A 1 51  ? 6.436   5.754   6.796   1.00 8.84  ? 712  ILE A N   1 
ATOM   393  C CA  . ILE A 1 51  ? 5.257   6.426   6.271   1.00 13.18 ? 712  ILE A CA  1 
ATOM   394  C C   . ILE A 1 51  ? 5.023   5.966   4.849   1.00 14.21 ? 712  ILE A C   1 
ATOM   395  O O   . ILE A 1 51  ? 5.953   5.947   4.041   1.00 11.02 ? 712  ILE A O   1 
ATOM   396  C CB  . ILE A 1 51  ? 5.438   7.963   6.266   1.00 9.69  ? 712  ILE A CB  1 
ATOM   397  C CG1 . ILE A 1 51  ? 5.625   8.478   7.691   1.00 16.66 ? 712  ILE A CG1 1 
ATOM   398  C CG2 . ILE A 1 51  ? 4.242   8.640   5.602   1.00 12.37 ? 712  ILE A CG2 1 
ATOM   399  C CD1 . ILE A 1 51  ? 6.103   9.912   7.754   1.00 17.77 ? 712  ILE A CD1 1 
ATOM   400  N N   . CYS A 1 52  ? 3.783   5.585   4.537   1.00 9.58  ? 713  CYS A N   1 
ATOM   401  C CA  . CYS A 1 52  ? 3.415   5.293   3.165   1.00 15.90 ? 713  CYS A CA  1 
ATOM   402  C C   . CYS A 1 52  ? 2.410   6.333   2.699   1.00 16.52 ? 713  CYS A C   1 
ATOM   403  O O   . CYS A 1 52  ? 1.352   6.504   3.305   1.00 18.06 ? 713  CYS A O   1 
ATOM   404  C CB  . CYS A 1 52  ? 2.814   3.898   3.037   1.00 14.32 ? 713  CYS A CB  1 
ATOM   405  S SG  . CYS A 1 52  ? 2.238   3.512   1.346   1.00 16.25 ? 713  CYS A SG  1 
ATOM   406  N N   . GLN A 1 53  ? 2.766   7.035   1.633   1.00 11.71 ? 714  GLN A N   1 
ATOM   407  C CA  . GLN A 1 53  ? 1.883   8.002   1.003   1.00 16.85 ? 714  GLN A CA  1 
ATOM   408  C C   . GLN A 1 53  ? 1.412   7.421   -0.321  1.00 14.82 ? 714  GLN A C   1 
ATOM   409  O O   . GLN A 1 53  ? 2.143   6.672   -0.963  1.00 13.11 ? 714  GLN A O   1 
ATOM   410  C CB  . GLN A 1 53  ? 2.613   9.323   0.799   1.00 15.96 ? 714  GLN A CB  1 
ATOM   411  C CG  . GLN A 1 53  ? 2.940   10.011  2.109   1.00 16.50 ? 714  GLN A CG  1 
ATOM   412  C CD  . GLN A 1 53  ? 3.697   11.304  1.910   1.00 26.65 ? 714  GLN A CD  1 
ATOM   413  O OE1 . GLN A 1 53  ? 4.910   11.300  1.703   1.00 36.57 ? 714  GLN A OE1 1 
ATOM   414  N NE2 . GLN A 1 53  ? 2.984   12.416  1.964   1.00 36.69 ? 714  GLN A NE2 1 
ATOM   415  N N   . ALA A 1 54  ? 0.177   7.720   -0.716  1.00 13.15 ? 715  ALA A N   1 
ATOM   416  C CA  . ALA A 1 54  ? -0.353  7.126   -1.934  1.00 12.18 ? 715  ALA A CA  1 
ATOM   417  C C   . ALA A 1 54  ? -1.104  8.141   -2.778  1.00 16.38 ? 715  ALA A C   1 
ATOM   418  O O   . ALA A 1 54  ? -1.643  9.114   -2.261  1.00 19.37 ? 715  ALA A O   1 
ATOM   419  C CB  . ALA A 1 54  ? -1.257  5.936   -1.617  1.00 14.40 ? 715  ALA A CB  1 
ATOM   420  N N   . ALA A 1 55  ? -1.128  7.898   -4.085  1.00 15.99 ? 716  ALA A N   1 
ATOM   421  C CA  . ALA A 1 55  ? -1.816  8.781   -5.016  1.00 23.38 ? 716  ALA A CA  1 
ATOM   422  C C   . ALA A 1 55  ? -2.530  7.947   -6.066  1.00 19.73 ? 716  ALA A C   1 
ATOM   423  O O   . ALA A 1 55  ? -2.042  6.893   -6.478  1.00 15.54 ? 716  ALA A O   1 
ATOM   424  C CB  . ALA A 1 55  ? -0.834  9.736   -5.676  1.00 23.86 ? 716  ALA A CB  1 
ATOM   425  N N   . VAL A 1 56  ? -3.703  8.412   -6.480  1.00 18.90 ? 717  VAL A N   1 
ATOM   426  C CA  . VAL A 1 56  ? -4.479  7.736   -7.511  1.00 15.69 ? 717  VAL A CA  1 
ATOM   427  C C   . VAL A 1 56  ? -4.916  8.782   -8.533  1.00 20.32 ? 717  VAL A C   1 
ATOM   428  O O   . VAL A 1 56  ? -4.883  9.977   -8.233  1.00 21.08 ? 717  VAL A O   1 
ATOM   429  C CB  . VAL A 1 56  ? -5.722  7.037   -6.910  1.00 22.71 ? 717  VAL A CB  1 
ATOM   430  C CG1 . VAL A 1 56  ? -5.301  5.928   -5.946  1.00 25.02 ? 717  VAL A CG1 1 
ATOM   431  C CG2 . VAL A 1 56  ? -6.617  8.047   -6.220  1.00 19.94 ? 717  VAL A CG2 1 
ATOM   432  N N   . PRO A 1 57  ? -5.303  8.347   -9.746  1.00 20.36 ? 718  PRO A N   1 
ATOM   433  C CA  . PRO A 1 57  ? -5.776  9.322   -10.740 1.00 26.93 ? 718  PRO A CA  1 
ATOM   434  C C   . PRO A 1 57  ? -6.982  10.100  -10.211 1.00 24.06 ? 718  PRO A C   1 
ATOM   435  O O   . PRO A 1 57  ? -7.685  9.585   -9.343  1.00 21.33 ? 718  PRO A O   1 
ATOM   436  C CB  . PRO A 1 57  ? -6.195  8.442   -11.919 1.00 34.22 ? 718  PRO A CB  1 
ATOM   437  C CG  . PRO A 1 57  ? -5.420  7.171   -11.752 1.00 31.13 ? 718  PRO A CG  1 
ATOM   438  C CD  . PRO A 1 57  ? -5.304  6.967   -10.275 1.00 21.79 ? 718  PRO A CD  1 
ATOM   439  N N   . LYS A 1 58  ? -7.216  11.314  -10.709 1.00 22.55 ? 719  LYS A N   1 
ATOM   440  C CA  . LYS A 1 58  ? -8.284  12.154  -10.168 1.00 27.77 ? 719  LYS A CA  1 
ATOM   441  C C   . LYS A 1 58  ? -9.656  11.641  -10.569 1.00 25.23 ? 719  LYS A C   1 
ATOM   442  O O   . LYS A 1 58  ? -10.671 12.148  -10.109 1.00 31.27 ? 719  LYS A O   1 
ATOM   443  C CB  . LYS A 1 58  ? -8.126  13.620  -10.586 1.00 33.86 ? 719  LYS A CB  1 
ATOM   444  C CG  . LYS A 1 58  ? -8.348  13.878  -12.060 1.00 38.66 ? 719  LYS A CG  1 
ATOM   445  C CD  . LYS A 1 58  ? -7.995  15.312  -12.432 1.00 51.46 ? 719  LYS A CD  1 
ATOM   446  C CE  . LYS A 1 58  ? -8.084  15.530  -13.934 1.00 47.14 ? 719  LYS A CE  1 
ATOM   447  N NZ  . LYS A 1 58  ? -7.887  16.960  -14.300 1.00 57.74 ? 719  LYS A NZ  1 
ATOM   448  N N   . SER A 1 59  ? -9.673  10.630  -11.430 1.00 25.77 ? 720  SER A N   1 
ATOM   449  C CA  . SER A 1 59  ? -10.914 9.964   -11.814 1.00 24.80 ? 720  SER A CA  1 
ATOM   450  C C   . SER A 1 59  ? -11.409 9.040   -10.701 1.00 26.16 ? 720  SER A C   1 
ATOM   451  O O   . SER A 1 59  ? -12.499 8.470   -10.790 1.00 29.43 ? 720  SER A O   1 
ATOM   452  C CB  . SER A 1 59  ? -10.711 9.179   -13.109 1.00 27.22 ? 720  SER A CB  1 
ATOM   453  O OG  . SER A 1 59  ? -9.536  8.385   -13.056 1.00 33.08 ? 720  SER A OG  1 
ATOM   454  N N   . LEU A 1 60  ? -10.601 8.897   -9.654  1.00 24.93 ? 721  LEU A N   1 
ATOM   455  C CA  . LEU A 1 60  ? -10.929 8.035   -8.521  1.00 23.22 ? 721  LEU A CA  1 
ATOM   456  C C   . LEU A 1 60  ? -10.797 8.824   -7.230  1.00 25.66 ? 721  LEU A C   1 
ATOM   457  O O   . LEU A 1 60  ? -10.132 9.857   -7.196  1.00 23.66 ? 721  LEU A O   1 
ATOM   458  C CB  . LEU A 1 60  ? -9.977  6.834   -8.455  1.00 24.81 ? 721  LEU A CB  1 
ATOM   459  C CG  . LEU A 1 60  ? -9.995  5.755   -9.540  1.00 31.51 ? 721  LEU A CG  1 
ATOM   460  C CD1 . LEU A 1 60  ? -9.272  6.209   -10.790 1.00 37.35 ? 721  LEU A CD1 1 
ATOM   461  C CD2 . LEU A 1 60  ? -9.363  4.487   -9.005  1.00 32.95 ? 721  LEU A CD2 1 
ATOM   462  N N   . GLN A 1 61  ? -11.420 8.340   -6.163  1.00 19.73 ? 722  GLN A N   1 
ATOM   463  C CA  . GLN A 1 61  ? -11.246 8.961   -4.855  1.00 15.84 ? 722  GLN A CA  1 
ATOM   464  C C   . GLN A 1 61  ? -10.473 8.035   -3.922  1.00 20.54 ? 722  GLN A C   1 
ATOM   465  O O   . GLN A 1 61  ? -10.725 6.834   -3.880  1.00 16.67 ? 722  GLN A O   1 
ATOM   466  C CB  . GLN A 1 61  ? -12.590 9.329   -4.227  1.00 28.83 ? 722  GLN A CB  1 
ATOM   467  C CG  . GLN A 1 61  ? -12.477 9.814   -2.787  1.00 36.11 ? 722  GLN A CG  1 
ATOM   468  C CD  . GLN A 1 61  ? -13.808 10.229  -2.194  1.00 45.71 ? 722  GLN A CD  1 
ATOM   469  O OE1 . GLN A 1 61  ? -14.786 10.436  -2.914  1.00 49.83 ? 722  GLN A OE1 1 
ATOM   470  N NE2 . GLN A 1 61  ? -13.853 10.350  -0.871  1.00 43.85 ? 722  GLN A NE2 1 
ATOM   471  N N   . LEU A 1 62  ? -9.532  8.600   -3.173  1.00 18.84 ? 723  LEU A N   1 
ATOM   472  C CA  . LEU A 1 62  ? -8.766  7.826   -2.206  1.00 17.70 ? 723  LEU A CA  1 
ATOM   473  C C   . LEU A 1 62  ? -8.931  8.357   -0.784  1.00 18.32 ? 723  LEU A C   1 
ATOM   474  O O   . LEU A 1 62  ? -8.915  9.568   -0.559  1.00 18.37 ? 723  LEU A O   1 
ATOM   475  C CB  . LEU A 1 62  ? -7.288  7.831   -2.589  1.00 14.53 ? 723  LEU A CB  1 
ATOM   476  C CG  . LEU A 1 62  ? -6.298  7.257   -1.586  1.00 16.38 ? 723  LEU A CG  1 
ATOM   477  C CD1 . LEU A 1 62  ? -6.464  5.761   -1.457  1.00 19.13 ? 723  LEU A CD1 1 
ATOM   478  C CD2 . LEU A 1 62  ? -4.871  7.624   -2.037  1.00 19.01 ? 723  LEU A CD2 1 
ATOM   479  N N   . GLN A 1 63  ? -9.093  7.444   0.168   1.00 10.95 ? 724  GLN A N   1 
ATOM   480  C CA  . GLN A 1 63  ? -9.102  7.794   1.584   1.00 13.64 ? 724  GLN A CA  1 
ATOM   481  C C   . GLN A 1 63  ? -8.077  6.940   2.304   1.00 15.66 ? 724  GLN A C   1 
ATOM   482  O O   . GLN A 1 63  ? -7.980  5.745   2.054   1.00 14.02 ? 724  GLN A O   1 
ATOM   483  C CB  . GLN A 1 63  ? -10.458 7.519   2.222   1.00 21.09 ? 724  GLN A CB  1 
ATOM   484  C CG  . GLN A 1 63  ? -11.622 8.305   1.678   1.00 23.78 ? 724  GLN A CG  1 
ATOM   485  C CD  . GLN A 1 63  ? -12.933 7.764   2.210   1.00 27.94 ? 724  GLN A CD  1 
ATOM   486  O OE1 . GLN A 1 63  ? -13.158 6.549   2.220   1.00 24.06 ? 724  GLN A OE1 1 
ATOM   487  N NE2 . GLN A 1 63  ? -13.795 8.655   2.678   1.00 34.05 ? 724  GLN A NE2 1 
ATOM   488  N N   . LEU A 1 64  ? -7.310  7.548   3.199   1.00 15.98 ? 725  LEU A N   1 
ATOM   489  C CA  . LEU A 1 64  ? -6.318  6.799   3.959   1.00 18.06 ? 725  LEU A CA  1 
ATOM   490  C C   . LEU A 1 64  ? -6.702  6.733   5.413   1.00 16.58 ? 725  LEU A C   1 
ATOM   491  O O   . LEU A 1 64  ? -6.982  7.751   6.039   1.00 20.41 ? 725  LEU A O   1 
ATOM   492  C CB  . LEU A 1 64  ? -4.927  7.440   3.861   1.00 15.95 ? 725  LEU A CB  1 
ATOM   493  C CG  . LEU A 1 64  ? -4.078  7.080   2.648   1.00 21.19 ? 725  LEU A CG  1 
ATOM   494  C CD1 . LEU A 1 64  ? -4.473  7.942   1.473   1.00 24.92 ? 725  LEU A CD1 1 
ATOM   495  C CD2 . LEU A 1 64  ? -2.597  7.246   2.975   1.00 25.70 ? 725  LEU A CD2 1 
ATOM   496  N N   . GLN A 1 65  ? -6.698  5.524   5.950   1.00 13.13 ? 726  GLN A N   1 
ATOM   497  C CA  . GLN A 1 65  ? -6.818  5.329   7.375   1.00 12.74 ? 726  GLN A CA  1 
ATOM   498  C C   . GLN A 1 65  ? -5.423  5.510   7.962   1.00 12.61 ? 726  GLN A C   1 
ATOM   499  O O   . GLN A 1 65  ? -4.429  5.360   7.258   1.00 14.85 ? 726  GLN A O   1 
ATOM   500  C CB  . GLN A 1 65  ? -7.313  3.917   7.664   1.00 16.72 ? 726  GLN A CB  1 
ATOM   501  C CG  . GLN A 1 65  ? -7.812  3.702   9.077   1.00 18.26 ? 726  GLN A CG  1 
ATOM   502  C CD  . GLN A 1 65  ? -8.509  2.362   9.246   1.00 23.97 ? 726  GLN A CD  1 
ATOM   503  O OE1 . GLN A 1 65  ? -7.868  1.311   9.246   1.00 17.53 ? 726  GLN A OE1 1 
ATOM   504  N NE2 . GLN A 1 65  ? -9.835  2.392   9.378   1.00 28.42 ? 726  GLN A NE2 1 
ATOM   505  N N   . ALA A 1 66  ? -5.357  5.823   9.249   1.00 13.81 ? 727  ALA A N   1 
ATOM   506  C CA  . ALA A 1 66  ? -4.077  5.851   9.951   1.00 15.23 ? 727  ALA A CA  1 
ATOM   507  C C   . ALA A 1 66  ? -3.445  4.458   9.974   1.00 12.32 ? 727  ALA A C   1 
ATOM   508  O O   . ALA A 1 66  ? -4.147  3.454   10.079  1.00 13.77 ? 727  ALA A O   1 
ATOM   509  C CB  . ALA A 1 66  ? -4.271  6.365   11.367  1.00 17.04 ? 727  ALA A CB  1 
ATOM   510  N N   . PRO A 1 67  ? -2.106  4.387   9.881   1.00 13.82 ? 728  PRO A N   1 
ATOM   511  C CA  . PRO A 1 67  ? -1.467  3.068   9.901   1.00 12.19 ? 728  PRO A CA  1 
ATOM   512  C C   . PRO A 1 67  ? -1.453  2.501   11.311  1.00 13.77 ? 728  PRO A C   1 
ATOM   513  O O   . PRO A 1 67  ? -1.624  3.262   12.267  1.00 14.53 ? 728  PRO A O   1 
ATOM   514  C CB  . PRO A 1 67  ? -0.036  3.371   9.446   1.00 11.06 ? 728  PRO A CB  1 
ATOM   515  C CG  . PRO A 1 67  ? 0.211   4.779   9.959   1.00 11.33 ? 728  PRO A CG  1 
ATOM   516  C CD  . PRO A 1 67  ? -1.127  5.489   9.813   1.00 12.08 ? 728  PRO A CD  1 
ATOM   517  N N   . SER A 1 68  ? -1.238  1.193   11.432  1.00 12.23 ? 729  SER A N   1 
ATOM   518  C CA  . SER A 1 68  ? -1.199  0.523   12.727  1.00 13.14 ? 729  SER A CA  1 
ATOM   519  C C   . SER A 1 68  ? -0.007  0.982   13.561  1.00 14.42 ? 729  SER A C   1 
ATOM   520  O O   . SER A 1 68  ? 0.009   0.827   14.781  1.00 17.10 ? 729  SER A O   1 
ATOM   521  C CB  . SER A 1 68  ? -1.110  -0.987  12.530  1.00 15.17 ? 729  SER A CB  1 
ATOM   522  O OG  . SER A 1 68  ? 0.095   -1.334  11.866  1.00 13.81 ? 729  SER A OG  1 
ATOM   523  N N   . GLY A 1 69  ? 1.000   1.532   12.892  1.00 12.31 ? 730  GLY A N   1 
ATOM   524  C CA  . GLY A 1 69  ? 2.189   1.998   13.579  1.00 15.05 ? 730  GLY A CA  1 
ATOM   525  C C   . GLY A 1 69  ? 3.205   2.561   12.608  1.00 14.24 ? 730  GLY A C   1 
ATOM   526  O O   . GLY A 1 69  ? 2.907   2.717   11.418  1.00 12.34 ? 730  GLY A O   1 
ATOM   527  N N   . ASN A 1 70  ? 4.397   2.878   13.118  1.00 11.52 ? 731  ASN A N   1 
ATOM   528  C CA  . ASN A 1 70  ? 5.474   3.422   12.292  1.00 11.12 ? 731  ASN A CA  1 
ATOM   529  C C   . ASN A 1 70  ? 6.769   2.616   12.365  1.00 14.72 ? 731  ASN A C   1 
ATOM   530  O O   . ASN A 1 70  ? 7.755   2.965   11.723  1.00 12.67 ? 731  ASN A O   1 
ATOM   531  C CB  . ASN A 1 70  ? 5.769   4.884   12.667  1.00 14.39 ? 731  ASN A CB  1 
ATOM   532  C CG  . ASN A 1 70  ? 4.545   5.777   12.540  1.00 21.58 ? 731  ASN A CG  1 
ATOM   533  O OD1 . ASN A 1 70  ? 3.862   6.055   13.527  1.00 22.09 ? 731  ASN A OD1 1 
ATOM   534  N ND2 . ASN A 1 70  ? 4.259   6.222   11.320  1.00 18.55 ? 731  ASN A ND2 1 
ATOM   535  N N   . THR A 1 71  ? 6.763   1.552   13.160  1.00 12.18 ? 732  THR A N   1 
ATOM   536  C CA  . THR A 1 71  ? 7.931   0.701   13.325  1.00 13.43 ? 732  THR A CA  1 
ATOM   537  C C   . THR A 1 71  ? 7.655   -0.714  12.839  1.00 12.62 ? 732  THR A C   1 
ATOM   538  O O   . THR A 1 71  ? 6.592   -1.270  13.108  1.00 12.92 ? 732  THR A O   1 
ATOM   539  C CB  . THR A 1 71  ? 8.344   0.645   14.808  1.00 14.04 ? 732  THR A CB  1 
ATOM   540  O OG1 . THR A 1 71  ? 8.702   1.963   15.245  1.00 18.30 ? 732  THR A OG1 1 
ATOM   541  C CG2 . THR A 1 71  ? 9.521   -0.293  15.015  1.00 14.94 ? 732  THR A CG2 1 
ATOM   542  N N   . VAL A 1 72  ? 8.607   -1.294  12.111  1.00 13.78 ? 733  VAL A N   1 
ATOM   543  C CA  . VAL A 1 72  ? 8.566   -2.729  11.842  1.00 10.21 ? 733  VAL A CA  1 
ATOM   544  C C   . VAL A 1 72  ? 9.831   -3.372  12.390  1.00 12.03 ? 733  VAL A C   1 
ATOM   545  O O   . VAL A 1 72  ? 10.910  -3.233  11.802  1.00 12.38 ? 733  VAL A O   1 
ATOM   546  C CB  . VAL A 1 72  ? 8.459   -3.080  10.350  1.00 13.91 ? 733  VAL A CB  1 
ATOM   547  C CG1 . VAL A 1 72  ? 8.050   -4.566  10.200  1.00 10.03 ? 733  VAL A CG1 1 
ATOM   548  C CG2 . VAL A 1 72  ? 7.442   -2.198  9.651   1.00 19.10 ? 733  VAL A CG2 1 
ATOM   549  N N   . PRO A 1 73  ? 9.707   -4.060  13.531  1.00 13.29 ? 734  PRO A N   1 
ATOM   550  C CA  . PRO A 1 73  ? 10.832  -4.734  14.181  1.00 14.77 ? 734  PRO A CA  1 
ATOM   551  C C   . PRO A 1 73  ? 11.486  -5.769  13.282  1.00 13.67 ? 734  PRO A C   1 
ATOM   552  O O   . PRO A 1 73  ? 10.814  -6.424  12.469  1.00 12.01 ? 734  PRO A O   1 
ATOM   553  C CB  . PRO A 1 73  ? 10.182  -5.408  15.392  1.00 14.69 ? 734  PRO A CB  1 
ATOM   554  C CG  . PRO A 1 73  ? 8.995   -4.578  15.674  1.00 14.29 ? 734  PRO A CG  1 
ATOM   555  C CD  . PRO A 1 73  ? 8.475   -4.168  14.334  1.00 15.19 ? 734  PRO A CD  1 
ATOM   556  N N   . ALA A 1 74  ? 12.799  -5.897  13.446  1.00 12.85 ? 735  ALA A N   1 
ATOM   557  C CA  . ALA A 1 74  ? 13.632  -6.827  12.701  1.00 11.15 ? 735  ALA A CA  1 
ATOM   558  C C   . ALA A 1 74  ? 13.193  -8.274  12.879  1.00 13.04 ? 735  ALA A C   1 
ATOM   559  O O   . ALA A 1 74  ? 12.474  -8.601  13.822  1.00 13.17 ? 735  ALA A O   1 
ATOM   560  C CB  . ALA A 1 74  ? 15.107  -6.661  13.140  1.00 10.69 ? 735  ALA A CB  1 
ATOM   561  N N   . ARG A 1 75  ? 13.643  -9.132  11.966  1.00 13.77 ? 736  ARG A N   1 
ATOM   562  C CA  . ARG A 1 75  ? 13.472  -10.582 12.067  1.00 15.79 ? 736  ARG A CA  1 
ATOM   563  C C   . ARG A 1 75  ? 12.013  -10.996 12.155  1.00 14.59 ? 736  ARG A C   1 
ATOM   564  O O   . ARG A 1 75  ? 11.641  -11.812 12.996  1.00 18.41 ? 736  ARG A O   1 
ATOM   565  C CB  . ARG A 1 75  ? 14.251  -11.141 13.257  1.00 18.07 ? 736  ARG A CB  1 
ATOM   566  C CG  . ARG A 1 75  ? 15.706  -10.726 13.284  1.00 19.37 ? 736  ARG A CG  1 
ATOM   567  C CD  . ARG A 1 75  ? 16.401  -11.407 14.445  1.00 28.88 ? 736  ARG A CD  1 
ATOM   568  N NE  . ARG A 1 75  ? 17.848  -11.224 14.396  1.00 30.12 ? 736  ARG A NE  1 
ATOM   569  C CZ  . ARG A 1 75  ? 18.679  -11.634 15.349  1.00 42.72 ? 736  ARG A CZ  1 
ATOM   570  N NH1 . ARG A 1 75  ? 18.203  -12.247 16.427  1.00 40.30 ? 736  ARG A NH1 1 
ATOM   571  N NH2 . ARG A 1 75  ? 19.986  -11.429 15.226  1.00 39.71 ? 736  ARG A NH2 1 
ATOM   572  N N   . GLY A 1 76  ? 11.193  -10.410 11.290  1.00 13.94 ? 737  GLY A N   1 
ATOM   573  C CA  . GLY A 1 76  ? 9.795   -10.785 11.184  1.00 15.77 ? 737  GLY A CA  1 
ATOM   574  C C   . GLY A 1 76  ? 8.936   -10.233 12.296  1.00 15.37 ? 737  GLY A C   1 
ATOM   575  O O   . GLY A 1 76  ? 7.970   -10.862 12.734  1.00 16.62 ? 737  GLY A O   1 
ATOM   576  N N   . GLY A 1 77  ? 9.277   -9.041  12.763  1.00 14.35 ? 738  GLY A N   1 
ATOM   577  C CA  . GLY A 1 77  ? 8.493   -8.414  13.805  1.00 19.06 ? 738  GLY A CA  1 
ATOM   578  C C   . GLY A 1 77  ? 7.079   -8.075  13.358  1.00 15.10 ? 738  GLY A C   1 
ATOM   579  O O   . GLY A 1 77  ? 6.712   -8.261  12.189  1.00 17.56 ? 738  GLY A O   1 
ATOM   580  N N   . LEU A 1 78  ? 6.294   -7.590  14.312  1.00 14.61 ? 739  LEU A N   1 
ATOM   581  C CA  . LEU A 1 78  ? 4.928   -7.128  14.081  1.00 14.44 ? 739  LEU A CA  1 
ATOM   582  C C   . LEU A 1 78  ? 4.851   -6.227  12.850  1.00 13.90 ? 739  LEU A C   1 
ATOM   583  O O   . LEU A 1 78  ? 5.523   -5.201  12.785  1.00 16.72 ? 739  LEU A O   1 
ATOM   584  C CB  . LEU A 1 78  ? 4.434   -6.364  15.317  1.00 20.56 ? 739  LEU A CB  1 
ATOM   585  C CG  . LEU A 1 78  ? 3.009   -5.792  15.317  1.00 21.87 ? 739  LEU A CG  1 
ATOM   586  C CD1 . LEU A 1 78  ? 1.984   -6.895  15.157  1.00 32.86 ? 739  LEU A CD1 1 
ATOM   587  C CD2 . LEU A 1 78  ? 2.746   -5.004  16.589  1.00 27.25 ? 739  LEU A CD2 1 
ATOM   588  N N   . PRO A 1 79  ? 4.033   -6.610  11.858  1.00 9.55  ? 740  PRO A N   1 
ATOM   589  C CA  . PRO A 1 79  ? 3.982   -5.800  10.639  1.00 9.69  ? 740  PRO A CA  1 
ATOM   590  C C   . PRO A 1 79  ? 3.238   -4.494  10.854  1.00 14.27 ? 740  PRO A C   1 
ATOM   591  O O   . PRO A 1 79  ? 2.493   -4.356  11.830  1.00 18.15 ? 740  PRO A O   1 
ATOM   592  C CB  . PRO A 1 79  ? 3.191   -6.685  9.667   1.00 11.47 ? 740  PRO A CB  1 
ATOM   593  C CG  . PRO A 1 79  ? 2.288   -7.477  10.563  1.00 21.61 ? 740  PRO A CG  1 
ATOM   594  C CD  . PRO A 1 79  ? 3.108   -7.756  11.803  1.00 17.17 ? 740  PRO A CD  1 
ATOM   595  N N   . ILE A 1 80  ? 3.433   -3.545  9.948   1.00 9.41  ? 741  ILE A N   1 
ATOM   596  C CA  . ILE A 1 80  ? 2.559   -2.376  9.891   1.00 10.54 ? 741  ILE A CA  1 
ATOM   597  C C   . ILE A 1 80  ? 1.491   -2.688  8.863   1.00 7.37  ? 741  ILE A C   1 
ATOM   598  O O   . ILE A 1 80  ? 1.795   -3.209  7.788   1.00 9.82  ? 741  ILE A O   1 
ATOM   599  C CB  . ILE A 1 80  ? 3.312   -1.115  9.427   1.00 9.66  ? 741  ILE A CB  1 
ATOM   600  C CG1 . ILE A 1 80  ? 4.267   -0.632  10.521  1.00 11.89 ? 741  ILE A CG1 1 
ATOM   601  C CG2 . ILE A 1 80  ? 2.333   0.005   9.068   1.00 11.62 ? 741  ILE A CG2 1 
ATOM   602  C CD1 . ILE A 1 80  ? 5.215   0.484   10.061  1.00 11.23 ? 741  ILE A CD1 1 
ATOM   603  N N   . THR A 1 81  ? 0.234   -2.399  9.199   1.00 11.45 ? 742  THR A N   1 
ATOM   604  C CA  . THR A 1 81  ? -0.844  -2.457  8.217   1.00 9.25  ? 742  THR A CA  1 
ATOM   605  C C   . THR A 1 81  ? -1.486  -1.082  8.090   1.00 10.41 ? 742  THR A C   1 
ATOM   606  O O   . THR A 1 81  ? -1.505  -0.306  9.052   1.00 11.44 ? 742  THR A O   1 
ATOM   607  C CB  . THR A 1 81  ? -1.939  -3.472  8.621   1.00 13.37 ? 742  THR A CB  1 
ATOM   608  O OG1 . THR A 1 81  ? -2.414  -3.157  9.931   1.00 14.98 ? 742  THR A OG1 1 
ATOM   609  C CG2 . THR A 1 81  ? -1.395  -4.889  8.629   1.00 13.15 ? 742  THR A CG2 1 
ATOM   610  N N   . GLN A 1 82  ? -1.998  -0.763  6.906   1.00 9.57  ? 743  GLN A N   1 
ATOM   611  C CA  . GLN A 1 82  ? -2.692  0.505   6.709   1.00 9.34  ? 743  GLN A CA  1 
ATOM   612  C C   . GLN A 1 82  ? -3.737  0.341   5.628   1.00 9.19  ? 743  GLN A C   1 
ATOM   613  O O   . GLN A 1 82  ? -3.461  -0.238  4.580   1.00 7.97  ? 743  GLN A O   1 
ATOM   614  C CB  . GLN A 1 82  ? -1.716  1.620   6.321   1.00 12.41 ? 743  GLN A CB  1 
ATOM   615  C CG  . GLN A 1 82  ? -2.378  2.981   6.104   1.00 12.79 ? 743  GLN A CG  1 
ATOM   616  C CD  . GLN A 1 82  ? -1.346  4.083   5.949   1.00 16.89 ? 743  GLN A CD  1 
ATOM   617  O OE1 . GLN A 1 82  ? -0.193  3.806   5.636   1.00 13.20 ? 743  GLN A OE1 1 
ATOM   618  N NE2 . GLN A 1 82  ? -1.751  5.332   6.170   1.00 13.52 ? 743  GLN A NE2 1 
ATOM   619  N N   . LEU A 1 83  ? -4.933  0.843   5.902   1.00 9.89  ? 744  LEU A N   1 
ATOM   620  C CA  . LEU A 1 83  ? -6.062  0.674   4.994   1.00 10.81 ? 744  LEU A CA  1 
ATOM   621  C C   . LEU A 1 83  ? -6.235  1.867   4.063   1.00 12.50 ? 744  LEU A C   1 
ATOM   622  O O   . LEU A 1 83  ? -6.214  3.025   4.497   1.00 12.01 ? 744  LEU A O   1 
ATOM   623  C CB  . LEU A 1 83  ? -7.341  0.460   5.808   1.00 11.99 ? 744  LEU A CB  1 
ATOM   624  C CG  . LEU A 1 83  ? -8.664  0.264   5.057   1.00 15.61 ? 744  LEU A CG  1 
ATOM   625  C CD1 . LEU A 1 83  ? -8.584  -0.908  4.089   1.00 12.43 ? 744  LEU A CD1 1 
ATOM   626  C CD2 . LEU A 1 83  ? -9.766  0.030   6.065   1.00 23.31 ? 744  LEU A CD2 1 
ATOM   627  N N   . PHE A 1 84  ? -6.402  1.563   2.779   1.00 11.80 ? 745  PHE A N   1 
ATOM   628  C CA  A PHE A 1 84  ? -6.729  2.554   1.754   0.62 11.57 ? 745  PHE A CA  1 
ATOM   629  C CA  B PHE A 1 84  ? -6.738  2.569   1.796   0.38 11.60 ? 745  PHE A CA  1 
ATOM   630  C C   . PHE A 1 84  ? -8.138  2.264   1.277   1.00 13.08 ? 745  PHE A C   1 
ATOM   631  O O   . PHE A 1 84  ? -8.454  1.123   0.933   1.00 15.25 ? 745  PHE A O   1 
ATOM   632  C CB  A PHE A 1 84  ? -5.837  2.417   0.517   0.62 14.24 ? 745  PHE A CB  1 
ATOM   633  C CB  B PHE A 1 84  ? -5.710  2.562   0.664   0.38 13.77 ? 745  PHE A CB  1 
ATOM   634  C CG  A PHE A 1 84  ? -4.389  2.695   0.754   0.62 12.56 ? 745  PHE A CG  1 
ATOM   635  C CG  B PHE A 1 84  ? -4.322  2.935   1.110   0.38 13.27 ? 745  PHE A CG  1 
ATOM   636  C CD1 A PHE A 1 84  ? -3.938  3.190   1.965   0.62 11.51 ? 745  PHE A CD1 1 
ATOM   637  C CD1 B PHE A 1 84  ? -3.612  2.120   1.979   0.38 13.36 ? 745  PHE A CD1 1 
ATOM   638  C CD2 A PHE A 1 84  ? -3.475  2.480   -0.261  0.62 12.61 ? 745  PHE A CD2 1 
ATOM   639  C CD2 B PHE A 1 84  ? -3.730  4.101   0.667   0.38 13.44 ? 745  PHE A CD2 1 
ATOM   640  C CE1 A PHE A 1 84  ? -2.596  3.443   2.164   0.62 17.23 ? 745  PHE A CE1 1 
ATOM   641  C CE1 B PHE A 1 84  ? -2.349  2.463   2.402   0.38 15.31 ? 745  PHE A CE1 1 
ATOM   642  C CE2 A PHE A 1 84  ? -2.127  2.745   -0.064  0.62 11.82 ? 745  PHE A CE2 1 
ATOM   643  C CE2 B PHE A 1 84  ? -2.458  4.438   1.083   0.38 13.65 ? 745  PHE A CE2 1 
ATOM   644  C CZ  A PHE A 1 84  ? -1.697  3.214   1.146   0.62 15.43 ? 745  PHE A CZ  1 
ATOM   645  C CZ  B PHE A 1 84  ? -1.769  3.621   1.952   0.38 17.42 ? 745  PHE A CZ  1 
ATOM   646  N N   . ARG A 1 85  ? -8.988  3.273   1.254   1.00 12.29 ? 746  ARG A N   1 
ATOM   647  C CA  A ARG A 1 85  ? -10.318 3.112   0.676   0.65 11.64 ? 746  ARG A CA  1 
ATOM   648  C CA  B ARG A 1 85  ? -10.316 3.106   0.678   0.29 11.73 ? 746  ARG A CA  1 
ATOM   649  C CA  C ARG A 1 85  ? -10.323 3.131   0.680   0.06 11.81 ? 746  ARG A CA  1 
ATOM   650  C C   . ARG A 1 85  ? -10.381 3.838   -0.659  1.00 12.41 ? 746  ARG A C   1 
ATOM   651  O O   . ARG A 1 85  ? -10.130 5.046   -0.736  1.00 13.86 ? 746  ARG A O   1 
ATOM   652  C CB  A ARG A 1 85  ? -11.385 3.639   1.631   0.65 15.21 ? 746  ARG A CB  1 
ATOM   653  C CB  B ARG A 1 85  ? -11.405 3.590   1.645   0.29 15.25 ? 746  ARG A CB  1 
ATOM   654  C CB  C ARG A 1 85  ? -11.380 3.730   1.606   0.06 15.24 ? 746  ARG A CB  1 
ATOM   655  C CG  A ARG A 1 85  ? -11.499 2.853   2.931   0.65 17.58 ? 746  ARG A CG  1 
ATOM   656  C CG  B ARG A 1 85  ? -11.460 2.815   2.970   0.29 17.56 ? 746  ARG A CG  1 
ATOM   657  C CG  C ARG A 1 85  ? -11.779 2.851   2.773   0.06 17.54 ? 746  ARG A CG  1 
ATOM   658  C CD  A ARG A 1 85  ? -12.956 2.589   3.258   0.65 22.56 ? 746  ARG A CD  1 
ATOM   659  C CD  B ARG A 1 85  ? -12.774 3.047   3.719   0.29 21.64 ? 746  ARG A CD  1 
ATOM   660  C CD  C ARG A 1 85  ? -12.654 3.629   3.743   0.06 19.11 ? 746  ARG A CD  1 
ATOM   661  N NE  A ARG A 1 85  ? -13.734 3.793   3.020   0.65 24.42 ? 746  ARG A NE  1 
ATOM   662  N NE  B ARG A 1 85  ? -12.802 2.426   5.046   0.29 21.28 ? 746  ARG A NE  1 
ATOM   663  N NE  C ARG A 1 85  ? -12.986 2.865   4.943   0.06 20.14 ? 746  ARG A NE  1 
ATOM   664  C CZ  A ARG A 1 85  ? -15.046 3.818   2.858   0.65 14.01 ? 746  ARG A CZ  1 
ATOM   665  C CZ  B ARG A 1 85  ? -13.295 1.217   5.307   0.29 14.05 ? 746  ARG A CZ  1 
ATOM   666  C CZ  C ARG A 1 85  ? -12.118 2.576   5.907   0.06 18.74 ? 746  ARG A CZ  1 
ATOM   667  N NH1 A ARG A 1 85  ? -15.748 2.688   2.907   0.65 11.19 ? 746  ARG A NH1 1 
ATOM   668  N NH1 B ARG A 1 85  ? -13.796 0.481   4.337   0.29 18.60 ? 746  ARG A NH1 1 
ATOM   669  N NH1 C ARG A 1 85  ? -10.857 2.967   5.808   0.06 19.19 ? 746  ARG A NH1 1 
ATOM   670  N NH2 A ARG A 1 85  ? -15.650 4.976   2.639   0.65 23.47 ? 746  ARG A NH2 1 
ATOM   671  N NH2 B ARG A 1 85  ? -13.284 0.735   6.541   0.29 15.79 ? 746  ARG A NH2 1 
ATOM   672  N NH2 C ARG A 1 85  ? -12.508 1.881   6.967   0.06 17.50 ? 746  ARG A NH2 1 
ATOM   673  N N   . ILE A 1 86  ? -10.702 3.100   -1.714  1.00 9.90  ? 747  ILE A N   1 
ATOM   674  C CA  . ILE A 1 86  ? -10.771 3.702   -3.036  1.00 9.93  ? 747  ILE A CA  1 
ATOM   675  C C   . ILE A 1 86  ? -12.187 3.605   -3.572  1.00 13.13 ? 747  ILE A C   1 
ATOM   676  O O   . ILE A 1 86  ? -12.786 2.540   -3.546  1.00 10.61 ? 747  ILE A O   1 
ATOM   677  C CB  . ILE A 1 86  ? -9.783  3.041   -4.009  1.00 10.45 ? 747  ILE A CB  1 
ATOM   678  C CG1 . ILE A 1 86  ? -8.342  3.332   -3.573  1.00 16.11 ? 747  ILE A CG1 1 
ATOM   679  C CG2 . ILE A 1 86  ? -10.035 3.526   -5.431  1.00 18.54 ? 747  ILE A CG2 1 
ATOM   680  C CD1 . ILE A 1 86  ? -7.354  2.339   -4.086  1.00 24.66 ? 747  ILE A CD1 1 
ATOM   681  N N   . LEU A 1 87  ? -12.727 4.738   -4.014  1.00 12.59 ? 748  LEU A N   1 
ATOM   682  C CA  . LEU A 1 87  ? -14.056 4.758   -4.635  1.00 13.82 ? 748  LEU A CA  1 
ATOM   683  C C   . LEU A 1 87  ? -13.914 4.987   -6.132  1.00 17.06 ? 748  LEU A C   1 
ATOM   684  O O   . LEU A 1 87  ? -13.314 5.979   -6.567  1.00 14.92 ? 748  LEU A O   1 
ATOM   685  C CB  . LEU A 1 87  ? -14.926 5.843   -4.005  1.00 19.88 ? 748  LEU A CB  1 
ATOM   686  C CG  . LEU A 1 87  ? -15.370 5.563   -2.571  1.00 25.02 ? 748  LEU A CG  1 
ATOM   687  C CD1 . LEU A 1 87  ? -15.815 6.845   -1.886  1.00 31.14 ? 748  LEU A CD1 1 
ATOM   688  C CD2 . LEU A 1 87  ? -16.496 4.525   -2.560  1.00 23.27 ? 748  LEU A CD2 1 
ATOM   689  N N   . ASN A 1 88  ? -14.461 4.063   -6.915  1.00 16.02 ? 749  ASN A N   1 
ATOM   690  C CA  . ASN A 1 88  ? -14.237 4.048   -8.360  1.00 13.41 ? 749  ASN A CA  1 
ATOM   691  C C   . ASN A 1 88  ? -15.520 3.648   -9.083  1.00 14.87 ? 749  ASN A C   1 
ATOM   692  O O   . ASN A 1 88  ? -15.584 2.579   -9.687  1.00 18.94 ? 749  ASN A O   1 
ATOM   693  C CB  . ASN A 1 88  ? -13.106 3.064   -8.695  1.00 17.01 ? 749  ASN A CB  1 
ATOM   694  C CG  . ASN A 1 88  ? -12.633 3.159   -10.139 1.00 16.10 ? 749  ASN A CG  1 
ATOM   695  O OD1 . ASN A 1 88  ? -13.019 4.065   -10.874 1.00 15.32 ? 749  ASN A OD1 1 
ATOM   696  N ND2 . ASN A 1 88  ? -11.774 2.217   -10.543 1.00 16.51 ? 749  ASN A ND2 1 
ATOM   697  N N   . PRO A 1 89  ? -16.551 4.504   -9.005  1.00 17.25 ? 750  PRO A N   1 
ATOM   698  C CA  . PRO A 1 89  ? -17.850 4.161   -9.603  1.00 15.50 ? 750  PRO A CA  1 
ATOM   699  C C   . PRO A 1 89  ? -17.803 4.104   -11.126 1.00 23.16 ? 750  PRO A C   1 
ATOM   700  O O   . PRO A 1 89  ? -18.595 3.384   -11.740 1.00 22.46 ? 750  PRO A O   1 
ATOM   701  C CB  . PRO A 1 89  ? -18.754 5.310   -9.151  1.00 19.10 ? 750  PRO A CB  1 
ATOM   702  C CG  . PRO A 1 89  ? -17.834 6.433   -8.851  1.00 24.58 ? 750  PRO A CG  1 
ATOM   703  C CD  . PRO A 1 89  ? -16.604 5.792   -8.292  1.00 18.54 ? 750  PRO A CD  1 
ATOM   704  N N   . ASN A 1 90  ? -16.888 4.854   -11.730 1.00 19.39 ? 751  ASN A N   1 
ATOM   705  C CA  . ASN A 1 90  ? -16.797 4.906   -13.183 1.00 22.03 ? 751  ASN A CA  1 
ATOM   706  C C   . ASN A 1 90  ? -15.906 3.827   -13.778 1.00 28.72 ? 751  ASN A C   1 
ATOM   707  O O   . ASN A 1 90  ? -15.647 3.828   -14.981 1.00 30.62 ? 751  ASN A O   1 
ATOM   708  C CB  . ASN A 1 90  ? -16.350 6.293   -13.644 1.00 26.03 ? 751  ASN A CB  1 
ATOM   709  C CG  . ASN A 1 90  ? -17.371 7.363   -13.321 1.00 31.66 ? 751  ASN A CG  1 
ATOM   710  O OD1 . ASN A 1 90  ? -18.577 7.152   -13.475 1.00 33.95 ? 751  ASN A OD1 1 
ATOM   711  N ND2 . ASN A 1 90  ? -16.900 8.508   -12.859 1.00 29.63 ? 751  ASN A ND2 1 
ATOM   712  N N   . LYS A 1 91  ? -15.448 2.907   -12.930 1.00 21.77 ? 752  LYS A N   1 
ATOM   713  C CA  . LYS A 1 91  ? -14.677 1.752   -13.381 1.00 20.76 ? 752  LYS A CA  1 
ATOM   714  C C   . LYS A 1 91  ? -13.474 2.184   -14.206 1.00 23.17 ? 752  LYS A C   1 
ATOM   715  O O   . LYS A 1 91  ? -13.118 1.540   -15.194 1.00 25.63 ? 752  LYS A O   1 
ATOM   716  C CB  . LYS A 1 91  ? -15.562 0.796   -14.187 1.00 23.76 ? 752  LYS A CB  1 
ATOM   717  C CG  . LYS A 1 91  ? -16.727 0.246   -13.396 1.00 25.48 ? 752  LYS A CG  1 
ATOM   718  C CD  . LYS A 1 91  ? -17.579 -0.695  -14.241 1.00 26.24 ? 752  LYS A CD  1 
ATOM   719  C CE  . LYS A 1 91  ? -18.670 -1.326  -13.399 1.00 33.13 ? 752  LYS A CE  1 
ATOM   720  N NZ  . LYS A 1 91  ? -18.121 -2.183  -12.306 1.00 32.74 ? 752  LYS A NZ  1 
ATOM   721  N N   . ALA A 1 92  ? -12.864 3.291   -13.797 1.00 25.52 ? 753  ALA A N   1 
ATOM   722  C CA  . ALA A 1 92  ? -11.637 3.770   -14.413 1.00 25.55 ? 753  ALA A CA  1 
ATOM   723  C C   . ALA A 1 92  ? -10.499 2.811   -14.067 1.00 28.85 ? 753  ALA A C   1 
ATOM   724  O O   . ALA A 1 92  ? -10.514 2.180   -13.006 1.00 21.67 ? 753  ALA A O   1 
ATOM   725  C CB  . ALA A 1 92  ? -11.321 5.178   -13.929 1.00 26.77 ? 753  ALA A CB  1 
ATOM   726  N N   . PRO A 1 93  ? -9.518  2.675   -14.971 1.00 29.19 ? 754  PRO A N   1 
ATOM   727  C CA  . PRO A 1 93  ? -8.383  1.804   -14.663 1.00 24.78 ? 754  PRO A CA  1 
ATOM   728  C C   . PRO A 1 93  ? -7.657  2.317   -13.428 1.00 19.80 ? 754  PRO A C   1 
ATOM   729  O O   . PRO A 1 93  ? -7.282  3.487   -13.365 1.00 22.93 ? 754  PRO A O   1 
ATOM   730  C CB  . PRO A 1 93  ? -7.497  1.933   -15.905 1.00 30.44 ? 754  PRO A CB  1 
ATOM   731  C CG  . PRO A 1 93  ? -8.455  2.293   -17.002 1.00 32.74 ? 754  PRO A CG  1 
ATOM   732  C CD  . PRO A 1 93  ? -9.459  3.196   -16.348 1.00 32.40 ? 754  PRO A CD  1 
ATOM   733  N N   . LEU A 1 94  ? -7.492  1.447   -12.441 1.00 22.36 ? 755  LEU A N   1 
ATOM   734  C CA  . LEU A 1 94  ? -6.802  1.833   -11.222 1.00 16.74 ? 755  LEU A CA  1 
ATOM   735  C C   . LEU A 1 94  ? -5.316  1.982   -11.498 1.00 16.64 ? 755  LEU A C   1 
ATOM   736  O O   . LEU A 1 94  ? -4.698  1.117   -12.121 1.00 16.63 ? 755  LEU A O   1 
ATOM   737  C CB  . LEU A 1 94  ? -7.030  0.793   -10.124 1.00 18.83 ? 755  LEU A CB  1 
ATOM   738  C CG  . LEU A 1 94  ? -6.226  0.993   -8.837  1.00 25.31 ? 755  LEU A CG  1 
ATOM   739  C CD1 . LEU A 1 94  ? -6.629  2.293   -8.141  1.00 23.79 ? 755  LEU A CD1 1 
ATOM   740  C CD2 . LEU A 1 94  ? -6.385  -0.200  -7.907  1.00 20.01 ? 755  LEU A CD2 1 
ATOM   741  N N   . ARG A 1 95  ? -4.766  3.110   -11.066 1.00 18.83 ? 756  ARG A N   1 
ATOM   742  C CA  . ARG A 1 95  ? -3.328  3.300   -11.026 1.00 18.41 ? 756  ARG A CA  1 
ATOM   743  C C   . ARG A 1 95  ? -3.007  3.769   -9.623  1.00 16.50 ? 756  ARG A C   1 
ATOM   744  O O   . ARG A 1 95  ? -3.797  4.471   -8.998  1.00 18.07 ? 756  ARG A O   1 
ATOM   745  C CB  . ARG A 1 95  ? -2.876  4.322   -12.067 1.00 19.22 ? 756  ARG A CB  1 
ATOM   746  C CG  . ARG A 1 95  ? -3.178  3.893   -13.495 1.00 27.63 ? 756  ARG A CG  1 
ATOM   747  C CD  . ARG A 1 95  ? -2.767  4.959   -14.482 1.00 26.05 ? 756  ARG A CD  1 
ATOM   748  N NE  . ARG A 1 95  ? -1.328  5.187   -14.454 1.00 30.67 ? 756  ARG A NE  1 
ATOM   749  C CZ  . ARG A 1 95  ? -0.724  6.207   -15.051 1.00 27.36 ? 756  ARG A CZ  1 
ATOM   750  N NH1 . ARG A 1 95  ? -1.437  7.104   -15.720 1.00 32.75 ? 756  ARG A NH1 1 
ATOM   751  N NH2 . ARG A 1 95  ? 0.591   6.337   -14.974 1.00 29.82 ? 756  ARG A NH2 1 
ATOM   752  N N   . LEU A 1 96  ? -1.861  3.349   -9.115  1.00 16.36 ? 757  LEU A N   1 
ATOM   753  C CA  . LEU A 1 96  ? -1.512  3.641   -7.744  1.00 13.48 ? 757  LEU A CA  1 
ATOM   754  C C   . LEU A 1 96  ? -0.023  3.951   -7.701  1.00 15.32 ? 757  LEU A C   1 
ATOM   755  O O   . LEU A 1 96  ? 0.801   3.153   -8.163  1.00 17.85 ? 757  LEU A O   1 
ATOM   756  C CB  . LEU A 1 96  ? -1.838  2.430   -6.871  1.00 18.95 ? 757  LEU A CB  1 
ATOM   757  C CG  . LEU A 1 96  ? -1.696  2.530   -5.354  1.00 20.47 ? 757  LEU A CG  1 
ATOM   758  C CD1 . LEU A 1 96  ? -2.658  3.541   -4.762  1.00 20.70 ? 757  LEU A CD1 1 
ATOM   759  C CD2 . LEU A 1 96  ? -1.948  1.159   -4.757  1.00 16.26 ? 757  LEU A CD2 1 
ATOM   760  N N   . LYS A 1 97  ? 0.306   5.124   -7.169  1.00 14.52 ? 758  LYS A N   1 
ATOM   761  C CA  . LYS A 1 97  ? 1.690   5.535   -6.984  1.00 15.24 ? 758  LYS A CA  1 
ATOM   762  C C   . LYS A 1 97  ? 1.943   5.640   -5.489  1.00 16.43 ? 758  LYS A C   1 
ATOM   763  O O   . LYS A 1 97  ? 1.136   6.216   -4.756  1.00 12.79 ? 758  LYS A O   1 
ATOM   764  C CB  . LYS A 1 97  ? 1.937   6.880   -7.662  1.00 14.47 ? 758  LYS A CB  1 
ATOM   765  C CG  . LYS A 1 97  ? 3.405   7.286   -7.763  1.00 18.10 ? 758  LYS A CG  1 
ATOM   766  C CD  . LYS A 1 97  ? 3.560   8.419   -8.767  1.00 19.07 ? 758  LYS A CD  1 
ATOM   767  C CE  . LYS A 1 97  ? 5.005   8.898   -8.859  1.00 31.68 ? 758  LYS A CE  1 
ATOM   768  N NZ  . LYS A 1 97  ? 5.170   9.921   -9.926  1.00 29.04 ? 758  LYS A NZ  1 
ATOM   769  N N   . LEU A 1 98  ? 3.050   5.066   -5.035  1.00 13.26 ? 759  LEU A N   1 
ATOM   770  C CA  . LEU A 1 98  ? 3.355   5.051   -3.609  1.00 11.00 ? 759  LEU A CA  1 
ATOM   771  C C   . LEU A 1 98  ? 4.656   5.772   -3.307  1.00 13.43 ? 759  LEU A C   1 
ATOM   772  O O   . LEU A 1 98  ? 5.584   5.729   -4.097  1.00 12.50 ? 759  LEU A O   1 
ATOM   773  C CB  . LEU A 1 98  ? 3.460   3.609   -3.106  1.00 11.16 ? 759  LEU A CB  1 
ATOM   774  C CG  . LEU A 1 98  ? 2.241   2.699   -3.254  1.00 10.19 ? 759  LEU A CG  1 
ATOM   775  C CD1 . LEU A 1 98  ? 2.566   1.315   -2.703  1.00 15.88 ? 759  LEU A CD1 1 
ATOM   776  C CD2 . LEU A 1 98  ? 1.054   3.314   -2.537  1.00 11.23 ? 759  LEU A CD2 1 
ATOM   777  N N   . ARG A 1 99  ? 4.707   6.418   -2.154  1.00 8.99  ? 760  ARG A N   1 
ATOM   778  C CA  . ARG A 1 99  ? 5.941   7.025   -1.670  1.00 10.67 ? 760  ARG A CA  1 
ATOM   779  C C   . ARG A 1 99  ? 6.209   6.455   -0.293  1.00 12.94 ? 760  ARG A C   1 
ATOM   780  O O   . ARG A 1 99  ? 5.430   6.673   0.634   1.00 13.33 ? 760  ARG A O   1 
ATOM   781  C CB  . ARG A 1 99  ? 5.804   8.543   -1.591  1.00 13.32 ? 760  ARG A CB  1 
ATOM   782  C CG  . ARG A 1 99  ? 7.057   9.255   -1.102  1.00 20.92 ? 760  ARG A CG  1 
ATOM   783  C CD  . ARG A 1 99  ? 6.839   10.763  -1.086  1.00 20.99 ? 760  ARG A CD  1 
ATOM   784  N NE  . ARG A 1 99  ? 8.032   11.490  -0.651  1.00 26.72 ? 760  ARG A NE  1 
ATOM   785  C CZ  . ARG A 1 99  ? 8.235   11.914  0.594   1.00 29.86 ? 760  ARG A CZ  1 
ATOM   786  N NH1 . ARG A 1 99  ? 7.329   11.677  1.533   1.00 35.27 ? 760  ARG A NH1 1 
ATOM   787  N NH2 . ARG A 1 99  ? 9.347   12.571  0.900   1.00 27.64 ? 760  ARG A NH2 1 
ATOM   788  N N   . LEU A 1 100 ? 7.279   5.680   -0.177  1.00 8.76  ? 761  LEU A N   1 
ATOM   789  C CA  . LEU A 1 100 ? 7.652   5.083   1.096   1.00 9.19  ? 761  LEU A CA  1 
ATOM   790  C C   . LEU A 1 100 ? 8.836   5.842   1.653   1.00 14.05 ? 761  LEU A C   1 
ATOM   791  O O   . LEU A 1 100 ? 9.830   6.057   0.959   1.00 13.51 ? 761  LEU A O   1 
ATOM   792  C CB  . LEU A 1 100 ? 8.059   3.622   0.927   1.00 10.79 ? 761  LEU A CB  1 
ATOM   793  C CG  . LEU A 1 100 ? 7.111   2.707   0.163   1.00 12.77 ? 761  LEU A CG  1 
ATOM   794  C CD1 . LEU A 1 100 ? 7.628   1.276   0.175   1.00 15.48 ? 761  LEU A CD1 1 
ATOM   795  C CD2 . LEU A 1 100 ? 5.733   2.787   0.784   1.00 11.52 ? 761  LEU A CD2 1 
ATOM   796  N N   . THR A 1 101 ? 8.726   6.259   2.901   1.00 9.14  ? 762  THR A N   1 
ATOM   797  C CA  . THR A 1 101 ? 9.888   6.834   3.569   1.00 9.12  ? 762  THR A CA  1 
ATOM   798  C C   . THR A 1 101 ? 10.025  6.180   4.929   1.00 10.24 ? 762  THR A C   1 
ATOM   799  O O   . THR A 1 101 ? 9.036   5.957   5.626   1.00 14.16 ? 762  THR A O   1 
ATOM   800  C CB  . THR A 1 101 ? 9.801   8.363   3.728   1.00 12.53 ? 762  THR A CB  1 
ATOM   801  O OG1 . THR A 1 101 ? 8.610   8.707   4.440   1.00 12.99 ? 762  THR A OG1 1 
ATOM   802  C CG2 . THR A 1 101 ? 9.806   9.060   2.367   1.00 12.46 ? 762  THR A CG2 1 
ATOM   803  N N   . TYR A 1 102 ? 11.260  5.843   5.287   1.00 9.36  ? 763  TYR A N   1 
ATOM   804  C CA  . TYR A 1 102 ? 11.552  5.235   6.578   1.00 9.40  ? 763  TYR A CA  1 
ATOM   805  C C   . TYR A 1 102 ? 13.048  5.229   6.817   1.00 9.20  ? 763  TYR A C   1 
ATOM   806  O O   . TYR A 1 102 ? 13.829  5.547   5.924   1.00 12.02 ? 763  TYR A O   1 
ATOM   807  C CB  . TYR A 1 102 ? 11.026  3.794   6.687   1.00 11.34 ? 763  TYR A CB  1 
ATOM   808  C CG  . TYR A 1 102 ? 11.504  2.834   5.614   1.00 9.82  ? 763  TYR A CG  1 
ATOM   809  C CD1 . TYR A 1 102 ? 10.826  2.735   4.403   1.00 9.11  ? 763  TYR A CD1 1 
ATOM   810  C CD2 . TYR A 1 102 ? 12.599  1.995   5.827   1.00 11.96 ? 763  TYR A CD2 1 
ATOM   811  C CE1 . TYR A 1 102 ? 11.229  1.847   3.419   1.00 8.26  ? 763  TYR A CE1 1 
ATOM   812  C CE2 . TYR A 1 102 ? 13.014  1.096   4.847   1.00 10.52 ? 763  TYR A CE2 1 
ATOM   813  C CZ  . TYR A 1 102 ? 12.322  1.034   3.640   1.00 9.71  ? 763  TYR A CZ  1 
ATOM   814  O OH  . TYR A 1 102 ? 12.723  0.158   2.656   1.00 13.32 ? 763  TYR A OH  1 
ATOM   815  N N   . ASP A 1 103 ? 13.423  4.838   8.026   1.00 11.74 ? 764  ASP A N   1 
ATOM   816  C CA  . ASP A 1 103 ? 14.824  4.714   8.411   1.00 13.77 ? 764  ASP A CA  1 
ATOM   817  C C   . ASP A 1 103 ? 15.112  3.242   8.627   1.00 10.84 ? 764  ASP A C   1 
ATOM   818  O O   . ASP A 1 103 ? 14.303  2.531   9.220   1.00 9.69  ? 764  ASP A O   1 
ATOM   819  C CB  . ASP A 1 103 ? 15.077  5.467   9.711   1.00 11.15 ? 764  ASP A CB  1 
ATOM   820  C CG  . ASP A 1 103 ? 15.009  6.975   9.534   1.00 19.00 ? 764  ASP A CG  1 
ATOM   821  O OD1 . ASP A 1 103 ? 15.365  7.469   8.443   1.00 17.38 ? 764  ASP A OD1 1 
ATOM   822  O OD2 . ASP A 1 103 ? 14.589  7.659   10.481  1.00 23.10 ? 764  ASP A OD2 1 
ATOM   823  N N   . HIS A 1 104 ? 16.280  2.796   8.174   1.00 12.41 ? 765  HIS A N   1 
ATOM   824  C CA  . HIS A 1 104 ? 16.652  1.395   8.249   1.00 10.54 ? 765  HIS A CA  1 
ATOM   825  C C   . HIS A 1 104 ? 18.163  1.341   8.148   1.00 11.03 ? 765  HIS A C   1 
ATOM   826  O O   . HIS A 1 104 ? 18.731  1.910   7.214   1.00 12.34 ? 765  HIS A O   1 
ATOM   827  C CB  . HIS A 1 104 ? 16.044  0.641   7.059   1.00 10.80 ? 765  HIS A CB  1 
ATOM   828  C CG  . HIS A 1 104 ? 16.189  -0.848  7.130   1.00 10.38 ? 765  HIS A CG  1 
ATOM   829  N ND1 . HIS A 1 104 ? 16.480  -1.614  6.018   1.00 12.97 ? 765  HIS A ND1 1 
ATOM   830  C CD2 . HIS A 1 104 ? 16.058  -1.718  8.156   1.00 12.41 ? 765  HIS A CD2 1 
ATOM   831  C CE1 . HIS A 1 104 ? 16.520  -2.889  6.361   1.00 9.09  ? 765  HIS A CE1 1 
ATOM   832  N NE2 . HIS A 1 104 ? 16.274  -2.980  7.657   1.00 10.14 ? 765  HIS A NE2 1 
ATOM   833  N N   . PHE A 1 105 ? 18.805  0.662   9.096   1.00 7.61  ? 766  PHE A N   1 
ATOM   834  C CA  . PHE A 1 105 ? 20.275  0.564   9.105   1.00 11.16 ? 766  PHE A CA  1 
ATOM   835  C C   . PHE A 1 105 ? 20.925  1.949   9.149   1.00 12.24 ? 766  PHE A C   1 
ATOM   836  O O   . PHE A 1 105 ? 22.001  2.167   8.565   1.00 13.75 ? 766  PHE A O   1 
ATOM   837  C CB  . PHE A 1 105 ? 20.778  -0.207  7.881   1.00 12.38 ? 766  PHE A CB  1 
ATOM   838  C CG  . PHE A 1 105 ? 20.392  -1.663  7.865   1.00 15.72 ? 766  PHE A CG  1 
ATOM   839  C CD1 . PHE A 1 105 ? 20.373  -2.411  9.034   1.00 13.26 ? 766  PHE A CD1 1 
ATOM   840  C CD2 . PHE A 1 105 ? 20.085  -2.291  6.671   1.00 15.11 ? 766  PHE A CD2 1 
ATOM   841  C CE1 . PHE A 1 105 ? 20.037  -3.755  9.014   1.00 23.16 ? 766  PHE A CE1 1 
ATOM   842  C CE2 . PHE A 1 105 ? 19.751  -3.640  6.645   1.00 14.40 ? 766  PHE A CE2 1 
ATOM   843  C CZ  . PHE A 1 105 ? 19.723  -4.369  7.818   1.00 13.18 ? 766  PHE A CZ  1 
ATOM   844  N N   . HIS A 1 106 ? 20.265  2.883   9.830   1.00 13.49 ? 767  HIS A N   1 
ATOM   845  C CA  . HIS A 1 106 ? 20.727  4.272   9.940   1.00 16.94 ? 767  HIS A CA  1 
ATOM   846  C C   . HIS A 1 106 ? 20.801  4.952   8.575   1.00 16.86 ? 767  HIS A C   1 
ATOM   847  O O   . HIS A 1 106 ? 21.592  5.865   8.355   1.00 18.34 ? 767  HIS A O   1 
ATOM   848  C CB  . HIS A 1 106 ? 22.085  4.353   10.652  1.00 13.24 ? 767  HIS A CB  1 
ATOM   849  C CG  . HIS A 1 106 ? 22.332  5.660   11.340  1.00 20.93 ? 767  HIS A CG  1 
ATOM   850  N ND1 . HIS A 1 106 ? 22.311  6.869   10.677  1.00 27.20 ? 767  HIS A ND1 1 
ATOM   851  C CD2 . HIS A 1 106 ? 22.617  5.945   12.633  1.00 21.67 ? 767  HIS A CD2 1 
ATOM   852  C CE1 . HIS A 1 106 ? 22.563  7.844   11.534  1.00 26.01 ? 767  HIS A CE1 1 
ATOM   853  N NE2 . HIS A 1 106 ? 22.753  7.309   12.727  1.00 20.64 ? 767  HIS A NE2 1 
ATOM   854  N N   . GLN A 1 107 ? 19.984  4.484   7.649   1.00 13.13 ? 768  GLN A N   1 
ATOM   855  C CA  A GLN A 1 107 ? 19.873  5.113   6.343   0.58 15.63 ? 768  GLN A CA  1 
ATOM   856  C CA  B GLN A 1 107 ? 19.872  5.109   6.343   0.42 15.66 ? 768  GLN A CA  1 
ATOM   857  C C   . GLN A 1 107 ? 18.466  5.665   6.185   1.00 16.15 ? 768  GLN A C   1 
ATOM   858  O O   . GLN A 1 107 ? 17.497  5.019   6.579   1.00 15.76 ? 768  GLN A O   1 
ATOM   859  C CB  A GLN A 1 107 ? 20.142  4.101   5.228   0.58 22.46 ? 768  GLN A CB  1 
ATOM   860  C CB  B GLN A 1 107 ? 20.152  4.083   5.244   0.42 22.40 ? 768  GLN A CB  1 
ATOM   861  C CG  A GLN A 1 107 ? 21.536  3.498   5.231   0.58 22.45 ? 768  GLN A CG  1 
ATOM   862  C CG  B GLN A 1 107 ? 19.780  4.537   3.843   0.42 24.86 ? 768  GLN A CG  1 
ATOM   863  C CD  A GLN A 1 107 ? 21.707  2.446   4.150   0.58 26.50 ? 768  GLN A CD  1 
ATOM   864  C CD  B GLN A 1 107 ? 20.766  5.532   3.259   0.42 18.62 ? 768  GLN A CD  1 
ATOM   865  O OE1 A GLN A 1 107 ? 20.873  2.321   3.249   0.58 26.46 ? 768  GLN A OE1 1 
ATOM   866  O OE1 B GLN A 1 107 ? 20.776  6.710   3.624   0.42 27.65 ? 768  GLN A OE1 1 
ATOM   867  N NE2 A GLN A 1 107 ? 22.790  1.678   4.235   0.58 32.41 ? 768  GLN A NE2 1 
ATOM   868  N NE2 B GLN A 1 107 ? 21.600  5.061   2.339   0.42 17.98 ? 768  GLN A NE2 1 
ATOM   869  N N   . SER A 1 108 ? 18.361  6.869   5.630   1.00 15.26 ? 769  SER A N   1 
ATOM   870  C CA  A SER A 1 108 ? 17.068  7.430   5.278   0.37 14.67 ? 769  SER A CA  1 
ATOM   871  C CA  B SER A 1 108 ? 17.065  7.431   5.272   0.63 14.62 ? 769  SER A CA  1 
ATOM   872  C C   . SER A 1 108 ? 16.649  6.819   3.950   1.00 13.98 ? 769  SER A C   1 
ATOM   873  O O   . SER A 1 108 ? 17.354  6.959   2.952   1.00 15.86 ? 769  SER A O   1 
ATOM   874  C CB  A SER A 1 108 ? 17.174  8.947   5.143   0.37 17.51 ? 769  SER A CB  1 
ATOM   875  C CB  B SER A 1 108 ? 17.154  8.947   5.107   0.63 17.49 ? 769  SER A CB  1 
ATOM   876  O OG  A SER A 1 108 ? 15.898  9.540   4.992   0.37 16.99 ? 769  SER A OG  1 
ATOM   877  O OG  B SER A 1 108 ? 17.733  9.557   6.246   0.63 23.95 ? 769  SER A OG  1 
ATOM   878  N N   . VAL A 1 109 ? 15.511  6.132   3.937   1.00 13.48 ? 770  VAL A N   1 
ATOM   879  C CA  . VAL A 1 109 ? 15.051  5.519   2.709   1.00 12.71 ? 770  VAL A CA  1 
ATOM   880  C C   . VAL A 1 109 ? 13.931  6.367   2.111   1.00 11.26 ? 770  VAL A C   1 
ATOM   881  O O   . VAL A 1 109 ? 13.036  6.826   2.823   1.00 11.29 ? 770  VAL A O   1 
ATOM   882  C CB  . VAL A 1 109 ? 14.534  4.073   2.945   1.00 13.31 ? 770  VAL A CB  1 
ATOM   883  C CG1 . VAL A 1 109 ? 13.968  3.494   1.654   1.00 11.85 ? 770  VAL A CG1 1 
ATOM   884  C CG2 . VAL A 1 109 ? 15.651  3.182   3.499   1.00 11.71 ? 770  VAL A CG2 1 
ATOM   885  N N   . GLN A 1 110 ? 13.997  6.580   0.802   1.00 10.81 ? 771  GLN A N   1 
ATOM   886  C CA  . GLN A 1 110 ? 12.927  7.251   0.083   1.00 11.73 ? 771  GLN A CA  1 
ATOM   887  C C   . GLN A 1 110 ? 12.720  6.524   -1.234  1.00 12.69 ? 771  GLN A C   1 
ATOM   888  O O   . GLN A 1 110 ? 13.586  6.543   -2.110  1.00 12.20 ? 771  GLN A O   1 
ATOM   889  C CB  . GLN A 1 110 ? 13.258  8.733   -0.137  1.00 16.14 ? 771  GLN A CB  1 
ATOM   890  C CG  . GLN A 1 110 ? 12.130  9.520   -0.777  1.00 19.97 ? 771  GLN A CG  1 
ATOM   891  C CD  . GLN A 1 110 ? 12.361  11.025  -0.743  1.00 31.52 ? 771  GLN A CD  1 
ATOM   892  O OE1 . GLN A 1 110 ? 12.912  11.563  0.221   1.00 26.60 ? 771  GLN A OE1 1 
ATOM   893  N NE2 . GLN A 1 110 ? 11.936  11.711  -1.798  1.00 27.45 ? 771  GLN A NE2 1 
ATOM   894  N N   . GLU A 1 111 ? 11.578  5.851   -1.356  1.00 10.28 ? 772  GLU A N   1 
ATOM   895  C CA  . GLU A 1 111 ? 11.285  5.079   -2.537  1.00 13.38 ? 772  GLU A CA  1 
ATOM   896  C C   . GLU A 1 111 ? 9.936   5.519   -3.067  1.00 15.34 ? 772  GLU A C   1 
ATOM   897  O O   . GLU A 1 111 ? 8.974   5.647   -2.313  1.00 17.12 ? 772  GLU A O   1 
ATOM   898  C CB  . GLU A 1 111 ? 11.289  3.581   -2.212  1.00 12.04 ? 772  GLU A CB  1 
ATOM   899  C CG  . GLU A 1 111 ? 12.693  3.022   -1.937  1.00 9.48  ? 772  GLU A CG  1 
ATOM   900  C CD  . GLU A 1 111 ? 13.467  2.733   -3.207  1.00 15.63 ? 772  GLU A CD  1 
ATOM   901  O OE1 . GLU A 1 111 ? 12.916  2.968   -4.298  1.00 15.89 ? 772  GLU A OE1 1 
ATOM   902  O OE2 . GLU A 1 111 ? 14.628  2.263   -3.119  1.00 10.78 ? 772  GLU A OE2 1 
ATOM   903  N N   . ILE A 1 112 ? 9.887   5.794   -4.363  1.00 11.04 ? 773  ILE A N   1 
ATOM   904  C CA  . ILE A 1 112 ? 8.648   6.210   -5.005  1.00 11.65 ? 773  ILE A CA  1 
ATOM   905  C C   . ILE A 1 112 ? 8.482   5.423   -6.281  1.00 14.45 ? 773  ILE A C   1 
ATOM   906  O O   . ILE A 1 112 ? 9.416   5.301   -7.064  1.00 14.31 ? 773  ILE A O   1 
ATOM   907  C CB  . ILE A 1 112 ? 8.650   7.714   -5.332  1.00 11.87 ? 773  ILE A CB  1 
ATOM   908  C CG1 . ILE A 1 112 ? 8.865   8.549   -4.071  1.00 19.62 ? 773  ILE A CG1 1 
ATOM   909  C CG2 . ILE A 1 112 ? 7.338   8.124   -6.007  1.00 15.71 ? 773  ILE A CG2 1 
ATOM   910  C CD1 . ILE A 1 112 ? 8.789   10.039  -4.326  1.00 27.13 ? 773  ILE A CD1 1 
ATOM   911  N N   . PHE A 1 113 ? 7.286   4.886   -6.502  1.00 11.82 ? 774  PHE A N   1 
ATOM   912  C CA  . PHE A 1 113 ? 7.051   4.102   -7.698  1.00 14.54 ? 774  PHE A CA  1 
ATOM   913  C C   . PHE A 1 113 ? 5.579   3.983   -8.000  1.00 15.17 ? 774  PHE A C   1 
ATOM   914  O O   . PHE A 1 113 ? 4.738   4.097   -7.108  1.00 16.29 ? 774  PHE A O   1 
ATOM   915  C CB  . PHE A 1 113 ? 7.653   2.704   -7.560  1.00 11.99 ? 774  PHE A CB  1 
ATOM   916  C CG  . PHE A 1 113 ? 7.246   1.980   -6.312  1.00 11.89 ? 774  PHE A CG  1 
ATOM   917  C CD1 . PHE A 1 113 ? 7.922   2.187   -5.118  1.00 18.51 ? 774  PHE A CD1 1 
ATOM   918  C CD2 . PHE A 1 113 ? 6.191   1.080   -6.331  1.00 15.61 ? 774  PHE A CD2 1 
ATOM   919  C CE1 . PHE A 1 113 ? 7.539   1.516   -3.965  1.00 14.05 ? 774  PHE A CE1 1 
ATOM   920  C CE2 . PHE A 1 113 ? 5.814   0.407   -5.186  1.00 19.80 ? 774  PHE A CE2 1 
ATOM   921  C CZ  . PHE A 1 113 ? 6.491   0.626   -4.001  1.00 15.06 ? 774  PHE A CZ  1 
ATOM   922  N N   . GLU A 1 114 ? 5.273   3.741   -9.269  1.00 16.14 ? 775  GLU A N   1 
ATOM   923  C CA  . GLU A 1 114 ? 3.919   3.373   -9.633  1.00 19.19 ? 775  GLU A CA  1 
ATOM   924  C C   . GLU A 1 114 ? 3.809   1.862   -9.550  1.00 21.24 ? 775  GLU A C   1 
ATOM   925  O O   . GLU A 1 114 ? 4.732   1.140   -9.930  1.00 19.22 ? 775  GLU A O   1 
ATOM   926  C CB  . GLU A 1 114 ? 3.555   3.861   -11.034 1.00 21.24 ? 775  GLU A CB  1 
ATOM   927  C CG  . GLU A 1 114 ? 2.165   3.399   -11.449 1.00 19.71 ? 775  GLU A CG  1 
ATOM   928  C CD  . GLU A 1 114 ? 1.662   4.035   -12.727 1.00 28.07 ? 775  GLU A CD  1 
ATOM   929  O OE1 . GLU A 1 114 ? 2.398   4.825   -13.353 1.00 24.27 ? 775  GLU A OE1 1 
ATOM   930  O OE2 . GLU A 1 114 ? 0.513   3.735   -13.104 1.00 25.38 ? 775  GLU A OE2 1 
ATOM   931  N N   . VAL A 1 115 ? 2.688   1.383   -9.029  1.00 15.59 ? 776  VAL A N   1 
ATOM   932  C CA  . VAL A 1 115 ? 2.479   -0.049  -8.885  1.00 20.39 ? 776  VAL A CA  1 
ATOM   933  C C   . VAL A 1 115 ? 2.067   -0.664  -10.216 1.00 22.55 ? 776  VAL A C   1 
ATOM   934  O O   . VAL A 1 115 ? 1.079   -0.258  -10.812 1.00 21.56 ? 776  VAL A O   1 
ATOM   935  C CB  . VAL A 1 115 ? 1.442   -0.352  -7.790  1.00 12.42 ? 776  VAL A CB  1 
ATOM   936  C CG1 . VAL A 1 115 ? 1.144   -1.844  -7.723  1.00 14.94 ? 776  VAL A CG1 1 
ATOM   937  C CG2 . VAL A 1 115 ? 1.949   0.153   -6.441  1.00 16.26 ? 776  VAL A CG2 1 
ATOM   938  N N   . ASN A 1 116 ? 2.856   -1.619  -10.696 1.00 21.96 ? 777  ASN A N   1 
ATOM   939  C CA  . ASN A 1 116 ? 2.494   -2.357  -11.901 1.00 27.63 ? 777  ASN A CA  1 
ATOM   940  C C   . ASN A 1 116 ? 1.804   -3.675  -11.573 1.00 25.64 ? 777  ASN A C   1 
ATOM   941  O O   . ASN A 1 116 ? 1.888   -4.165  -10.445 1.00 22.55 ? 777  ASN A O   1 
ATOM   942  C CB  . ASN A 1 116 ? 3.725   -2.596  -12.775 1.00 38.16 ? 777  ASN A CB  1 
ATOM   943  C CG  . ASN A 1 116 ? 4.228   -1.324  -13.425 1.00 40.01 ? 777  ASN A CG  1 
ATOM   944  O OD1 . ASN A 1 116 ? 4.634   -0.385  -12.740 1.00 42.57 ? 777  ASN A OD1 1 
ATOM   945  N ND2 . ASN A 1 116 ? 4.205   -1.286  -14.752 1.00 41.72 ? 777  ASN A ND2 1 
ATOM   946  N N   . ASN A 1 117 ? 1.117   -4.233  -12.564 1.00 21.47 ? 778  ASN A N   1 
ATOM   947  C CA  . ASN A 1 117 ? 0.433   -5.517  -12.429 1.00 21.91 ? 778  ASN A CA  1 
ATOM   948  C C   . ASN A 1 117 ? -0.710  -5.515  -11.420 1.00 16.67 ? 778  ASN A C   1 
ATOM   949  O O   . ASN A 1 117 ? -1.003  -6.544  -10.809 1.00 17.63 ? 778  ASN A O   1 
ATOM   950  C CB  . ASN A 1 117 ? 1.422   -6.637  -12.088 1.00 25.73 ? 778  ASN A CB  1 
ATOM   951  C CG  . ASN A 1 117 ? 2.620   -6.652  -13.007 1.00 34.93 ? 778  ASN A CG  1 
ATOM   952  O OD1 . ASN A 1 117 ? 3.746   -6.403  -12.580 1.00 46.69 ? 778  ASN A OD1 1 
ATOM   953  N ND2 . ASN A 1 117 ? 2.385   -6.944  -14.282 1.00 36.56 ? 778  ASN A ND2 1 
ATOM   954  N N   . LEU A 1 118 ? -1.361  -4.369  -11.247 1.00 18.46 ? 779  LEU A N   1 
ATOM   955  C CA  . LEU A 1 118 ? -2.591  -4.331  -10.459 1.00 13.69 ? 779  LEU A CA  1 
ATOM   956  C C   . LEU A 1 118 ? -3.622  -5.245  -11.114 1.00 19.89 ? 779  LEU A C   1 
ATOM   957  O O   . LEU A 1 118 ? -3.872  -5.132  -12.313 1.00 27.21 ? 779  LEU A O   1 
ATOM   958  C CB  . LEU A 1 118 ? -3.138  -2.915  -10.375 1.00 16.70 ? 779  LEU A CB  1 
ATOM   959  C CG  . LEU A 1 118 ? -2.400  -1.950  -9.446  1.00 16.37 ? 779  LEU A CG  1 
ATOM   960  C CD1 . LEU A 1 118 ? -2.976  -0.555  -9.575  1.00 21.33 ? 779  LEU A CD1 1 
ATOM   961  C CD2 . LEU A 1 118 ? -2.498  -2.458  -8.017  1.00 16.48 ? 779  LEU A CD2 1 
ATOM   962  N N   . PRO A 1 119 ? -4.223  -6.153  -10.330 1.00 21.20 ? 780  PRO A N   1 
ATOM   963  C CA  . PRO A 1 119 ? -5.198  -7.072  -10.924 1.00 20.08 ? 780  PRO A CA  1 
ATOM   964  C C   . PRO A 1 119 ? -6.414  -6.308  -11.434 1.00 26.08 ? 780  PRO A C   1 
ATOM   965  O O   . PRO A 1 119 ? -6.897  -5.400  -10.762 1.00 20.55 ? 780  PRO A O   1 
ATOM   966  C CB  . PRO A 1 119 ? -5.587  -7.981  -9.754  1.00 20.58 ? 780  PRO A CB  1 
ATOM   967  C CG  . PRO A 1 119 ? -5.306  -7.175  -8.533  1.00 26.03 ? 780  PRO A CG  1 
ATOM   968  C CD  . PRO A 1 119 ? -4.100  -6.338  -8.873  1.00 21.83 ? 780  PRO A CD  1 
ATOM   969  N N   . VAL A 1 120 ? -6.895  -6.663  -12.620 1.00 24.04 ? 781  VAL A N   1 
ATOM   970  C CA  . VAL A 1 120 ? -8.043  -5.972  -13.196 1.00 26.08 ? 781  VAL A CA  1 
ATOM   971  C C   . VAL A 1 120 ? -9.280  -6.087  -12.299 1.00 25.33 ? 781  VAL A C   1 
ATOM   972  O O   . VAL A 1 120 ? -10.141 -5.204  -12.303 1.00 26.75 ? 781  VAL A O   1 
ATOM   973  C CB  . VAL A 1 120 ? -8.354  -6.474  -14.623 1.00 29.93 ? 781  VAL A CB  1 
ATOM   974  C CG1 . VAL A 1 120 ? -7.175  -6.189  -15.543 1.00 34.16 ? 781  VAL A CG1 1 
ATOM   975  C CG2 . VAL A 1 120 ? -8.682  -7.960  -14.610 1.00 32.03 ? 781  VAL A CG2 1 
ATOM   976  N N   . GLU A 1 121 ? -9.348  -7.160  -11.513 1.00 20.87 ? 782  GLU A N   1 
ATOM   977  C CA  . GLU A 1 121 ? -10.449 -7.368  -10.576 1.00 24.48 ? 782  GLU A CA  1 
ATOM   978  C C   . GLU A 1 121 ? -10.554 -6.269  -9.522  1.00 20.76 ? 782  GLU A C   1 
ATOM   979  O O   . GLU A 1 121 ? -11.592 -6.125  -8.874  1.00 18.27 ? 782  GLU A O   1 
ATOM   980  C CB  . GLU A 1 121 ? -10.322 -8.722  -9.873  1.00 22.99 ? 782  GLU A CB  1 
ATOM   981  C CG  . GLU A 1 121 ? -10.511 -9.923  -10.783 1.00 31.36 ? 782  GLU A CG  1 
ATOM   982  C CD  . GLU A 1 121 ? -9.293  -10.217 -11.639 1.00 38.31 ? 782  GLU A CD  1 
ATOM   983  O OE1 . GLU A 1 121 ? -8.215  -9.623  -11.395 1.00 28.14 ? 782  GLU A OE1 1 
ATOM   984  O OE2 . GLU A 1 121 ? -9.421  -11.050 -12.561 1.00 45.34 ? 782  GLU A OE2 1 
ATOM   985  N N   . SER A 1 122 ? -9.479  -5.505  -9.336  1.00 17.32 ? 783  SER A N   1 
ATOM   986  C CA  . SER A 1 122 ? -9.495  -4.454  -8.330  1.00 14.72 ? 783  SER A CA  1 
ATOM   987  C C   . SER A 1 122 ? -10.233 -3.208  -8.799  1.00 16.32 ? 783  SER A C   1 
ATOM   988  O O   . SER A 1 122 ? -10.457 -2.290  -8.006  1.00 16.68 ? 783  SER A O   1 
ATOM   989  C CB  . SER A 1 122 ? -8.070  -4.081  -7.895  1.00 18.02 ? 783  SER A CB  1 
ATOM   990  O OG  . SER A 1 122 ? -7.361  -3.450  -8.943  1.00 17.83 ? 783  SER A OG  1 
ATOM   991  N N   . TRP A 1 123 ? -10.627 -3.157  -10.072 1.00 18.12 ? 784  TRP A N   1 
ATOM   992  C CA  . TRP A 1 123 ? -11.293 -1.952  -10.571 1.00 18.41 ? 784  TRP A CA  1 
ATOM   993  C C   . TRP A 1 123 ? -12.419 -2.176  -11.583 1.00 24.10 ? 784  TRP A C   1 
ATOM   994  O O   . TRP A 1 123 ? -13.269 -1.306  -11.754 1.00 22.93 ? 784  TRP A O   1 
ATOM   995  C CB  . TRP A 1 123 ? -10.281 -0.941  -11.120 1.00 24.00 ? 784  TRP A CB  1 
ATOM   996  C CG  . TRP A 1 123 ? -9.453  -1.450  -12.260 1.00 25.84 ? 784  TRP A CG  1 
ATOM   997  C CD1 . TRP A 1 123 ? -8.268  -2.123  -12.178 1.00 21.92 ? 784  TRP A CD1 1 
ATOM   998  C CD2 . TRP A 1 123 ? -9.742  -1.317  -13.658 1.00 28.16 ? 784  TRP A CD2 1 
ATOM   999  N NE1 . TRP A 1 123 ? -7.798  -2.417  -13.437 1.00 28.20 ? 784  TRP A NE1 1 
ATOM   1000 C CE2 . TRP A 1 123 ? -8.686  -1.933  -14.364 1.00 30.22 ? 784  TRP A CE2 1 
ATOM   1001 C CE3 . TRP A 1 123 ? -10.788 -0.736  -14.382 1.00 30.17 ? 784  TRP A CE3 1 
ATOM   1002 C CZ2 . TRP A 1 123 ? -8.650  -1.987  -15.755 1.00 30.50 ? 784  TRP A CZ2 1 
ATOM   1003 C CZ3 . TRP A 1 123 ? -10.750 -0.789  -15.765 1.00 34.20 ? 784  TRP A CZ3 1 
ATOM   1004 C CH2 . TRP A 1 123 ? -9.691  -1.412  -16.436 1.00 35.99 ? 784  TRP A CH2 1 
ATOM   1005 N N   . GLN A 1 124 ? -12.425 -3.331  -12.245 1.00 22.32 ? 785  GLN A N   1 
ATOM   1006 C CA  . GLN A 1 124 ? -13.447 -3.610  -13.252 1.00 25.13 ? 785  GLN A CA  1 
ATOM   1007 C C   . GLN A 1 124 ? -14.827 -3.769  -12.635 1.00 26.90 ? 785  GLN A C   1 
ATOM   1008 O O   . GLN A 1 124 ? -14.951 -4.082  -11.453 1.00 22.32 ? 785  GLN A O   1 
ATOM   1009 C CB  . GLN A 1 124 ? -13.089 -4.858  -14.053 1.00 22.47 ? 785  GLN A CB  1 
ATOM   1010 C CG  . GLN A 1 124 ? -12.050 -4.607  -15.118 1.00 29.37 ? 785  GLN A CG  1 
ATOM   1011 C CD  . GLN A 1 124 ? -11.780 -5.839  -15.952 1.00 36.04 ? 785  GLN A CD  1 
ATOM   1012 O OE1 . GLN A 1 124 ? -12.189 -6.945  -15.595 1.00 31.70 ? 785  GLN A OE1 1 
ATOM   1013 N NE2 . GLN A 1 124 ? -11.091 -5.655  -17.072 1.00 42.48 ? 785  GLN A NE2 1 
ATOM   1014 O OXT . GLN A 1 124 ? -15.842 -3.596  -13.314 1.00 23.64 ? 785  GLN A OXT 1 
ATOM   1015 N N   . PRO B 2 3   ? -5.483  11.412  -15.623 0.81 50.55 ? 2    PRO B N   1 
ATOM   1016 C CA  . PRO B 2 3   ? -6.142  12.223  -14.597 0.81 41.79 ? 2    PRO B CA  1 
ATOM   1017 C C   . PRO B 2 3   ? -5.198  12.509  -13.431 0.81 45.62 ? 2    PRO B C   1 
ATOM   1018 O O   . PRO B 2 3   ? -4.707  11.569  -12.809 0.81 40.96 ? 2    PRO B O   1 
ATOM   1019 C CB  . PRO B 2 3   ? -7.294  11.322  -14.150 0.81 40.54 ? 2    PRO B CB  1 
ATOM   1020 C CG  . PRO B 2 3   ? -7.596  10.438  -15.355 0.81 34.92 ? 2    PRO B CG  1 
ATOM   1021 C CD  . PRO B 2 3   ? -6.449  10.564  -16.340 0.81 49.36 ? 2    PRO B CD  1 
ATOM   1022 N N   . ASP B 2 4   ? -4.961  13.791  -13.148 0.81 54.93 ? 3    ASP B N   1 
ATOM   1023 C CA  . ASP B 2 4   ? -3.980  14.233  -12.147 0.81 50.45 ? 3    ASP B CA  1 
ATOM   1024 C C   . ASP B 2 4   ? -4.107  13.538  -10.781 0.81 50.73 ? 3    ASP B C   1 
ATOM   1025 O O   . ASP B 2 4   ? -5.154  12.988  -10.450 0.81 49.09 ? 3    ASP B O   1 
ATOM   1026 C CB  . ASP B 2 4   ? -4.057  15.754  -11.979 0.81 51.11 ? 3    ASP B CB  1 
ATOM   1027 C CG  . ASP B 2 4   ? -4.017  16.490  -13.306 0.81 54.53 ? 3    ASP B CG  1 
ATOM   1028 O OD1 . ASP B 2 4   ? -3.103  16.216  -14.117 0.81 55.79 ? 3    ASP B OD1 1 
ATOM   1029 O OD2 . ASP B 2 4   ? -4.912  17.329  -13.543 0.81 56.71 ? 3    ASP B OD2 1 
ATOM   1030 N N   . TRP B 2 5   ? -3.028  13.559  -10.000 0.81 47.86 ? 4    TRP B N   1 
ATOM   1031 C CA  . TRP B 2 5   ? -2.957  12.817  -8.741  0.81 44.06 ? 4    TRP B CA  1 
ATOM   1032 C C   . TRP B 2 5   ? -2.555  13.775  -7.620  0.81 56.31 ? 4    TRP B C   1 
ATOM   1033 O O   . TRP B 2 5   ? -2.428  14.977  -7.863  0.81 61.18 ? 4    TRP B O   1 
ATOM   1034 C CB  . TRP B 2 5   ? -1.921  11.681  -8.819  0.81 42.07 ? 4    TRP B CB  1 
ATOM   1035 C CG  . TRP B 2 5   ? -1.780  10.932  -10.151 0.81 31.25 ? 4    TRP B CG  1 
ATOM   1036 C CD1 . TRP B 2 5   ? -1.905  11.445  -11.415 0.81 38.14 ? 4    TRP B CD1 1 
ATOM   1037 C CD2 . TRP B 2 5   ? -1.459  9.543   -10.326 0.81 31.25 ? 4    TRP B CD2 1 
ATOM   1038 N NE1 . TRP B 2 5   ? -1.699  10.468  -12.352 0.81 38.97 ? 4    TRP B NE1 1 
ATOM   1039 C CE2 . TRP B 2 5   ? -1.420  9.290   -11.709 0.81 30.07 ? 4    TRP B CE2 1 
ATOM   1040 C CE3 . TRP B 2 5   ? -1.210  8.488   -9.445  0.81 27.07 ? 4    TRP B CE3 1 
ATOM   1041 C CZ2 . TRP B 2 5   ? -1.132  8.025   -12.231 0.81 29.57 ? 4    TRP B CZ2 1 
ATOM   1042 C CZ3 . TRP B 2 5   ? -0.927  7.232   -9.969  0.81 22.31 ? 4    TRP B CZ3 1 
ATOM   1043 C CH2 . TRP B 2 5   ? -0.883  7.015   -11.339 0.81 20.48 ? 4    TRP B CH2 1 
ATOM   1044 N N   . ASP B 2 6   ? -2.355  13.249  -6.408  0.81 55.99 ? 5    ASP B N   1 
ATOM   1045 C CA  . ASP B 2 6   ? -1.801  14.044  -5.301  0.81 55.77 ? 5    ASP B CA  1 
ATOM   1046 C C   . ASP B 2 6   ? -1.334  13.228  -4.082  0.81 51.37 ? 5    ASP B C   1 
ATOM   1047 O O   . ASP B 2 6   ? -2.003  12.286  -3.644  0.81 53.28 ? 5    ASP B O   1 
ATOM   1048 C CB  . ASP B 2 6   ? -2.755  15.169  -4.866  0.81 54.05 ? 5    ASP B CB  1 
ATOM   1049 C CG  . ASP B 2 6   ? -3.905  14.675  -4.007  0.81 58.41 ? 5    ASP B CG  1 
ATOM   1050 O OD1 . ASP B 2 6   ? -4.383  13.541  -4.228  0.81 65.86 ? 5    ASP B OD1 1 
ATOM   1051 O OD2 . ASP B 2 6   ? -4.337  15.436  -3.110  0.81 56.83 ? 5    ASP B OD2 1 
ATOM   1052 N N   . PHE B 2 7   ? -0.170  13.604  -3.554  0.81 54.98 ? 6    PHE B N   1 
ATOM   1053 C CA  . PHE B 2 7   ? 0.394   12.998  -2.346  0.81 50.11 ? 6    PHE B CA  1 
ATOM   1054 C C   . PHE B 2 7   ? 0.024   13.855  -1.140  0.81 57.08 ? 6    PHE B C   1 
ATOM   1055 O O   . PHE B 2 7   ? 0.444   15.010  -1.057  0.81 58.54 ? 6    PHE B O   1 
ATOM   1056 C CB  . PHE B 2 7   ? 1.925   12.902  -2.458  0.81 49.20 ? 6    PHE B CB  1 
ATOM   1057 C CG  . PHE B 2 7   ? 2.407   11.681  -3.186  0.81 42.51 ? 6    PHE B CG  1 
ATOM   1058 C CD1 . PHE B 2 7   ? 1.819   10.451  -2.966  0.81 26.67 ? 6    PHE B CD1 1 
ATOM   1059 C CD2 . PHE B 2 7   ? 3.447   11.767  -4.094  0.81 35.67 ? 6    PHE B CD2 1 
ATOM   1060 C CE1 . PHE B 2 7   ? 2.267   9.327   -3.633  0.81 24.91 ? 6    PHE B CE1 1 
ATOM   1061 C CE2 . PHE B 2 7   ? 3.894   10.647  -4.772  0.81 31.39 ? 6    PHE B CE2 1 
ATOM   1062 C CZ  . PHE B 2 7   ? 3.303   9.425   -4.539  0.81 28.74 ? 6    PHE B CZ  1 
ATOM   1063 N N   . ASN B 2 8   ? -0.759  13.323  -0.207  0.81 54.03 ? 7    ASN B N   1 
ATOM   1064 C CA  . ASN B 2 8   ? -1.179  14.145  0.929   0.81 56.18 ? 7    ASN B CA  1 
ATOM   1065 C C   . ASN B 2 8   ? -0.451  13.893  2.237   0.81 59.53 ? 7    ASN B C   1 
ATOM   1066 O O   . ASN B 2 8   ? 0.658   13.374  2.253   0.81 59.84 ? 7    ASN B O   1 
ATOM   1067 C CB  . ASN B 2 8   ? -2.702  14.075  1.128   0.81 58.66 ? 7    ASN B CB  1 
ATOM   1068 C CG  . ASN B 2 8   ? -3.227  12.645  1.252   0.81 61.43 ? 7    ASN B CG  1 
ATOM   1069 O OD1 . ASN B 2 8   ? -3.044  11.825  0.346   0.81 61.29 ? 7    ASN B OD1 1 
ATOM   1070 N ND2 . ASN B 2 8   ? -3.886  12.343  2.376   0.81 58.77 ? 7    ASN B ND2 1 
HETATM 1071 N N   . NH2 B 2 9   ? -1.066  14.311  3.333   0.81 58.34 ? 8    NH2 B N   1 
HETATM 1072 C C1  . PEG C 3 .   ? 7.739   7.476   -10.398 1.00 26.47 ? 1786 PEG A C1  1 
HETATM 1073 O O1  . PEG C 3 .   ? 6.718   7.261   -11.305 1.00 35.52 ? 1786 PEG A O1  1 
HETATM 1074 C C2  . PEG C 3 .   ? 8.398   8.781   -10.681 1.00 32.27 ? 1786 PEG A C2  1 
HETATM 1075 O O2  . PEG C 3 .   ? 8.358   9.560   -9.547  1.00 35.26 ? 1786 PEG A O2  1 
HETATM 1076 C C3  . PEG C 3 .   ? 8.694   10.892  -9.629  1.00 34.60 ? 1786 PEG A C3  1 
HETATM 1077 C C4  . PEG C 3 .   ? 8.184   11.608  -8.425  1.00 39.29 ? 1786 PEG A C4  1 
HETATM 1078 O O4  . PEG C 3 .   ? 6.933   12.126  -8.691  1.00 47.86 ? 1786 PEG A O4  1 
HETATM 1079 C C1  . EDO D 4 .   ? -0.510  10.537  1.818   1.00 37.02 ? 1787 EDO A C1  1 
HETATM 1080 O O1  . EDO D 4 .   ? -1.171  9.844   0.752   1.00 28.23 ? 1787 EDO A O1  1 
HETATM 1081 C C2  . EDO D 4 .   ? -1.261  10.457  3.146   1.00 34.97 ? 1787 EDO A C2  1 
HETATM 1082 O O2  . EDO D 4 .   ? -0.487  9.765   4.148   1.00 43.82 ? 1787 EDO A O2  1 
HETATM 1083 O O   . HOH E 5 .   ? -0.618  -14.527 -1.511  1.00 18.33 ? 2001 HOH A O   1 
HETATM 1084 O O   . HOH E 5 .   ? -10.300 -4.672  4.292   1.00 30.10 ? 2002 HOH A O   1 
HETATM 1085 O O   . HOH E 5 .   ? 1.315   7.417   7.883   1.00 23.21 ? 2003 HOH A O   1 
HETATM 1086 O O   . HOH E 5 .   ? -13.491 8.131   -15.423 1.00 35.42 ? 2004 HOH A O   1 
HETATM 1087 O O   . HOH E 5 .   ? 9.740   -7.485  18.052  1.00 29.47 ? 2005 HOH A O   1 
HETATM 1088 O O   . HOH E 5 .   ? -3.727  -6.555  11.271  1.00 32.66 ? 2006 HOH A O   1 
HETATM 1089 O O   . HOH E 5 .   ? -22.029 -12.517 -2.614  1.00 36.85 ? 2007 HOH A O   1 
HETATM 1090 O O   . HOH E 5 .   ? -15.664 -15.951 -1.833  1.00 30.84 ? 2008 HOH A O   1 
HETATM 1091 O O   . HOH E 5 .   ? -12.696 -9.205  -2.819  1.00 17.35 ? 2009 HOH A O   1 
HETATM 1092 O O   . HOH E 5 .   ? -16.188 -9.598  -4.309  1.00 23.77 ? 2010 HOH A O   1 
HETATM 1093 O O   . HOH E 5 .   ? -9.993  -10.443 -2.253  1.00 21.53 ? 2011 HOH A O   1 
HETATM 1094 O O   . HOH E 5 .   ? -5.728  -9.658  -1.895  1.00 12.75 ? 2012 HOH A O   1 
HETATM 1095 O O   . HOH E 5 .   ? -0.372  -13.506 -4.327  1.00 30.69 ? 2013 HOH A O   1 
HETATM 1096 O O   . HOH E 5 .   ? 0.330   -12.711 0.349   1.00 14.58 ? 2014 HOH A O   1 
HETATM 1097 O O   . HOH E 5 .   ? 3.037   -10.709 -5.941  1.00 20.58 ? 2015 HOH A O   1 
HETATM 1098 O O   . HOH E 5 .   ? 4.891   -9.322  -7.078  1.00 29.47 ? 2016 HOH A O   1 
HETATM 1099 O O   . HOH E 5 .   ? 11.118  -3.685  -4.827  1.00 24.86 ? 2017 HOH A O   1 
HETATM 1100 O O   . HOH E 5 .   ? 17.267  -5.918  -1.637  1.00 23.42 ? 2018 HOH A O   1 
HETATM 1101 O O   . HOH E 5 .   ? 14.988  -1.306  3.027   1.00 13.54 ? 2019 HOH A O   1 
HETATM 1102 O O   . HOH E 5 .   ? 17.504  -0.291  3.580   1.00 20.98 ? 2020 HOH A O   1 
HETATM 1103 O O   . HOH E 5 .   ? 18.894  -6.864  5.051   1.00 30.99 ? 2021 HOH A O   1 
HETATM 1104 O O   . HOH E 5 .   ? 4.895   -7.285  3.430   1.00 10.21 ? 2022 HOH A O   1 
HETATM 1105 O O   . HOH E 5 .   ? -1.553  -6.604  2.661   1.00 10.85 ? 2023 HOH A O   1 
HETATM 1106 O O   . HOH E 5 .   ? -8.040  -5.028  2.061   1.00 18.19 ? 2024 HOH A O   1 
HETATM 1107 O O   . HOH E 5 .   ? -16.505 -3.933  -4.642  1.00 12.62 ? 2025 HOH A O   1 
HETATM 1108 O O   . HOH E 5 .   ? -14.187 -0.625  -7.053  1.00 20.83 ? 2026 HOH A O   1 
HETATM 1109 O O   . HOH E 5 .   ? -17.453 -0.722  -10.002 1.00 27.32 ? 2027 HOH A O   1 
HETATM 1110 O O   . HOH E 5 .   ? -22.147 -8.736  0.665   1.00 30.36 ? 2028 HOH A O   1 
HETATM 1111 O O   . HOH E 5 .   ? -20.505 -3.241  3.873   1.00 18.97 ? 2029 HOH A O   1 
HETATM 1112 O O   . HOH E 5 .   ? -21.743 0.724   -7.079  1.00 26.47 ? 2030 HOH A O   1 
HETATM 1113 O O   . HOH E 5 .   ? -12.830 1.481   -5.814  1.00 22.22 ? 2031 HOH A O   1 
HETATM 1114 O O   . HOH E 5 .   ? -1.858  -7.896  6.912   1.00 14.90 ? 2032 HOH A O   1 
HETATM 1115 O O   . HOH E 5 .   ? 7.749   -8.497  9.616   1.00 13.64 ? 2033 HOH A O   1 
HETATM 1116 O O   . HOH E 5 .   ? 17.528  -11.472 8.981   1.00 28.30 ? 2034 HOH A O   1 
HETATM 1117 O O   . HOH E 5 .   ? 19.809  -8.084  7.558   1.00 19.05 ? 2035 HOH A O   1 
HETATM 1118 O O   . HOH E 5 .   ? 17.903  -0.562  11.431  1.00 10.14 ? 2036 HOH A O   1 
HETATM 1119 O O   . HOH E 5 .   ? 13.567  -5.449  17.009  1.00 15.31 ? 2037 HOH A O   1 
HETATM 1120 O O   . HOH E 5 .   ? 11.573  -2.106  17.219  1.00 18.63 ? 2038 HOH A O   1 
HETATM 1121 O O   . HOH E 5 .   ? 15.069  6.339   13.253  1.00 29.31 ? 2039 HOH A O   1 
HETATM 1122 O O   . HOH E 5 .   ? 9.180   4.447   14.241  1.00 18.24 ? 2040 HOH A O   1 
HETATM 1123 O O   . HOH E 5 .   ? 9.082   8.901   6.987   1.00 17.72 ? 2041 HOH A O   1 
HETATM 1124 O O   . HOH E 5 .   ? 7.444   8.560   13.259  1.00 38.07 ? 2042 HOH A O   1 
HETATM 1125 O O   . HOH E 5 .   ? 15.221  7.985   15.130  1.00 27.30 ? 2043 HOH A O   1 
HETATM 1126 O O   . HOH E 5 .   ? 3.249   3.786   8.913   1.00 15.55 ? 2044 HOH A O   1 
HETATM 1127 O O   . HOH E 5 .   ? 6.293   8.633   2.533   1.00 15.56 ? 2045 HOH A O   1 
HETATM 1128 O O   . HOH E 5 .   ? 1.896   5.065   6.699   1.00 12.02 ? 2046 HOH A O   1 
HETATM 1129 O O   . HOH E 5 .   ? 0.036   7.726   5.305   1.00 20.66 ? 2047 HOH A O   1 
HETATM 1130 O O   . HOH E 5 .   ? -4.680  10.865  -4.999  1.00 31.13 ? 2048 HOH A O   1 
HETATM 1131 O O   . HOH E 5 .   ? -8.350  11.618  -6.489  1.00 29.13 ? 2049 HOH A O   1 
HETATM 1132 O O   . HOH E 5 .   ? -14.549 6.419   -10.733 1.00 21.43 ? 2050 HOH A O   1 
HETATM 1133 O O   . HOH E 5 .   ? -14.287 9.072   -13.078 1.00 35.47 ? 2051 HOH A O   1 
HETATM 1134 O O   . HOH E 5 .   ? -10.978 11.391  -0.015  1.00 31.61 ? 2052 HOH A O   1 
HETATM 1135 O O   . HOH E 5 .   ? -8.630  11.277  -3.749  1.00 27.98 ? 2053 HOH A O   1 
HETATM 1136 O O   . HOH E 5 .   ? -5.267  1.317   8.798   1.00 13.59 ? 2054 HOH A O   1 
HETATM 1137 O O   . HOH E 5 .   ? -7.559  6.678   10.810  1.00 26.18 ? 2055 HOH A O   1 
HETATM 1138 O O   . HOH E 5 .   ? -0.995  5.881   13.376  1.00 34.36 ? 2056 HOH A O   1 
HETATM 1139 O O   . HOH E 5 .   ? 2.011   -1.955  13.699  1.00 23.45 ? 2057 HOH A O   1 
HETATM 1140 O O   . HOH E 5 .   ? 4.444   -0.379  14.222  1.00 24.40 ? 2058 HOH A O   1 
HETATM 1141 O O   . HOH E 5 .   ? 1.323   6.447   13.353  1.00 36.15 ? 2059 HOH A O   1 
HETATM 1142 O O   . HOH E 5 .   ? 2.152   8.052   10.631  1.00 27.95 ? 2060 HOH A O   1 
HETATM 1143 O O   . HOH E 5 .   ? 5.093   -3.211  14.125  1.00 25.91 ? 2061 HOH A O   1 
HETATM 1144 O O   . HOH E 5 .   ? 9.080   2.474   17.863  1.00 26.17 ? 2062 HOH A O   1 
HETATM 1145 O O   . HOH E 5 .   ? 12.330  -7.921  16.331  1.00 22.85 ? 2063 HOH A O   1 
HETATM 1146 O O   . HOH E 5 .   ? 7.442   -7.591  17.073  1.00 23.07 ? 2064 HOH A O   1 
HETATM 1147 O O   . HOH E 5 .   ? 0.026   -4.969  12.927  1.00 27.88 ? 2065 HOH A O   1 
HETATM 1148 O O   . HOH E 5 .   ? -4.442  -1.250  9.474   1.00 25.93 ? 2066 HOH A O   1 
HETATM 1149 O O   . HOH E 5 .   ? -2.144  -4.526  12.103  1.00 32.79 ? 2067 HOH A O   1 
HETATM 1150 O O   . HOH E 5 .   ? -15.865 0.042   4.301   1.00 21.58 ? 2068 HOH A O   1 
HETATM 1151 O O   . HOH E 5 .   ? -17.482 6.096   1.516   1.00 26.31 ? 2069 HOH A O   1 
HETATM 1152 O O   . HOH E 5 .   ? -14.864 0.006   -9.620  1.00 19.10 ? 2070 HOH A O   1 
HETATM 1153 O O   . HOH E 5 .   ? -10.941 0.579   -8.209  1.00 15.08 ? 2071 HOH A O   1 
HETATM 1154 O O   . HOH E 5 .   ? -19.312 0.738   -10.189 1.00 30.58 ? 2072 HOH A O   1 
HETATM 1155 O O   . HOH E 5 .   ? -0.666  1.721   -11.251 1.00 18.66 ? 2073 HOH A O   1 
HETATM 1156 O O   . HOH E 5 .   ? 12.526  8.734   7.186   1.00 23.75 ? 2074 HOH A O   1 
HETATM 1157 O O   . HOH E 5 .   ? 15.965  9.903   7.920   1.00 27.29 ? 2075 HOH A O   1 
HETATM 1158 O O   . HOH E 5 .   ? 24.530  1.407   7.977   1.00 19.82 ? 2076 HOH A O   1 
HETATM 1159 O O   . HOH E 5 .   ? 13.393  9.026   4.681   1.00 19.51 ? 2077 HOH A O   1 
HETATM 1160 O O   . HOH E 5 .   ? 13.691  1.303   -6.485  1.00 17.58 ? 2078 HOH A O   1 
HETATM 1161 O O   . HOH E 5 .   ? 15.983  2.008   -5.339  1.00 12.25 ? 2079 HOH A O   1 
HETATM 1162 O O   . HOH E 5 .   ? -1.025  -1.793  -12.926 1.00 33.74 ? 2080 HOH A O   1 
HETATM 1163 O O   . HOH E 5 .   ? -5.049  -3.287  -13.789 1.00 30.03 ? 2081 HOH A O   1 
HETATM 1164 O O   . HOH E 5 .   ? -5.756  -9.135  -13.457 1.00 30.97 ? 2082 HOH A O   1 
HETATM 1165 O O   . HOH E 5 .   ? -14.196 -8.011  -8.697  1.00 36.02 ? 2083 HOH A O   1 
HETATM 1166 O O   . HOH E 5 .   ? -12.755 -8.231  -13.212 1.00 35.97 ? 2084 HOH A O   1 
# 
